data_2QRV
#
_entry.id   2QRV
#
_cell.length_a   401.881
_cell.length_b   401.881
_cell.length_c   49.689
_cell.angle_alpha   90.00
_cell.angle_beta   90.00
_cell.angle_gamma   120.00
#
_symmetry.space_group_name_H-M   'H 3'
#
loop_
_entity.id
_entity.type
_entity.pdbx_description
1 polymer 'DNA (cytosine-5)-methyltransferase 3A'
2 polymer 'DNA (cytosine-5)-methyltransferase 3-like'
3 non-polymer S-ADENOSYL-L-HOMOCYSTEINE
#
loop_
_entity_poly.entity_id
_entity_poly.type
_entity_poly.pdbx_seq_one_letter_code
_entity_poly.pdbx_strand_id
1 'polypeptide(L)'
;MGHHHHHHMPAEKRKPIRVLSLFDGIATGLLVLKDLGIQVDRYIASEVCEDSITVGMVRHQGKIMYVGDVRSVTQKHIQE
WGPFDLVIGGSPCNDLSIVNPARKGLYEGTGRLFFEFYRLLHDARPKEGDDRPFFWLFENVVAMGVSDKRDISRFLESNP
VMIDAKEVSAAHRARYFWGNLPGMNRPLASTVNDKLELQECLEHGRIAKFSKVRTITTRSNSIKQGKDQHFPVFMNEKED
ILWCTEMERVFGFPVHYTDVSNMSRLARQRLLGRSWSVPVIRHLFAPLKEYFACV
;
A,D,E,H
2 'polypeptide(L)'
;GSMWRSQLKAFYDRESENPLEMFETVPVWRRQPVRVLSLFEDIKKELTSLGFLESGSDPGQLKHVVDVTDTVRKDVEEWG
PFDLVYGATPPLGHTCDRPPSWYLFQFHRLLQYARPKPGSPRPFFWMFVDNLVLNKEDLDVASRFLEMEPVTIPDVHGGS
LQNAVRVWSNIPAIRSRHWALVSEEELSLLAQNKQSSKLAAKWPTKLVKNCFLPLREYFKYFSTELTSSL
;
B,C,F,G
#
# COMPACT_ATOMS: atom_id res chain seq x y z
N PRO A 10 23.81 87.51 0.83
CA PRO A 10 23.09 86.60 -0.09
C PRO A 10 24.04 85.69 -0.89
N ALA A 11 23.60 84.46 -1.18
CA ALA A 11 24.39 83.49 -1.94
C ALA A 11 23.75 82.08 -2.00
N GLU A 12 23.43 81.62 -3.20
CA GLU A 12 22.83 80.30 -3.38
C GLU A 12 23.88 79.22 -3.63
N LYS A 13 24.63 78.83 -2.59
CA LYS A 13 25.69 77.81 -2.73
C LYS A 13 25.29 76.42 -3.20
N ARG A 14 26.19 75.71 -3.88
CA ARG A 14 25.86 74.35 -4.27
C ARG A 14 25.92 73.57 -2.97
N LYS A 15 24.93 72.70 -2.73
CA LYS A 15 24.90 71.93 -1.50
C LYS A 15 25.12 70.42 -1.77
N PRO A 16 25.27 69.60 -0.71
CA PRO A 16 25.48 68.19 -0.98
C PRO A 16 24.21 67.54 -1.51
N ILE A 17 24.40 66.38 -2.14
CA ILE A 17 23.30 65.62 -2.72
C ILE A 17 22.60 64.71 -1.69
N ARG A 18 21.28 64.67 -1.73
CA ARG A 18 20.54 63.80 -0.83
C ARG A 18 19.93 62.83 -1.79
N VAL A 19 20.24 61.55 -1.62
CA VAL A 19 19.75 60.52 -2.51
C VAL A 19 18.83 59.46 -1.89
N LEU A 20 18.01 58.86 -2.72
CA LEU A 20 17.12 57.80 -2.30
C LEU A 20 17.30 56.66 -3.28
N SER A 21 17.94 55.59 -2.83
CA SER A 21 18.14 54.44 -3.70
C SER A 21 17.22 53.29 -3.30
N LEU A 22 16.44 52.83 -4.27
CA LEU A 22 15.51 51.74 -4.04
C LEU A 22 16.05 50.52 -4.76
N PHE A 23 16.09 49.39 -4.05
CA PHE A 23 16.64 48.17 -4.61
C PHE A 23 18.13 48.49 -4.77
N ASP A 24 18.65 49.14 -3.74
CA ASP A 24 20.04 49.57 -3.67
C ASP A 24 21.11 48.55 -4.01
N GLY A 25 20.83 47.29 -3.73
CA GLY A 25 21.82 46.24 -4.00
C GLY A 25 23.09 46.43 -3.18
N ILE A 26 24.24 46.49 -3.87
CA ILE A 26 25.52 46.65 -3.20
C ILE A 26 26.03 48.07 -3.26
N ALA A 27 25.10 49.01 -3.21
CA ALA A 27 25.38 50.45 -3.17
C ALA A 27 26.32 50.97 -4.23
N THR A 28 26.06 50.55 -5.46
CA THR A 28 26.86 51.00 -6.58
C THR A 28 26.57 52.50 -6.66
N GLY A 29 25.33 52.87 -6.40
CA GLY A 29 24.96 54.27 -6.46
C GLY A 29 25.89 55.12 -5.64
N LEU A 30 25.98 54.86 -4.35
CA LEU A 30 26.86 55.62 -3.48
C LEU A 30 28.34 55.51 -3.88
N LEU A 31 28.76 54.27 -4.22
CA LEU A 31 30.14 53.96 -4.65
C LEU A 31 30.56 54.95 -5.74
N VAL A 32 29.75 54.99 -6.79
CA VAL A 32 29.98 55.88 -7.92
C VAL A 32 29.81 57.34 -7.48
N LEU A 33 28.81 57.65 -6.67
CA LEU A 33 28.66 59.04 -6.24
C LEU A 33 29.92 59.52 -5.58
N LYS A 34 30.51 58.67 -4.74
CA LYS A 34 31.75 59.08 -4.08
C LYS A 34 32.89 59.17 -5.07
N ASP A 35 32.91 58.23 -6.03
CA ASP A 35 33.94 58.19 -7.09
C ASP A 35 34.08 59.54 -7.78
N LEU A 36 32.95 60.11 -8.19
CA LEU A 36 32.89 61.38 -8.89
C LEU A 36 33.22 62.56 -7.99
N GLY A 37 33.39 62.27 -6.70
CA GLY A 37 33.72 63.33 -5.75
C GLY A 37 32.56 64.27 -5.45
N ILE A 38 31.36 63.71 -5.30
CA ILE A 38 30.20 64.52 -4.99
C ILE A 38 29.86 64.33 -3.51
N GLN A 39 29.71 65.43 -2.77
CA GLN A 39 29.36 65.32 -1.35
C GLN A 39 27.94 64.74 -1.17
N VAL A 40 27.79 63.77 -0.29
CA VAL A 40 26.49 63.18 -0.06
C VAL A 40 25.92 63.47 1.31
N ASP A 41 24.88 64.27 1.34
CA ASP A 41 24.21 64.64 2.58
C ASP A 41 23.62 63.39 3.20
N ARG A 42 22.84 62.64 2.41
CA ARG A 42 22.22 61.42 2.90
C ARG A 42 21.98 60.41 1.78
N TYR A 43 22.17 59.13 2.09
CA TYR A 43 21.97 58.10 1.12
C TYR A 43 21.06 57.07 1.79
N ILE A 44 19.77 57.14 1.45
CA ILE A 44 18.76 56.25 2.04
C ILE A 44 18.45 55.13 1.08
N ALA A 45 18.72 53.90 1.50
CA ALA A 45 18.51 52.75 0.65
C ALA A 45 17.45 51.75 1.10
N SER A 46 16.66 51.29 0.14
CA SER A 46 15.64 50.29 0.42
C SER A 46 16.17 48.95 -0.11
N GLU A 47 16.68 48.14 0.80
CA GLU A 47 17.21 46.84 0.42
C GLU A 47 16.68 45.77 1.36
N VAL A 48 16.38 44.61 0.81
CA VAL A 48 15.85 43.57 1.65
C VAL A 48 16.80 42.37 1.74
N CYS A 49 17.79 42.30 0.86
CA CYS A 49 18.73 41.18 0.91
C CYS A 49 19.86 41.44 1.90
N GLU A 50 19.88 40.66 2.97
CA GLU A 50 20.89 40.82 4.03
C GLU A 50 22.32 40.83 3.54
N ASP A 51 22.60 40.02 2.52
CA ASP A 51 23.95 39.93 1.96
C ASP A 51 24.43 41.25 1.36
N SER A 52 23.60 41.78 0.47
CA SER A 52 23.93 43.05 -0.16
C SER A 52 23.89 44.13 0.93
N ILE A 53 22.87 44.08 1.78
CA ILE A 53 22.75 45.06 2.86
C ILE A 53 24.05 45.15 3.63
N THR A 54 24.63 44.00 3.94
CA THR A 54 25.88 43.98 4.70
C THR A 54 27.00 44.67 3.95
N VAL A 55 27.14 44.32 2.67
CA VAL A 55 28.16 44.87 1.82
C VAL A 55 28.15 46.37 1.94
N GLY A 56 27.00 46.95 1.66
CA GLY A 56 26.89 48.40 1.74
C GLY A 56 27.28 48.91 3.11
N MET A 57 26.73 48.29 4.13
CA MET A 57 27.01 48.64 5.52
C MET A 57 28.53 48.73 5.79
N VAL A 58 29.26 47.68 5.44
CA VAL A 58 30.69 47.65 5.68
C VAL A 58 31.51 48.54 4.73
N ARG A 59 31.25 48.47 3.43
CA ARG A 59 31.99 49.28 2.47
C ARG A 59 31.83 50.79 2.61
N HIS A 60 30.70 51.26 3.08
CA HIS A 60 30.55 52.70 3.22
C HIS A 60 30.43 53.12 4.68
N GLN A 61 30.93 52.24 5.55
CA GLN A 61 30.95 52.47 6.99
C GLN A 61 29.73 53.08 7.66
N GLY A 62 28.54 52.54 7.36
CA GLY A 62 27.35 53.04 8.00
C GLY A 62 26.62 54.18 7.31
N LYS A 63 27.35 55.10 6.71
CA LYS A 63 26.76 56.23 6.00
C LYS A 63 25.35 55.95 5.40
N ILE A 64 25.15 54.74 4.87
CA ILE A 64 23.86 54.43 4.27
C ILE A 64 22.79 54.18 5.32
N MET A 65 21.73 54.98 5.27
CA MET A 65 20.63 54.78 6.20
C MET A 65 19.76 53.70 5.56
N TYR A 66 19.83 52.49 6.10
CA TYR A 66 19.05 51.39 5.54
C TYR A 66 17.60 51.32 5.99
N VAL A 67 16.69 51.68 5.11
CA VAL A 67 15.27 51.58 5.38
C VAL A 67 15.00 50.09 5.09
N GLY A 68 13.76 49.65 5.09
CA GLY A 68 13.54 48.24 4.81
C GLY A 68 13.04 47.96 3.42
N ASP A 69 12.05 47.06 3.35
CA ASP A 69 11.44 46.67 2.08
C ASP A 69 10.81 47.91 1.40
N VAL A 70 10.92 48.02 0.07
CA VAL A 70 10.32 49.19 -0.59
C VAL A 70 8.93 49.46 -0.13
N ARG A 71 8.03 48.51 -0.36
CA ARG A 71 6.64 48.74 0.04
C ARG A 71 6.33 48.81 1.55
N SER A 72 7.17 49.53 2.27
CA SER A 72 7.02 49.76 3.71
C SER A 72 7.41 51.22 3.88
N VAL A 73 7.69 51.84 2.74
CA VAL A 73 8.07 53.24 2.65
C VAL A 73 6.79 53.94 2.21
N THR A 74 6.45 55.03 2.88
CA THR A 74 5.23 55.76 2.56
C THR A 74 5.51 57.23 2.28
N GLN A 75 4.53 57.88 1.67
CA GLN A 75 4.62 59.30 1.37
C GLN A 75 5.02 59.99 2.67
N LYS A 76 4.40 59.58 3.78
CA LYS A 76 4.76 60.18 5.07
C LYS A 76 6.28 60.05 5.28
N HIS A 77 6.82 58.87 4.98
CA HIS A 77 8.24 58.63 5.13
C HIS A 77 9.09 59.53 4.22
N ILE A 78 8.66 59.65 2.97
CA ILE A 78 9.41 60.43 2.01
C ILE A 78 9.66 61.86 2.47
N GLN A 79 8.61 62.66 2.61
CA GLN A 79 8.86 64.04 3.00
C GLN A 79 9.45 64.10 4.41
N GLU A 80 9.22 63.06 5.20
CA GLU A 80 9.80 63.09 6.52
C GLU A 80 11.28 62.77 6.42
N TRP A 81 11.64 61.92 5.45
CA TRP A 81 13.05 61.56 5.26
C TRP A 81 13.81 62.68 4.58
N GLY A 82 13.30 63.90 4.77
CA GLY A 82 13.92 65.07 4.17
C GLY A 82 13.64 65.03 2.69
N PRO A 83 13.76 66.18 2.00
CA PRO A 83 13.52 66.23 0.55
C PRO A 83 14.67 65.58 -0.21
N PHE A 84 14.38 64.93 -1.33
CA PHE A 84 15.44 64.24 -2.10
C PHE A 84 15.85 64.91 -3.41
N ASP A 85 17.14 64.87 -3.72
CA ASP A 85 17.64 65.45 -4.96
C ASP A 85 17.74 64.42 -6.06
N LEU A 86 18.16 63.22 -5.68
CA LEU A 86 18.33 62.12 -6.62
C LEU A 86 17.58 60.87 -6.18
N VAL A 87 16.87 60.26 -7.12
CA VAL A 87 16.14 59.04 -6.82
C VAL A 87 16.61 58.08 -7.89
N ILE A 88 17.19 56.96 -7.48
CA ILE A 88 17.70 55.99 -8.44
C ILE A 88 17.17 54.65 -8.02
N GLY A 89 17.14 53.72 -8.96
CA GLY A 89 16.67 52.39 -8.66
C GLY A 89 16.66 51.42 -9.83
N GLY A 90 16.72 50.13 -9.50
CA GLY A 90 16.67 49.09 -10.50
C GLY A 90 15.87 47.90 -9.97
N SER A 91 14.54 47.92 -10.15
CA SER A 91 13.66 46.85 -9.66
C SER A 91 14.11 45.51 -10.26
N PRO A 92 13.89 44.39 -9.55
CA PRO A 92 14.27 43.05 -10.02
C PRO A 92 13.80 42.71 -11.43
N CYS A 93 14.71 42.21 -12.24
CA CYS A 93 14.47 41.89 -13.64
C CYS A 93 13.72 40.58 -13.91
N ASN A 94 13.99 39.60 -13.06
CA ASN A 94 13.39 38.28 -13.16
C ASN A 94 12.11 38.15 -13.95
N ASP A 95 10.98 38.52 -13.37
CA ASP A 95 9.71 38.40 -14.07
C ASP A 95 9.51 39.28 -15.31
N LEU A 96 10.58 39.85 -15.82
CA LEU A 96 10.42 40.71 -16.99
C LEU A 96 11.27 40.14 -18.11
N SER A 97 12.24 39.31 -17.72
CA SER A 97 13.16 38.67 -18.66
C SER A 97 12.52 37.74 -19.65
N ILE A 98 12.66 38.07 -20.93
CA ILE A 98 12.13 37.24 -22.00
C ILE A 98 12.67 35.82 -21.92
N VAL A 99 13.86 35.67 -21.35
CA VAL A 99 14.45 34.35 -21.24
C VAL A 99 13.76 33.45 -20.22
N ASN A 100 13.39 34.01 -19.05
CA ASN A 100 12.71 33.22 -18.00
C ASN A 100 11.28 32.93 -18.39
N PRO A 101 11.01 31.70 -18.85
CA PRO A 101 9.67 31.28 -19.27
C PRO A 101 8.64 31.45 -18.17
N ALA A 102 9.05 31.14 -16.95
CA ALA A 102 8.15 31.23 -15.81
C ALA A 102 7.78 32.66 -15.46
N ARG A 103 8.41 33.62 -16.13
CA ARG A 103 8.17 35.04 -15.86
C ARG A 103 6.68 35.39 -15.74
N LYS A 104 6.36 36.18 -14.72
CA LYS A 104 4.99 36.58 -14.45
C LYS A 104 4.74 38.01 -14.89
N GLY A 105 5.59 38.52 -15.76
CA GLY A 105 5.41 39.88 -16.26
C GLY A 105 5.45 41.02 -15.25
N LEU A 106 5.23 42.22 -15.77
CA LEU A 106 5.26 43.45 -14.97
C LEU A 106 4.21 43.59 -13.87
N TYR A 107 3.10 42.87 -14.01
CA TYR A 107 2.00 42.96 -13.04
C TYR A 107 1.95 41.94 -11.89
N GLU A 108 2.66 40.83 -12.04
CA GLU A 108 2.70 39.81 -11.00
C GLU A 108 4.12 39.62 -10.48
N GLY A 109 4.34 38.55 -9.72
CA GLY A 109 5.65 38.24 -9.17
C GLY A 109 6.41 39.45 -8.64
N THR A 110 7.72 39.52 -8.91
CA THR A 110 8.52 40.66 -8.49
C THR A 110 8.31 41.80 -9.48
N GLY A 111 7.79 41.45 -10.66
CA GLY A 111 7.49 42.43 -11.70
C GLY A 111 6.80 43.63 -11.10
N ARG A 112 5.83 43.40 -10.23
CA ARG A 112 5.11 44.47 -9.54
C ARG A 112 6.00 45.50 -8.89
N LEU A 113 7.05 45.03 -8.22
CA LEU A 113 7.99 45.89 -7.52
C LEU A 113 8.29 47.21 -8.26
N PHE A 114 8.21 47.18 -9.59
CA PHE A 114 8.42 48.37 -10.39
C PHE A 114 7.55 49.57 -9.94
N PHE A 115 6.23 49.37 -9.90
CA PHE A 115 5.31 50.43 -9.50
C PHE A 115 5.68 51.00 -8.12
N GLU A 116 6.32 50.18 -7.29
CA GLU A 116 6.75 50.63 -5.98
C GLU A 116 7.71 51.82 -6.22
N PHE A 117 8.59 51.62 -7.20
CA PHE A 117 9.55 52.65 -7.56
C PHE A 117 8.76 53.82 -8.08
N TYR A 118 7.81 53.56 -8.99
CA TYR A 118 6.99 54.62 -9.56
C TYR A 118 6.27 55.42 -8.47
N ARG A 119 5.50 54.71 -7.65
CA ARG A 119 4.77 55.32 -6.55
C ARG A 119 5.69 56.25 -5.75
N LEU A 120 6.82 55.74 -5.30
CA LEU A 120 7.78 56.54 -4.54
C LEU A 120 8.40 57.71 -5.37
N LEU A 121 8.58 57.51 -6.67
CA LEU A 121 9.16 58.55 -7.49
C LEU A 121 8.20 59.71 -7.41
N HIS A 122 6.92 59.39 -7.58
CA HIS A 122 5.90 60.41 -7.54
C HIS A 122 5.82 61.11 -6.20
N ASP A 123 5.98 60.35 -5.12
CA ASP A 123 5.91 60.95 -3.80
C ASP A 123 7.12 61.81 -3.49
N ALA A 124 8.15 61.74 -4.32
CA ALA A 124 9.36 62.53 -4.06
C ALA A 124 9.62 63.70 -5.00
N ARG A 125 9.17 63.56 -6.26
CA ARG A 125 9.37 64.62 -7.25
C ARG A 125 8.71 65.91 -6.78
N PRO A 126 9.38 67.06 -6.98
CA PRO A 126 8.86 68.37 -6.57
C PRO A 126 7.49 68.62 -7.18
N LYS A 127 6.59 69.16 -6.37
CA LYS A 127 5.24 69.44 -6.82
C LYS A 127 5.23 70.66 -7.72
N GLU A 128 4.25 70.72 -8.62
CA GLU A 128 4.13 71.85 -9.55
C GLU A 128 4.28 73.16 -8.79
N GLY A 129 5.25 73.96 -9.20
CA GLY A 129 5.49 75.23 -8.54
C GLY A 129 6.90 75.27 -8.02
N ASP A 130 7.35 74.18 -7.40
CA ASP A 130 8.71 74.12 -6.87
C ASP A 130 9.65 73.82 -8.02
N ASP A 131 10.58 74.72 -8.29
CA ASP A 131 11.52 74.52 -9.38
C ASP A 131 12.80 73.84 -8.96
N ARG A 132 12.87 73.43 -7.70
CA ARG A 132 14.05 72.74 -7.16
C ARG A 132 14.56 71.64 -8.08
N PRO A 133 15.89 71.56 -8.25
CA PRO A 133 16.53 70.54 -9.10
C PRO A 133 16.20 69.16 -8.58
N PHE A 134 15.74 68.29 -9.46
CA PHE A 134 15.39 66.94 -9.06
C PHE A 134 15.76 65.91 -10.14
N PHE A 135 16.62 64.96 -9.81
CA PHE A 135 17.02 63.96 -10.82
C PHE A 135 16.62 62.58 -10.41
N TRP A 136 16.27 61.75 -11.38
CA TRP A 136 15.89 60.38 -11.09
C TRP A 136 16.37 59.42 -12.18
N LEU A 137 16.53 58.17 -11.83
CA LEU A 137 16.98 57.16 -12.78
C LEU A 137 16.44 55.77 -12.44
N PHE A 138 16.05 55.02 -13.46
CA PHE A 138 15.51 53.69 -13.27
C PHE A 138 16.02 52.76 -14.38
N GLU A 139 16.58 51.62 -14.00
CA GLU A 139 17.15 50.66 -14.94
C GLU A 139 16.33 49.36 -15.03
N ASN A 140 16.64 48.55 -16.03
CA ASN A 140 15.99 47.24 -16.21
C ASN A 140 16.49 46.55 -17.46
N VAL A 141 16.38 45.24 -17.50
CA VAL A 141 16.85 44.46 -18.63
C VAL A 141 16.22 44.85 -19.97
N VAL A 142 17.07 44.90 -21.01
CA VAL A 142 16.60 45.26 -22.34
C VAL A 142 15.65 44.19 -22.87
N ALA A 143 16.00 42.94 -22.58
CA ALA A 143 15.21 41.78 -23.03
C ALA A 143 13.94 41.61 -22.21
N MET A 144 12.97 42.48 -22.44
CA MET A 144 11.70 42.43 -21.73
C MET A 144 10.55 42.51 -22.75
N GLY A 145 9.34 42.16 -22.33
CA GLY A 145 8.20 42.19 -23.24
C GLY A 145 7.82 43.58 -23.70
N VAL A 146 7.55 43.71 -24.99
CA VAL A 146 7.14 44.98 -25.60
C VAL A 146 6.07 45.74 -24.81
N SER A 147 5.12 45.00 -24.27
CA SER A 147 4.02 45.60 -23.50
C SER A 147 4.55 46.25 -22.23
N ASP A 148 5.42 45.51 -21.53
CA ASP A 148 6.01 45.99 -20.29
C ASP A 148 6.83 47.25 -20.57
N LYS A 149 7.71 47.18 -21.57
CA LYS A 149 8.54 48.32 -21.92
C LYS A 149 7.60 49.50 -22.07
N ARG A 150 6.52 49.30 -22.81
CA ARG A 150 5.57 50.38 -23.02
C ARG A 150 4.99 50.87 -21.70
N ASP A 151 4.25 50.00 -21.00
CA ASP A 151 3.64 50.39 -19.73
C ASP A 151 4.62 51.13 -18.82
N ILE A 152 5.83 50.59 -18.67
CA ILE A 152 6.82 51.27 -17.83
C ILE A 152 6.99 52.69 -18.37
N SER A 153 7.25 52.79 -19.67
CA SER A 153 7.45 54.10 -20.29
C SER A 153 6.25 55.00 -19.98
N ARG A 154 5.04 54.44 -20.11
CA ARG A 154 3.80 55.21 -19.88
C ARG A 154 3.62 55.60 -18.42
N PHE A 155 4.18 54.79 -17.51
CA PHE A 155 4.07 55.11 -16.09
C PHE A 155 5.08 56.16 -15.70
N LEU A 156 6.33 55.94 -16.07
CA LEU A 156 7.37 56.91 -15.75
C LEU A 156 7.26 58.11 -16.70
N GLU A 157 6.33 58.02 -17.64
CA GLU A 157 6.11 59.10 -18.62
C GLU A 157 7.39 59.45 -19.36
N SER A 158 8.04 58.45 -19.97
CA SER A 158 9.26 58.71 -20.71
C SER A 158 9.74 57.45 -21.38
N ASN A 159 10.69 57.59 -22.30
CA ASN A 159 11.21 56.43 -23.01
C ASN A 159 12.62 56.18 -22.51
N PRO A 160 13.04 54.91 -22.47
CA PRO A 160 14.37 54.58 -22.00
C PRO A 160 15.50 54.93 -22.95
N VAL A 161 16.70 54.53 -22.57
CA VAL A 161 17.89 54.78 -23.35
C VAL A 161 18.75 53.55 -23.22
N MET A 162 18.69 52.66 -24.19
CA MET A 162 19.49 51.45 -24.14
C MET A 162 20.95 51.88 -24.11
N ILE A 163 21.77 51.12 -23.41
CA ILE A 163 23.19 51.41 -23.29
C ILE A 163 23.87 50.17 -22.76
N ASP A 164 24.84 49.68 -23.52
CA ASP A 164 25.56 48.46 -23.17
C ASP A 164 26.96 48.70 -22.62
N ALA A 165 27.21 48.14 -21.45
CA ALA A 165 28.50 48.28 -20.80
C ALA A 165 29.61 47.67 -21.63
N LYS A 166 29.25 47.08 -22.78
CA LYS A 166 30.22 46.47 -23.69
C LYS A 166 31.22 47.51 -24.16
N GLU A 167 30.69 48.72 -24.36
CA GLU A 167 31.46 49.87 -24.83
C GLU A 167 32.45 50.42 -23.82
N VAL A 168 32.34 50.03 -22.56
CA VAL A 168 33.24 50.57 -21.55
C VAL A 168 33.66 49.57 -20.46
N SER A 169 33.51 48.28 -20.74
CA SER A 169 33.89 47.23 -19.80
C SER A 169 33.93 45.88 -20.49
N ALA A 170 34.71 44.96 -19.93
CA ALA A 170 34.86 43.65 -20.53
C ALA A 170 33.62 42.74 -20.47
N ALA A 171 32.43 43.32 -20.55
CA ALA A 171 31.27 42.46 -20.51
C ALA A 171 30.12 42.98 -21.38
N HIS A 172 29.13 42.13 -21.62
CA HIS A 172 28.00 42.52 -22.45
C HIS A 172 26.77 42.72 -21.57
N ARG A 173 26.52 43.96 -21.14
CA ARG A 173 25.36 44.25 -20.31
C ARG A 173 24.47 45.32 -20.96
N ALA A 174 23.53 44.89 -21.79
CA ALA A 174 22.63 45.82 -22.45
C ALA A 174 21.43 46.03 -21.52
N ARG A 175 21.24 47.26 -21.08
CA ARG A 175 20.16 47.56 -20.17
C ARG A 175 19.44 48.82 -20.59
N TYR A 176 18.15 48.91 -20.26
CA TYR A 176 17.36 50.09 -20.59
C TYR A 176 17.47 51.11 -19.47
N PHE A 177 17.49 52.39 -19.82
CA PHE A 177 17.56 53.43 -18.82
C PHE A 177 16.54 54.56 -18.99
N TRP A 178 15.69 54.71 -18.00
CA TRP A 178 14.68 55.74 -18.00
C TRP A 178 15.23 56.78 -17.03
N GLY A 179 14.94 58.05 -17.27
CA GLY A 179 15.41 59.07 -16.35
C GLY A 179 15.49 60.47 -16.91
N ASN A 180 15.80 61.43 -16.05
CA ASN A 180 15.92 62.82 -16.46
C ASN A 180 17.33 63.37 -16.22
N LEU A 181 18.28 62.49 -15.91
CA LEU A 181 19.65 62.92 -15.68
C LEU A 181 20.10 63.56 -16.99
N PRO A 182 20.84 64.69 -16.93
CA PRO A 182 21.36 65.43 -18.08
C PRO A 182 22.38 64.66 -18.92
N GLY A 183 22.22 64.73 -20.25
CA GLY A 183 23.14 64.03 -21.13
C GLY A 183 23.17 62.51 -21.01
N MET A 184 22.01 61.88 -20.88
CA MET A 184 21.95 60.43 -20.79
C MET A 184 22.18 59.79 -22.16
N ASN A 185 21.88 60.52 -23.22
CA ASN A 185 22.02 60.00 -24.58
C ASN A 185 23.43 60.12 -25.15
N ARG A 186 24.18 61.15 -24.73
CA ARG A 186 25.53 61.35 -25.24
C ARG A 186 26.33 60.06 -25.15
N PRO A 187 27.11 59.77 -26.20
CA PRO A 187 27.95 58.58 -26.33
C PRO A 187 28.88 58.41 -25.13
N LEU A 188 29.18 57.16 -24.81
CA LEU A 188 30.06 56.88 -23.68
C LEU A 188 31.51 57.10 -24.09
N ALA A 189 32.42 56.98 -23.13
CA ALA A 189 33.84 57.16 -23.40
C ALA A 189 34.71 56.25 -22.52
N SER A 190 35.73 55.64 -23.10
CA SER A 190 36.63 54.79 -22.32
C SER A 190 37.52 55.69 -21.47
N THR A 191 38.15 55.12 -20.45
CA THR A 191 39.02 55.90 -19.59
C THR A 191 40.38 55.25 -19.58
N VAL A 192 41.40 56.03 -19.24
CA VAL A 192 42.77 55.52 -19.21
C VAL A 192 42.74 54.24 -18.37
N ASN A 193 41.83 54.25 -17.41
CA ASN A 193 41.61 53.15 -16.49
C ASN A 193 40.19 52.61 -16.71
N ASP A 194 40.07 51.51 -17.43
CA ASP A 194 38.78 50.89 -17.72
C ASP A 194 39.06 49.57 -18.44
N LYS A 195 39.23 48.50 -17.67
CA LYS A 195 39.52 47.18 -18.25
C LYS A 195 38.43 46.79 -19.26
N LEU A 196 38.72 46.90 -20.56
CA LEU A 196 37.73 46.52 -21.58
C LEU A 196 38.01 45.10 -22.10
N GLU A 197 39.23 44.64 -21.95
CA GLU A 197 39.57 43.30 -22.39
C GLU A 197 39.45 42.36 -21.21
N LEU A 198 38.68 41.27 -21.39
CA LEU A 198 38.50 40.32 -20.29
C LEU A 198 39.84 39.82 -19.77
N GLN A 199 40.86 39.86 -20.63
CA GLN A 199 42.17 39.42 -20.19
C GLN A 199 42.71 40.38 -19.11
N GLU A 200 42.42 41.67 -19.30
CA GLU A 200 42.86 42.72 -18.39
C GLU A 200 42.12 42.69 -17.05
N CYS A 201 41.33 41.65 -16.82
CA CYS A 201 40.57 41.49 -15.60
C CYS A 201 41.06 40.29 -14.79
N LEU A 202 41.48 39.24 -15.49
CA LEU A 202 41.96 38.03 -14.81
C LEU A 202 43.11 38.36 -13.90
N GLU A 203 43.36 37.46 -12.97
CA GLU A 203 44.46 37.62 -12.02
C GLU A 203 45.66 36.99 -12.69
N HIS A 204 46.85 37.28 -12.18
CA HIS A 204 48.08 36.74 -12.74
C HIS A 204 48.13 35.23 -12.93
N GLY A 205 48.63 34.82 -14.09
CA GLY A 205 48.77 33.43 -14.38
C GLY A 205 47.56 32.77 -14.99
N ARG A 206 46.64 33.54 -15.55
CA ARG A 206 45.46 32.93 -16.14
C ARG A 206 45.23 33.59 -17.49
N ILE A 207 44.75 32.84 -18.47
CA ILE A 207 44.54 33.39 -19.82
C ILE A 207 43.08 33.40 -20.25
N ALA A 208 42.66 34.49 -20.87
CA ALA A 208 41.27 34.61 -21.32
C ALA A 208 40.97 34.10 -22.73
N LYS A 209 39.82 33.46 -22.88
CA LYS A 209 39.40 32.94 -24.19
C LYS A 209 38.78 34.05 -25.04
N PHE A 210 37.73 34.65 -24.50
CA PHE A 210 37.03 35.71 -25.20
C PHE A 210 37.61 37.07 -24.88
N SER A 211 37.08 38.09 -25.54
CA SER A 211 37.53 39.45 -25.32
C SER A 211 36.55 40.06 -24.32
N LYS A 212 35.36 39.49 -24.25
CA LYS A 212 34.37 39.99 -23.34
C LYS A 212 33.39 38.89 -22.94
N VAL A 213 33.04 38.85 -21.66
CA VAL A 213 32.10 37.86 -21.15
C VAL A 213 30.70 38.21 -21.58
N ARG A 214 29.82 37.22 -21.60
CA ARG A 214 28.44 37.49 -21.97
C ARG A 214 27.46 36.98 -20.91
N GLN A 229 31.00 29.34 -25.42
CA GLN A 229 31.03 30.48 -24.53
C GLN A 229 30.82 30.03 -23.09
N HIS A 230 31.45 28.94 -22.66
CA HIS A 230 31.21 28.47 -21.29
C HIS A 230 31.99 28.95 -20.07
N PHE A 231 33.15 28.35 -19.81
CA PHE A 231 34.00 28.62 -18.64
C PHE A 231 34.90 29.88 -18.50
N PRO A 232 34.86 30.81 -19.47
CA PRO A 232 35.50 32.08 -19.80
C PRO A 232 37.01 32.20 -19.67
N VAL A 233 37.72 31.24 -19.06
CA VAL A 233 39.18 31.33 -18.94
C VAL A 233 39.82 29.97 -18.71
N PHE A 234 41.02 29.82 -19.25
CA PHE A 234 41.81 28.61 -19.12
C PHE A 234 42.92 28.98 -18.15
N MET A 235 43.49 27.99 -17.49
CA MET A 235 44.57 28.28 -16.56
C MET A 235 45.57 27.14 -16.40
N ASN A 236 46.85 27.47 -16.56
CA ASN A 236 47.94 26.51 -16.42
C ASN A 236 47.57 25.08 -16.81
N GLU A 237 46.94 24.93 -17.98
CA GLU A 237 46.54 23.62 -18.51
C GLU A 237 45.20 23.11 -18.00
N LYS A 238 44.44 23.96 -17.31
CA LYS A 238 43.14 23.54 -16.80
C LYS A 238 42.07 24.51 -17.23
N GLU A 239 40.86 24.03 -17.45
CA GLU A 239 39.78 24.90 -17.87
C GLU A 239 39.00 25.31 -16.62
N ASP A 240 38.87 26.61 -16.41
CA ASP A 240 38.17 27.14 -15.24
C ASP A 240 37.22 28.30 -15.48
N ILE A 241 36.38 28.53 -14.47
CA ILE A 241 35.36 29.57 -14.42
C ILE A 241 35.97 30.88 -13.93
N LEU A 242 35.26 31.99 -14.15
CA LEU A 242 35.75 33.31 -13.73
C LEU A 242 35.82 33.40 -12.21
N TRP A 243 36.91 33.97 -11.69
CA TRP A 243 37.06 34.16 -10.24
C TRP A 243 36.23 35.39 -9.82
N CYS A 244 35.93 35.52 -8.53
CA CYS A 244 35.12 36.66 -8.12
C CYS A 244 35.88 37.95 -8.18
N THR A 245 37.14 37.96 -7.80
CA THR A 245 37.90 39.18 -7.88
C THR A 245 37.74 39.65 -9.31
N GLU A 246 38.03 38.77 -10.27
CA GLU A 246 37.91 39.10 -11.69
C GLU A 246 36.51 39.62 -12.07
N MET A 247 35.45 38.99 -11.55
CA MET A 247 34.12 39.45 -11.90
C MET A 247 33.84 40.85 -11.34
N GLU A 248 34.43 41.16 -10.19
CA GLU A 248 34.25 42.47 -9.61
C GLU A 248 34.91 43.33 -10.66
N ARG A 249 36.13 42.94 -11.04
CA ARG A 249 36.86 43.68 -12.03
C ARG A 249 36.17 43.78 -13.36
N VAL A 250 35.24 42.87 -13.64
CA VAL A 250 34.52 42.93 -14.92
C VAL A 250 33.36 43.94 -14.90
N PHE A 251 32.80 44.25 -13.74
CA PHE A 251 31.70 45.22 -13.68
C PHE A 251 32.24 46.57 -13.30
N GLY A 252 33.50 46.56 -12.88
CA GLY A 252 34.13 47.79 -12.46
C GLY A 252 33.91 48.08 -10.99
N PHE A 253 34.15 47.09 -10.15
CA PHE A 253 34.01 47.34 -8.73
C PHE A 253 35.45 47.26 -8.27
N PRO A 254 35.77 47.85 -7.11
CA PRO A 254 37.16 47.75 -6.64
C PRO A 254 37.43 46.28 -6.39
N VAL A 255 38.68 45.88 -6.36
CA VAL A 255 38.96 44.46 -6.12
C VAL A 255 38.72 44.12 -4.66
N HIS A 256 38.19 42.93 -4.40
CA HIS A 256 37.91 42.51 -3.03
C HIS A 256 36.79 43.36 -2.44
N TYR A 257 36.02 44.01 -3.31
CA TYR A 257 34.93 44.86 -2.87
C TYR A 257 33.82 44.11 -2.23
N THR A 258 33.58 42.89 -2.70
CA THR A 258 32.52 42.06 -2.12
C THR A 258 33.08 41.00 -1.24
N ASP A 259 34.27 41.22 -0.70
CA ASP A 259 34.85 40.28 0.25
C ASP A 259 34.42 40.68 1.66
N VAL A 260 33.14 40.47 1.98
CA VAL A 260 32.59 40.74 3.30
C VAL A 260 31.71 39.55 3.68
N SER A 261 31.43 39.37 4.96
CA SER A 261 30.63 38.24 5.45
C SER A 261 31.38 36.94 5.15
N ASN A 262 30.68 35.81 5.28
CA ASN A 262 31.26 34.50 4.97
C ASN A 262 30.32 33.89 3.97
N MET A 263 29.72 34.76 3.16
CA MET A 263 28.79 34.27 2.16
C MET A 263 29.54 33.37 1.20
N SER A 264 28.78 32.60 0.45
CA SER A 264 29.33 31.67 -0.50
C SER A 264 29.73 32.34 -1.79
N ARG A 265 30.49 31.59 -2.56
CA ARG A 265 30.93 32.01 -3.87
C ARG A 265 29.64 32.24 -4.64
N LEU A 266 28.70 31.31 -4.48
CA LEU A 266 27.43 31.41 -5.17
C LEU A 266 26.67 32.67 -4.79
N ALA A 267 26.72 33.01 -3.50
CA ALA A 267 26.03 34.20 -2.99
C ALA A 267 26.68 35.38 -3.66
N ARG A 268 27.92 35.64 -3.24
CA ARG A 268 28.75 36.69 -3.79
C ARG A 268 28.39 36.87 -5.24
N GLN A 269 28.53 35.80 -6.02
CA GLN A 269 28.22 35.85 -7.45
C GLN A 269 26.90 36.55 -7.70
N ARG A 270 25.84 36.02 -7.07
CA ARG A 270 24.51 36.57 -7.20
C ARG A 270 24.56 38.10 -6.96
N LEU A 271 25.42 38.52 -6.04
CA LEU A 271 25.56 39.94 -5.77
C LEU A 271 26.00 40.54 -7.09
N LEU A 272 27.32 40.58 -7.30
CA LEU A 272 27.91 41.12 -8.53
C LEU A 272 27.07 40.80 -9.74
N GLY A 273 26.55 39.59 -9.73
CA GLY A 273 25.76 39.11 -10.85
C GLY A 273 24.73 40.07 -11.34
N ARG A 274 23.91 40.56 -10.42
CA ARG A 274 22.81 41.45 -10.76
C ARG A 274 22.99 42.90 -10.41
N SER A 275 24.24 43.36 -10.37
CA SER A 275 24.52 44.75 -10.03
C SER A 275 24.60 45.68 -11.23
N TRP A 276 25.00 46.92 -10.97
CA TRP A 276 25.19 47.94 -11.99
C TRP A 276 26.65 48.01 -12.42
N SER A 277 26.89 48.14 -13.72
CA SER A 277 28.24 48.27 -14.24
C SER A 277 28.72 49.65 -13.79
N VAL A 278 29.64 49.67 -12.82
CA VAL A 278 30.18 50.91 -12.27
C VAL A 278 30.52 51.99 -13.32
N PRO A 279 31.17 51.60 -14.43
CA PRO A 279 31.58 52.44 -15.56
C PRO A 279 30.39 53.15 -16.20
N VAL A 280 29.25 52.46 -16.20
CA VAL A 280 28.06 53.03 -16.78
C VAL A 280 27.36 53.99 -15.82
N ILE A 281 27.45 53.72 -14.52
CA ILE A 281 26.80 54.63 -13.61
C ILE A 281 27.74 55.82 -13.47
N ARG A 282 29.04 55.61 -13.66
CA ARG A 282 29.94 56.76 -13.60
C ARG A 282 29.53 57.62 -14.76
N HIS A 283 29.49 57.01 -15.96
CA HIS A 283 29.06 57.69 -17.19
C HIS A 283 27.74 58.39 -16.94
N LEU A 284 26.75 57.65 -16.45
CA LEU A 284 25.46 58.24 -16.18
C LEU A 284 25.48 59.40 -15.19
N PHE A 285 26.05 59.17 -13.99
CA PHE A 285 26.13 60.21 -12.94
C PHE A 285 27.04 61.39 -13.24
N ALA A 286 28.14 61.11 -13.91
CA ALA A 286 29.10 62.14 -14.28
C ALA A 286 28.56 63.57 -14.35
N PRO A 287 27.57 63.85 -15.20
CA PRO A 287 27.13 65.25 -15.20
C PRO A 287 26.43 65.80 -13.96
N LEU A 288 26.56 65.14 -12.82
CA LEU A 288 25.93 65.65 -11.62
C LEU A 288 26.92 66.58 -10.95
N LYS A 289 28.20 66.26 -11.13
CA LYS A 289 29.29 67.02 -10.56
C LYS A 289 29.11 68.53 -10.65
N GLU A 290 28.44 69.00 -11.70
CA GLU A 290 28.23 70.44 -11.85
C GLU A 290 27.05 70.98 -11.06
N TYR A 291 26.25 70.09 -10.44
CA TYR A 291 25.10 70.58 -9.68
C TYR A 291 25.09 70.37 -8.20
N PHE A 292 26.17 69.89 -7.61
CA PHE A 292 26.19 69.66 -6.18
C PHE A 292 27.57 69.92 -5.65
N ALA A 293 27.62 70.17 -4.35
CA ALA A 293 28.86 70.42 -3.63
C ALA A 293 29.84 69.31 -3.97
N CYS A 294 31.13 69.59 -3.87
CA CYS A 294 32.12 68.56 -4.17
C CYS A 294 33.18 68.37 -3.09
N VAL A 295 33.56 67.12 -2.87
CA VAL A 295 34.57 66.77 -1.88
C VAL A 295 35.95 67.05 -2.50
N MET B 22 -9.72 66.85 5.21
CA MET B 22 -11.01 67.52 5.54
C MET B 22 -11.39 68.58 4.53
N PHE B 23 -12.48 68.35 3.80
CA PHE B 23 -12.94 69.32 2.81
C PHE B 23 -13.97 70.30 3.37
N GLU B 24 -13.66 71.59 3.25
CA GLU B 24 -14.52 72.65 3.73
C GLU B 24 -15.79 72.76 2.89
N THR B 25 -16.94 72.56 3.53
CA THR B 25 -18.25 72.60 2.84
C THR B 25 -18.46 73.81 1.96
N VAL B 26 -19.44 73.71 1.07
CA VAL B 26 -19.74 74.78 0.12
C VAL B 26 -21.21 75.20 0.10
N PRO B 27 -21.50 76.52 0.19
CA PRO B 27 -22.88 77.02 0.17
C PRO B 27 -23.60 76.58 -1.11
N VAL B 28 -24.92 76.49 -1.04
CA VAL B 28 -25.73 76.02 -2.17
C VAL B 28 -25.78 76.90 -3.42
N TRP B 29 -25.78 78.21 -3.24
CA TRP B 29 -25.84 79.09 -4.40
C TRP B 29 -24.52 79.21 -5.16
N ARG B 30 -23.51 78.48 -4.73
CA ARG B 30 -22.19 78.53 -5.38
C ARG B 30 -21.65 77.14 -5.70
N ARG B 31 -22.55 76.21 -5.99
CA ARG B 31 -22.16 74.84 -6.33
C ARG B 31 -22.49 74.59 -7.79
N GLN B 32 -21.48 74.38 -8.61
CA GLN B 32 -21.71 74.13 -10.03
C GLN B 32 -21.83 72.65 -10.32
N PRO B 33 -22.20 72.30 -11.57
CA PRO B 33 -22.31 70.87 -11.90
C PRO B 33 -20.95 70.20 -11.72
N VAL B 34 -20.97 68.96 -11.28
CA VAL B 34 -19.73 68.22 -11.06
C VAL B 34 -19.15 67.59 -12.34
N ARG B 35 -17.83 67.68 -12.51
CA ARG B 35 -17.14 67.08 -13.66
C ARG B 35 -16.57 65.75 -13.19
N VAL B 36 -17.07 64.66 -13.75
CA VAL B 36 -16.62 63.33 -13.36
C VAL B 36 -15.84 62.57 -14.42
N LEU B 37 -14.74 61.97 -13.99
CA LEU B 37 -13.92 61.16 -14.87
C LEU B 37 -14.03 59.73 -14.39
N SER B 38 -14.67 58.90 -15.20
CA SER B 38 -14.89 57.49 -14.88
C SER B 38 -13.96 56.58 -15.68
N LEU B 39 -13.27 55.68 -14.99
CA LEU B 39 -12.33 54.78 -15.62
C LEU B 39 -12.74 53.30 -15.46
N PHE B 40 -12.73 52.57 -16.58
CA PHE B 40 -13.06 51.14 -16.63
C PHE B 40 -14.56 50.82 -16.53
N GLU B 41 -15.36 51.80 -16.13
CA GLU B 41 -16.81 51.66 -15.98
C GLU B 41 -17.36 53.07 -15.80
N ASP B 42 -18.52 53.36 -16.37
CA ASP B 42 -19.12 54.69 -16.25
C ASP B 42 -20.27 54.72 -15.24
N ILE B 43 -20.48 55.88 -14.64
CA ILE B 43 -21.54 56.08 -13.67
C ILE B 43 -22.52 57.10 -14.24
N LYS B 44 -22.36 57.39 -15.53
CA LYS B 44 -23.21 58.36 -16.22
C LYS B 44 -24.69 58.17 -15.89
N LYS B 45 -25.08 56.93 -15.64
CA LYS B 45 -26.47 56.61 -15.33
C LYS B 45 -26.78 56.72 -13.84
N GLU B 46 -26.11 55.88 -13.03
CA GLU B 46 -26.32 55.86 -11.59
C GLU B 46 -25.98 57.17 -10.91
N LEU B 47 -25.16 57.99 -11.56
CA LEU B 47 -24.78 59.27 -11.00
C LEU B 47 -25.82 60.34 -11.33
N THR B 48 -26.61 60.08 -12.37
CA THR B 48 -27.66 60.99 -12.77
C THR B 48 -28.82 60.76 -11.82
N SER B 49 -29.03 59.48 -11.50
CA SER B 49 -30.09 59.05 -10.62
C SER B 49 -30.06 59.77 -9.26
N LEU B 50 -28.95 60.40 -8.96
CA LEU B 50 -28.81 61.13 -7.69
C LEU B 50 -28.95 62.63 -7.92
N GLY B 51 -29.12 63.00 -9.20
CA GLY B 51 -29.26 64.39 -9.56
C GLY B 51 -27.95 65.14 -9.66
N PHE B 52 -26.91 64.44 -10.10
CA PHE B 52 -25.60 65.06 -10.23
C PHE B 52 -25.32 65.41 -11.69
N LEU B 53 -26.10 64.83 -12.60
CA LEU B 53 -25.96 65.10 -14.03
C LEU B 53 -27.25 65.67 -14.63
N GLU B 54 -27.19 66.03 -15.91
CA GLU B 54 -28.34 66.58 -16.61
C GLU B 54 -28.16 66.47 -18.11
N GLY B 60 -21.05 66.01 -22.23
CA GLY B 60 -21.51 65.95 -20.85
C GLY B 60 -20.41 66.28 -19.85
N GLN B 61 -20.79 66.47 -18.58
CA GLN B 61 -19.86 66.77 -17.50
C GLN B 61 -19.02 65.56 -17.13
N LEU B 62 -19.48 64.37 -17.49
CA LEU B 62 -18.74 63.16 -17.19
C LEU B 62 -18.09 62.59 -18.44
N LYS B 63 -16.79 62.30 -18.31
CA LYS B 63 -16.00 61.74 -19.39
C LYS B 63 -15.70 60.30 -19.04
N HIS B 64 -16.00 59.39 -19.98
CA HIS B 64 -15.74 57.98 -19.75
C HIS B 64 -14.64 57.46 -20.65
N VAL B 65 -13.82 56.57 -20.10
CA VAL B 65 -12.70 55.97 -20.82
C VAL B 65 -12.61 54.50 -20.39
N VAL B 66 -12.41 53.61 -21.36
CA VAL B 66 -12.31 52.18 -21.09
C VAL B 66 -10.86 51.73 -20.91
N ASP B 67 -10.15 51.68 -22.03
CA ASP B 67 -8.73 51.28 -22.06
C ASP B 67 -7.84 52.51 -21.97
N VAL B 68 -7.10 52.63 -20.86
CA VAL B 68 -6.22 53.76 -20.62
C VAL B 68 -4.78 53.54 -21.09
N THR B 69 -4.48 52.33 -21.52
CA THR B 69 -3.16 51.98 -22.02
C THR B 69 -2.28 53.13 -22.48
N ASP B 70 -2.71 53.79 -23.54
CA ASP B 70 -1.95 54.89 -24.11
C ASP B 70 -2.35 56.28 -23.69
N THR B 71 -3.25 56.39 -22.72
CA THR B 71 -3.69 57.70 -22.25
C THR B 71 -2.55 58.42 -21.52
N VAL B 72 -2.14 59.55 -22.09
CA VAL B 72 -1.06 60.36 -21.54
C VAL B 72 -1.57 61.47 -20.63
N ARG B 73 -0.65 62.11 -19.91
CA ARG B 73 -1.00 63.17 -18.98
C ARG B 73 -1.76 64.33 -19.57
N LYS B 74 -1.31 64.81 -20.72
CA LYS B 74 -1.98 65.93 -21.37
C LYS B 74 -3.43 65.59 -21.68
N ASP B 75 -3.68 64.34 -22.03
CA ASP B 75 -5.03 63.89 -22.34
C ASP B 75 -5.94 64.20 -21.14
N VAL B 76 -5.61 63.60 -20.00
CA VAL B 76 -6.35 63.78 -18.75
C VAL B 76 -6.51 65.24 -18.34
N GLU B 77 -5.69 66.11 -18.91
CA GLU B 77 -5.79 67.53 -18.57
C GLU B 77 -6.70 68.27 -19.55
N GLU B 78 -6.51 68.06 -20.84
CA GLU B 78 -7.34 68.70 -21.84
C GLU B 78 -8.78 68.21 -21.73
N TRP B 79 -9.00 67.13 -20.98
CA TRP B 79 -10.36 66.62 -20.81
C TRP B 79 -11.07 67.44 -19.79
N GLY B 80 -10.61 68.68 -19.65
CA GLY B 80 -11.21 69.59 -18.69
C GLY B 80 -11.01 69.14 -17.27
N PRO B 81 -10.93 70.09 -16.32
CA PRO B 81 -10.74 69.76 -14.90
C PRO B 81 -11.80 68.78 -14.38
N PHE B 82 -11.44 68.02 -13.34
CA PHE B 82 -12.36 67.06 -12.76
C PHE B 82 -12.46 67.28 -11.26
N ASP B 83 -13.63 66.97 -10.70
CA ASP B 83 -13.86 67.11 -9.26
C ASP B 83 -13.99 65.71 -8.68
N LEU B 84 -14.33 64.75 -9.53
CA LEU B 84 -14.50 63.39 -9.07
C LEU B 84 -13.88 62.39 -10.03
N VAL B 85 -12.93 61.62 -9.53
CA VAL B 85 -12.26 60.61 -10.34
C VAL B 85 -12.74 59.25 -9.82
N TYR B 86 -13.40 58.51 -10.71
CA TYR B 86 -13.94 57.20 -10.40
C TYR B 86 -13.40 56.08 -11.30
N GLY B 87 -13.16 54.93 -10.68
CA GLY B 87 -12.65 53.80 -11.42
C GLY B 87 -13.00 52.55 -10.62
N ALA B 88 -13.27 51.45 -11.32
CA ALA B 88 -13.62 50.21 -10.64
C ALA B 88 -13.29 48.96 -11.45
N THR B 89 -12.96 47.88 -10.74
CA THR B 89 -12.60 46.61 -11.35
C THR B 89 -13.76 46.02 -12.16
N PRO B 90 -13.45 45.23 -13.19
CA PRO B 90 -14.49 44.60 -14.02
C PRO B 90 -15.33 43.60 -13.23
N PRO B 91 -16.61 43.47 -13.58
CA PRO B 91 -17.56 42.54 -12.92
C PRO B 91 -17.00 41.12 -12.87
N LEU B 92 -17.37 40.38 -11.84
CA LEU B 92 -16.91 38.99 -11.68
C LEU B 92 -17.32 38.08 -12.84
N GLY B 93 -16.34 37.72 -13.65
CA GLY B 93 -16.61 36.86 -14.79
C GLY B 93 -15.45 36.88 -15.76
N HIS B 94 -14.62 37.91 -15.65
CA HIS B 94 -13.46 38.11 -16.51
C HIS B 94 -13.91 38.72 -17.84
N THR B 95 -14.93 39.58 -17.75
CA THR B 95 -15.49 40.26 -18.91
C THR B 95 -14.41 40.77 -19.87
N CYS B 96 -13.21 41.02 -19.33
CA CYS B 96 -12.08 41.48 -20.12
C CYS B 96 -10.81 40.78 -19.64
N ASP B 97 -9.77 40.79 -20.47
CA ASP B 97 -8.51 40.15 -20.12
C ASP B 97 -7.44 41.18 -19.80
N ARG B 98 -7.03 41.20 -18.53
CA ARG B 98 -6.01 42.13 -18.05
C ARG B 98 -5.87 41.97 -16.54
N PRO B 99 -4.76 41.36 -16.08
CA PRO B 99 -4.51 41.13 -14.65
C PRO B 99 -5.04 42.23 -13.71
N PRO B 100 -5.80 41.83 -12.69
CA PRO B 100 -6.44 42.67 -11.66
C PRO B 100 -5.75 43.99 -11.37
N SER B 101 -4.58 43.88 -10.74
CA SER B 101 -3.76 45.02 -10.36
C SER B 101 -3.87 46.15 -11.38
N TRP B 102 -3.68 45.79 -12.64
CA TRP B 102 -3.75 46.72 -13.77
C TRP B 102 -4.71 47.89 -13.51
N TYR B 103 -5.93 47.55 -13.13
CA TYR B 103 -6.93 48.56 -12.88
C TYR B 103 -6.49 49.52 -11.79
N LEU B 104 -5.97 48.97 -10.70
CA LEU B 104 -5.51 49.76 -9.57
C LEU B 104 -4.37 50.69 -9.98
N PHE B 105 -3.28 50.09 -10.45
CA PHE B 105 -2.12 50.82 -10.90
C PHE B 105 -2.55 51.90 -11.88
N GLN B 106 -3.15 51.50 -13.01
CA GLN B 106 -3.62 52.47 -14.02
C GLN B 106 -4.49 53.57 -13.39
N PHE B 107 -5.39 53.17 -12.50
CA PHE B 107 -6.26 54.13 -11.82
C PHE B 107 -5.40 55.19 -11.13
N HIS B 108 -4.49 54.74 -10.27
CA HIS B 108 -3.58 55.62 -9.52
C HIS B 108 -2.86 56.58 -10.46
N ARG B 109 -2.53 56.07 -11.66
CA ARG B 109 -1.86 56.84 -12.68
C ARG B 109 -2.68 58.08 -13.07
N LEU B 110 -3.79 57.85 -13.77
CA LEU B 110 -4.62 58.95 -14.20
C LEU B 110 -5.16 59.73 -13.03
N LEU B 111 -5.46 59.05 -11.93
CA LEU B 111 -5.97 59.77 -10.77
C LEU B 111 -5.01 60.95 -10.49
N GLN B 112 -3.70 60.67 -10.55
CA GLN B 112 -2.69 61.69 -10.31
C GLN B 112 -2.65 62.76 -11.39
N TYR B 113 -2.80 62.37 -12.65
CA TYR B 113 -2.82 63.34 -13.75
C TYR B 113 -4.02 64.30 -13.57
N ALA B 114 -5.07 63.79 -12.91
CA ALA B 114 -6.31 64.55 -12.70
C ALA B 114 -6.34 65.49 -11.50
N ARG B 115 -5.39 65.34 -10.59
CA ARG B 115 -5.37 66.20 -9.42
C ARG B 115 -5.32 67.67 -9.80
N PRO B 116 -5.66 68.55 -8.84
CA PRO B 116 -5.65 70.00 -9.06
C PRO B 116 -4.23 70.53 -8.91
N LYS B 117 -4.12 71.84 -8.67
CA LYS B 117 -2.82 72.46 -8.49
C LYS B 117 -2.56 72.54 -6.98
N PRO B 118 -1.38 73.03 -6.56
CA PRO B 118 -1.10 73.11 -5.12
C PRO B 118 -2.12 73.98 -4.39
N GLY B 119 -2.46 75.13 -4.97
CA GLY B 119 -3.45 76.01 -4.36
C GLY B 119 -4.82 75.44 -4.64
N SER B 120 -5.15 74.37 -3.92
CA SER B 120 -6.42 73.66 -4.06
C SER B 120 -7.60 74.57 -4.35
N PRO B 121 -7.98 74.69 -5.65
CA PRO B 121 -9.12 75.54 -6.03
C PRO B 121 -10.40 75.14 -5.29
N ARG B 122 -11.01 74.04 -5.73
CA ARG B 122 -12.24 73.58 -5.10
C ARG B 122 -12.12 72.17 -4.55
N PRO B 123 -13.24 71.55 -4.14
CA PRO B 123 -13.20 70.19 -3.62
C PRO B 123 -12.86 69.16 -4.70
N PHE B 124 -11.92 68.28 -4.39
CA PHE B 124 -11.52 67.22 -5.32
C PHE B 124 -11.67 65.86 -4.67
N PHE B 125 -12.43 64.98 -5.32
CA PHE B 125 -12.66 63.64 -4.80
C PHE B 125 -12.43 62.52 -5.82
N TRP B 126 -12.03 61.35 -5.31
CA TRP B 126 -11.76 60.18 -6.12
C TRP B 126 -12.30 58.94 -5.41
N MET B 127 -12.52 57.88 -6.19
CA MET B 127 -13.03 56.63 -5.62
C MET B 127 -12.70 55.43 -6.51
N PHE B 128 -12.17 54.39 -5.87
CA PHE B 128 -11.85 53.16 -6.57
C PHE B 128 -12.63 52.04 -5.93
N VAL B 129 -13.41 51.33 -6.75
CA VAL B 129 -14.21 50.23 -6.25
C VAL B 129 -13.78 48.89 -6.83
N ASP B 130 -13.73 47.87 -5.97
CA ASP B 130 -13.37 46.52 -6.39
C ASP B 130 -14.53 45.54 -6.25
N ASN B 131 -14.84 44.86 -7.34
CA ASN B 131 -15.92 43.87 -7.37
C ASN B 131 -15.44 42.47 -6.98
N LEU B 132 -14.85 42.37 -5.78
CA LEU B 132 -14.34 41.09 -5.27
C LEU B 132 -13.52 40.37 -6.33
N VAL B 133 -12.50 41.05 -6.87
CA VAL B 133 -11.68 40.46 -7.92
C VAL B 133 -10.20 40.47 -7.60
N LEU B 134 -9.82 41.23 -6.57
CA LEU B 134 -8.41 41.33 -6.19
C LEU B 134 -8.06 40.38 -5.07
N ASN B 135 -6.97 39.64 -5.24
CA ASN B 135 -6.50 38.70 -4.22
C ASN B 135 -6.28 39.45 -2.90
N LYS B 136 -5.80 38.77 -1.86
CA LYS B 136 -5.56 39.46 -0.60
C LYS B 136 -4.19 40.11 -0.71
N GLU B 137 -3.48 39.75 -1.77
CA GLU B 137 -2.17 40.31 -2.07
C GLU B 137 -2.49 41.64 -2.72
N ASP B 138 -3.16 41.57 -3.87
CA ASP B 138 -3.56 42.75 -4.62
C ASP B 138 -4.29 43.77 -3.76
N LEU B 139 -4.82 43.30 -2.64
CA LEU B 139 -5.56 44.17 -1.72
C LEU B 139 -4.60 45.02 -0.93
N ASP B 140 -3.50 44.42 -0.47
CA ASP B 140 -2.52 45.17 0.30
C ASP B 140 -1.90 46.25 -0.61
N VAL B 141 -1.68 45.89 -1.87
CA VAL B 141 -1.14 46.84 -2.83
C VAL B 141 -2.14 47.99 -2.93
N ALA B 142 -3.36 47.67 -3.35
CA ALA B 142 -4.41 48.66 -3.51
C ALA B 142 -4.52 49.60 -2.33
N SER B 143 -4.62 49.04 -1.13
CA SER B 143 -4.75 49.86 0.06
C SER B 143 -3.51 50.73 0.24
N ARG B 144 -2.36 50.10 0.27
CA ARG B 144 -1.10 50.83 0.45
C ARG B 144 -0.87 51.87 -0.65
N PHE B 145 -1.47 51.64 -1.82
CA PHE B 145 -1.32 52.56 -2.93
C PHE B 145 -2.31 53.73 -2.87
N LEU B 146 -3.51 53.49 -2.35
CA LEU B 146 -4.51 54.55 -2.23
C LEU B 146 -4.54 55.12 -0.83
N GLU B 147 -3.59 54.67 -0.01
CA GLU B 147 -3.42 55.14 1.35
C GLU B 147 -4.59 55.02 2.31
N MET B 148 -5.16 53.81 2.41
CA MET B 148 -6.28 53.54 3.32
C MET B 148 -6.89 52.16 3.09
N GLU B 149 -7.39 51.56 4.16
CA GLU B 149 -8.03 50.26 4.06
C GLU B 149 -9.34 50.45 3.32
N PRO B 150 -9.82 49.40 2.63
CA PRO B 150 -11.09 49.61 1.94
C PRO B 150 -12.25 49.60 2.93
N VAL B 151 -13.46 49.74 2.39
CA VAL B 151 -14.65 49.75 3.23
C VAL B 151 -15.60 48.83 2.47
N THR B 152 -15.75 47.62 2.98
CA THR B 152 -16.61 46.64 2.33
C THR B 152 -18.08 46.85 2.67
N ILE B 153 -18.89 46.93 1.61
CA ILE B 153 -20.33 47.09 1.76
C ILE B 153 -21.01 45.94 0.98
N PRO B 154 -21.73 45.07 1.70
CA PRO B 154 -22.46 43.91 1.17
C PRO B 154 -23.83 44.19 0.59
N ASP B 155 -24.57 43.11 0.35
CA ASP B 155 -25.92 43.19 -0.19
C ASP B 155 -26.60 41.84 0.08
N VAL B 156 -27.50 41.82 1.05
CA VAL B 156 -28.19 40.58 1.41
C VAL B 156 -29.65 40.53 0.95
N HIS B 157 -30.12 39.32 0.67
CA HIS B 157 -31.50 39.09 0.22
C HIS B 157 -31.95 37.67 0.59
N GLY B 158 -30.98 36.76 0.65
CA GLY B 158 -31.30 35.38 0.96
C GLY B 158 -31.28 34.55 -0.30
N GLY B 159 -31.67 35.18 -1.41
CA GLY B 159 -31.69 34.49 -2.69
C GLY B 159 -30.75 35.16 -3.68
N SER B 160 -29.86 36.00 -3.16
CA SER B 160 -28.88 36.71 -3.97
C SER B 160 -27.88 37.45 -3.07
N VAL B 165 -18.72 44.09 -2.29
CA VAL B 165 -17.82 44.94 -3.05
C VAL B 165 -16.99 45.85 -2.13
N ARG B 166 -15.71 46.01 -2.45
CA ARG B 166 -14.79 46.83 -1.64
C ARG B 166 -14.59 48.23 -2.22
N VAL B 167 -14.49 49.23 -1.35
CA VAL B 167 -14.31 50.59 -1.85
C VAL B 167 -13.29 51.46 -1.12
N TRP B 168 -12.56 52.23 -1.93
CA TRP B 168 -11.54 53.17 -1.48
C TRP B 168 -11.94 54.56 -1.97
N SER B 169 -11.78 55.57 -1.12
CA SER B 169 -12.15 56.92 -1.50
C SER B 169 -11.98 57.90 -0.35
N ASN B 170 -12.03 59.20 -0.67
CA ASN B 170 -11.90 60.22 0.36
C ASN B 170 -13.18 61.00 0.58
N ILE B 171 -14.30 60.48 0.06
CA ILE B 171 -15.58 61.15 0.24
C ILE B 171 -16.02 60.99 1.69
N PRO B 172 -16.22 62.11 2.40
CA PRO B 172 -16.64 62.23 3.80
C PRO B 172 -17.47 61.11 4.41
N ALA B 173 -17.20 60.86 5.69
CA ALA B 173 -17.90 59.83 6.46
C ALA B 173 -18.10 58.50 5.73
N ILE B 174 -17.10 58.11 4.93
CA ILE B 174 -17.17 56.84 4.18
C ILE B 174 -16.65 55.68 5.04
N ARG B 175 -16.01 56.03 6.16
CA ARG B 175 -15.45 55.04 7.07
C ARG B 175 -16.37 54.73 8.26
N SER B 176 -17.30 55.63 8.55
CA SER B 176 -18.25 55.43 9.66
C SER B 176 -19.43 54.60 9.16
N ARG B 177 -19.38 54.24 7.88
CA ARG B 177 -20.43 53.47 7.25
C ARG B 177 -19.92 52.05 6.98
N HIS B 178 -18.79 51.73 7.58
CA HIS B 178 -18.17 50.41 7.42
C HIS B 178 -18.86 49.38 8.32
N TRP B 179 -19.05 48.17 7.77
CA TRP B 179 -19.70 47.09 8.50
C TRP B 179 -18.70 46.00 8.83
N ALA B 180 -18.01 46.16 9.95
CA ALA B 180 -17.01 45.18 10.40
C ALA B 180 -17.70 43.88 10.80
N LEU B 181 -18.55 43.38 9.91
CA LEU B 181 -19.29 42.15 10.16
C LEU B 181 -18.91 41.05 9.16
N VAL B 182 -19.42 41.17 7.93
CA VAL B 182 -19.14 40.18 6.89
C VAL B 182 -17.70 39.66 6.93
N SER B 183 -17.54 38.33 6.86
CA SER B 183 -16.20 37.72 6.91
C SER B 183 -15.56 37.57 5.54
N GLU B 184 -14.26 37.35 5.54
CA GLU B 184 -13.49 37.18 4.31
C GLU B 184 -13.76 35.81 3.70
N GLU B 185 -13.69 34.79 4.55
CA GLU B 185 -13.91 33.41 4.15
C GLU B 185 -15.21 33.26 3.35
N GLU B 186 -16.27 33.86 3.90
CA GLU B 186 -17.58 33.83 3.26
C GLU B 186 -17.52 34.58 1.94
N LEU B 187 -16.94 35.77 1.99
CA LEU B 187 -16.81 36.64 0.83
C LEU B 187 -16.06 35.93 -0.30
N SER B 188 -15.07 35.11 0.07
CA SER B 188 -14.27 34.35 -0.89
C SER B 188 -15.17 33.29 -1.53
N LEU B 189 -16.05 32.74 -0.70
CA LEU B 189 -16.99 31.73 -1.14
C LEU B 189 -17.96 32.36 -2.13
N LEU B 190 -18.34 33.60 -1.85
CA LEU B 190 -19.27 34.33 -2.70
C LEU B 190 -18.74 34.44 -4.13
N ALA B 191 -17.46 34.80 -4.24
CA ALA B 191 -16.81 34.97 -5.55
C ALA B 191 -16.50 33.66 -6.27
N GLN B 192 -16.00 32.68 -5.52
CA GLN B 192 -15.65 31.39 -6.11
C GLN B 192 -16.85 30.70 -6.73
N ASN B 193 -18.04 30.97 -6.17
CA ASN B 193 -19.28 30.38 -6.66
C ASN B 193 -19.85 31.11 -7.86
N LYS B 194 -19.44 32.37 -8.03
CA LYS B 194 -19.91 33.20 -9.13
C LYS B 194 -19.14 32.93 -10.42
N GLN B 195 -17.97 32.32 -10.29
CA GLN B 195 -17.15 31.99 -11.46
C GLN B 195 -17.63 30.67 -12.03
N SER B 196 -18.11 29.80 -11.15
CA SER B 196 -18.62 28.49 -11.54
C SER B 196 -20.14 28.52 -11.64
N SER B 197 -20.65 29.10 -12.73
CA SER B 197 -22.08 29.21 -12.95
C SER B 197 -22.39 29.85 -14.30
N THR B 205 -23.76 48.07 -8.24
CA THR B 205 -24.33 49.41 -8.41
C THR B 205 -25.00 49.91 -7.14
N LYS B 206 -26.21 49.41 -6.89
CA LYS B 206 -27.01 49.78 -5.71
C LYS B 206 -26.14 49.96 -4.47
N LEU B 207 -25.03 49.21 -4.45
CA LEU B 207 -24.08 49.24 -3.34
C LEU B 207 -23.50 50.63 -3.13
N VAL B 208 -22.71 51.06 -4.11
CA VAL B 208 -22.03 52.36 -4.07
C VAL B 208 -22.92 53.57 -4.37
N LYS B 209 -24.01 53.34 -5.10
CA LYS B 209 -24.91 54.44 -5.47
C LYS B 209 -25.19 55.39 -4.31
N ASN B 210 -25.26 54.88 -3.09
CA ASN B 210 -25.55 55.72 -1.94
C ASN B 210 -24.31 56.27 -1.23
N CYS B 211 -23.15 56.09 -1.87
CA CYS B 211 -21.89 56.58 -1.33
C CYS B 211 -21.67 58.00 -1.84
N PHE B 212 -22.37 58.33 -2.92
CA PHE B 212 -22.25 59.65 -3.54
C PHE B 212 -23.08 60.72 -2.83
N LEU B 213 -23.94 60.32 -1.90
CA LEU B 213 -24.78 61.30 -1.21
C LEU B 213 -24.03 62.44 -0.55
N PRO B 214 -22.95 62.14 0.19
CA PRO B 214 -22.24 63.25 0.84
C PRO B 214 -21.74 64.31 -0.16
N LEU B 215 -21.72 63.95 -1.45
CA LEU B 215 -21.28 64.86 -2.50
C LEU B 215 -22.36 65.89 -2.80
N ARG B 216 -23.58 65.59 -2.37
CA ARG B 216 -24.73 66.48 -2.55
C ARG B 216 -24.47 67.80 -1.83
N GLU B 217 -23.64 67.73 -0.79
CA GLU B 217 -23.28 68.88 0.03
C GLU B 217 -22.20 69.76 -0.60
N TYR B 218 -21.68 69.35 -1.75
CA TYR B 218 -20.60 70.09 -2.42
C TYR B 218 -20.94 70.57 -3.82
N PHE B 219 -21.74 69.80 -4.55
CA PHE B 219 -22.09 70.17 -5.91
C PHE B 219 -23.58 70.34 -6.17
N LYS B 220 -23.90 70.89 -7.33
CA LYS B 220 -25.28 71.16 -7.71
C LYS B 220 -26.13 69.92 -7.87
N TYR B 221 -27.33 69.98 -7.30
CA TYR B 221 -28.32 68.92 -7.36
C TYR B 221 -29.29 69.38 -8.45
N PHE B 222 -29.71 68.47 -9.32
CA PHE B 222 -30.62 68.82 -10.41
C PHE B 222 -31.99 68.15 -10.30
N SER B 223 -33.04 68.96 -10.38
CA SER B 223 -34.41 68.48 -10.30
C SER B 223 -34.60 67.50 -9.15
N MET C 22 82.69 4.89 -5.25
CA MET C 22 83.86 4.01 -5.57
C MET C 22 84.99 4.23 -4.59
N PHE C 23 85.24 3.21 -3.75
CA PHE C 23 86.31 3.30 -2.77
C PHE C 23 87.58 2.66 -3.34
N GLU C 24 88.64 3.44 -3.42
CA GLU C 24 89.92 3.00 -3.96
C GLU C 24 90.58 1.94 -3.08
N THR C 25 90.76 0.75 -3.66
CA THR C 25 91.37 -0.40 -2.97
C THR C 25 92.74 -0.09 -2.35
N VAL C 26 92.94 -0.58 -1.13
CA VAL C 26 94.19 -0.34 -0.39
C VAL C 26 95.04 -1.60 -0.23
N PRO C 27 96.37 -1.47 -0.40
CA PRO C 27 97.34 -2.56 -0.29
C PRO C 27 97.39 -3.17 1.12
N VAL C 28 97.52 -4.50 1.18
CA VAL C 28 97.55 -5.25 2.43
C VAL C 28 98.32 -4.71 3.63
N TRP C 29 99.58 -4.31 3.46
CA TRP C 29 100.37 -3.79 4.58
C TRP C 29 99.95 -2.41 5.04
N ARG C 30 98.80 -1.94 4.56
CA ARG C 30 98.28 -0.62 4.93
C ARG C 30 96.81 -0.74 5.31
N ARG C 31 96.46 -1.85 5.96
CA ARG C 31 95.08 -2.12 6.36
C ARG C 31 94.99 -2.38 7.87
N GLN C 32 94.75 -1.35 8.68
CA GLN C 32 94.67 -1.56 10.12
C GLN C 32 93.34 -2.21 10.49
N PRO C 33 93.18 -2.59 11.77
CA PRO C 33 91.91 -3.21 12.17
C PRO C 33 90.78 -2.22 11.99
N VAL C 34 89.60 -2.73 11.67
CA VAL C 34 88.45 -1.86 11.45
C VAL C 34 87.72 -1.48 12.73
N ARG C 35 87.26 -0.22 12.79
CA ARG C 35 86.49 0.27 13.93
C ARG C 35 85.04 0.24 13.47
N VAL C 36 84.23 -0.56 14.16
CA VAL C 36 82.84 -0.72 13.81
C VAL C 36 81.86 -0.17 14.84
N LEU C 37 80.87 0.57 14.37
CA LEU C 37 79.81 1.13 15.21
C LEU C 37 78.53 0.40 14.83
N SER C 38 78.03 -0.43 15.74
CA SER C 38 76.82 -1.18 15.46
C SER C 38 75.65 -0.65 16.30
N LEU C 39 74.53 -0.43 15.64
CA LEU C 39 73.36 0.08 16.35
C LEU C 39 72.17 -0.87 16.27
N PHE C 40 71.49 -1.01 17.41
CA PHE C 40 70.29 -1.85 17.53
C PHE C 40 70.61 -3.34 17.56
N GLU C 41 71.87 -3.68 17.32
CA GLU C 41 72.29 -5.07 17.28
C GLU C 41 73.78 -5.06 16.97
N ASP C 42 74.56 -5.94 17.59
CA ASP C 42 76.00 -5.94 17.30
C ASP C 42 76.44 -7.16 16.50
N ILE C 43 77.54 -6.99 15.78
CA ILE C 43 78.07 -8.06 14.96
C ILE C 43 79.42 -8.47 15.53
N LYS C 44 79.68 -8.08 16.78
CA LYS C 44 80.93 -8.40 17.46
C LYS C 44 81.31 -9.86 17.27
N LYS C 45 80.30 -10.71 17.12
CA LYS C 45 80.53 -12.14 16.95
C LYS C 45 80.72 -12.50 15.48
N GLU C 46 79.67 -12.30 14.68
CA GLU C 46 79.70 -12.62 13.25
C GLU C 46 80.77 -11.87 12.47
N LEU C 47 81.20 -10.74 13.02
CA LEU C 47 82.20 -9.91 12.35
C LEU C 47 83.59 -10.46 12.66
N THR C 48 83.68 -11.18 13.78
CA THR C 48 84.94 -11.80 14.22
C THR C 48 85.16 -13.05 13.37
N SER C 49 84.09 -13.79 13.14
CA SER C 49 84.13 -15.03 12.35
C SER C 49 84.69 -14.82 10.95
N LEU C 50 84.86 -13.57 10.54
CA LEU C 50 85.41 -13.29 9.23
C LEU C 50 86.85 -12.81 9.37
N GLY C 51 87.31 -12.68 10.61
CA GLY C 51 88.66 -12.26 10.88
C GLY C 51 88.82 -10.75 10.81
N PHE C 52 87.80 -10.02 11.24
CA PHE C 52 87.84 -8.55 11.22
C PHE C 52 88.12 -8.02 12.62
N LEU C 53 87.91 -8.87 13.63
CA LEU C 53 88.16 -8.49 15.02
C LEU C 53 89.20 -9.39 15.68
N GLU C 54 89.53 -9.07 16.93
CA GLU C 54 90.52 -9.84 17.68
C GLU C 54 90.38 -9.59 19.19
N GLY C 60 87.33 -2.84 22.76
CA GLY C 60 87.38 -3.43 21.43
C GLY C 60 87.23 -2.40 20.32
N GLN C 61 87.54 -2.80 19.09
CA GLN C 61 87.43 -1.91 17.94
C GLN C 61 85.97 -1.64 17.59
N LEU C 62 85.06 -2.49 18.08
CA LEU C 62 83.64 -2.35 17.82
C LEU C 62 82.87 -1.83 19.03
N LYS C 63 82.09 -0.78 18.80
CA LYS C 63 81.27 -0.16 19.83
C LYS C 63 79.80 -0.47 19.55
N HIS C 64 79.12 -1.00 20.56
CA HIS C 64 77.71 -1.36 20.41
C HIS C 64 76.86 -0.47 21.29
N VAL C 65 75.69 -0.12 20.76
CA VAL C 65 74.74 0.72 21.48
C VAL C 65 73.35 0.23 21.10
N VAL C 66 72.46 0.15 22.07
CA VAL C 66 71.11 -0.32 21.79
C VAL C 66 70.15 0.84 21.59
N ASP C 67 69.84 1.54 22.66
CA ASP C 67 68.94 2.69 22.61
C ASP C 67 69.71 3.98 22.39
N VAL C 68 69.52 4.61 21.23
CA VAL C 68 70.24 5.84 20.93
C VAL C 68 69.43 7.12 21.18
N THR C 69 68.25 6.97 21.76
CA THR C 69 67.37 8.10 22.04
C THR C 69 68.10 9.39 22.40
N ASP C 70 68.92 9.35 23.43
CA ASP C 70 69.61 10.55 23.86
C ASP C 70 71.05 10.70 23.39
N THR C 71 71.49 9.81 22.51
CA THR C 71 72.85 9.88 21.98
C THR C 71 73.03 11.14 21.14
N VAL C 72 73.94 12.01 21.56
CA VAL C 72 74.21 13.24 20.84
C VAL C 72 75.38 13.07 19.89
N ARG C 73 75.66 14.10 19.09
CA ARG C 73 76.74 14.07 18.13
C ARG C 73 78.12 13.89 18.76
N LYS C 74 78.40 14.65 19.82
CA LYS C 74 79.69 14.55 20.48
C LYS C 74 79.98 13.12 20.89
N ASP C 75 78.96 12.42 21.38
CA ASP C 75 79.11 11.03 21.80
C ASP C 75 79.68 10.18 20.65
N VAL C 76 78.99 10.20 19.52
CA VAL C 76 79.38 9.44 18.33
C VAL C 76 80.79 9.79 17.86
N GLU C 77 81.27 10.97 18.26
CA GLU C 77 82.60 11.42 17.88
C GLU C 77 83.68 10.91 18.84
N GLU C 78 83.47 11.13 20.13
CA GLU C 78 84.44 10.70 21.14
C GLU C 78 84.51 9.18 21.22
N TRP C 79 83.56 8.52 20.55
CA TRP C 79 83.56 7.06 20.52
C TRP C 79 84.59 6.61 19.48
N GLY C 80 85.57 7.46 19.22
CA GLY C 80 86.62 7.15 18.27
C GLY C 80 86.11 7.01 16.85
N PRO C 81 86.92 7.38 15.85
CA PRO C 81 86.54 7.29 14.44
C PRO C 81 86.00 5.90 14.07
N PHE C 82 85.10 5.85 13.08
CA PHE C 82 84.58 4.57 12.64
C PHE C 82 84.74 4.47 11.14
N ASP C 83 84.88 3.24 10.66
CA ASP C 83 85.04 3.01 9.22
C ASP C 83 83.84 2.24 8.73
N LEU C 84 83.11 1.66 9.69
CA LEU C 84 81.94 0.85 9.40
C LEU C 84 80.79 1.13 10.36
N VAL C 85 79.69 1.67 9.82
CA VAL C 85 78.52 1.97 10.63
C VAL C 85 77.44 0.94 10.26
N TYR C 86 77.05 0.14 11.23
CA TYR C 86 76.07 -0.91 11.02
C TYR C 86 74.85 -0.78 11.94
N GLY C 87 73.68 -1.05 11.39
CA GLY C 87 72.46 -0.98 12.16
C GLY C 87 71.43 -1.84 11.48
N ALA C 88 70.52 -2.41 12.27
CA ALA C 88 69.47 -3.27 11.71
C ALA C 88 68.25 -3.39 12.59
N THR C 89 67.11 -3.59 11.93
CA THR C 89 65.83 -3.70 12.61
C THR C 89 65.81 -4.93 13.51
N PRO C 90 65.02 -4.88 14.58
CA PRO C 90 64.92 -5.99 15.51
C PRO C 90 64.24 -7.18 14.85
N PRO C 91 64.64 -8.41 15.22
CA PRO C 91 64.09 -9.64 14.65
C PRO C 91 62.56 -9.75 14.77
N LEU C 92 61.97 -10.49 13.83
CA LEU C 92 60.52 -10.69 13.75
C LEU C 92 59.88 -11.24 15.02
N GLY C 93 59.19 -10.38 15.76
CA GLY C 93 58.54 -10.82 16.98
C GLY C 93 58.15 -9.67 17.89
N HIS C 94 58.73 -8.50 17.61
CA HIS C 94 58.48 -7.29 18.39
C HIS C 94 59.29 -7.35 19.68
N THR C 95 60.50 -7.90 19.59
CA THR C 95 61.40 -8.05 20.73
C THR C 95 61.45 -6.77 21.57
N CYS C 96 61.21 -5.63 20.92
CA CYS C 96 61.21 -4.34 21.58
C CYS C 96 60.03 -3.50 21.07
N ASP C 97 59.67 -2.46 21.82
CA ASP C 97 58.55 -1.59 21.43
C ASP C 97 59.08 -0.25 20.95
N ARG C 98 58.91 0.02 19.66
CA ARG C 98 59.35 1.27 19.03
C ARG C 98 59.10 1.19 17.53
N PRO C 99 58.10 1.93 17.02
CA PRO C 99 57.75 1.94 15.60
C PRO C 99 58.94 1.74 14.67
N PRO C 100 58.87 0.74 13.77
CA PRO C 100 59.92 0.40 12.81
C PRO C 100 60.77 1.56 12.29
N SER C 101 60.13 2.54 11.66
CA SER C 101 60.82 3.71 11.12
C SER C 101 61.93 4.19 12.04
N TRP C 102 61.62 4.28 13.34
CA TRP C 102 62.59 4.74 14.35
C TRP C 102 64.02 4.27 14.10
N TYR C 103 64.18 2.96 13.86
CA TYR C 103 65.51 2.42 13.59
C TYR C 103 66.14 3.12 12.39
N LEU C 104 65.40 3.23 11.30
CA LEU C 104 65.91 3.88 10.10
C LEU C 104 66.30 5.32 10.37
N PHE C 105 65.34 6.12 10.84
CA PHE C 105 65.61 7.52 11.13
C PHE C 105 66.78 7.65 12.06
N GLN C 106 66.68 7.05 13.23
CA GLN C 106 67.78 7.10 14.20
C GLN C 106 69.11 6.67 13.56
N PHE C 107 69.07 5.63 12.72
CA PHE C 107 70.27 5.14 12.06
C PHE C 107 70.86 6.26 11.18
N HIS C 108 70.00 6.88 10.39
CA HIS C 108 70.45 7.95 9.52
C HIS C 108 71.11 9.06 10.33
N ARG C 109 70.60 9.28 11.54
CA ARG C 109 71.09 10.32 12.43
C ARG C 109 72.54 10.08 12.80
N LEU C 110 72.77 9.01 13.56
CA LEU C 110 74.11 8.66 14.01
C LEU C 110 75.02 8.39 12.81
N LEU C 111 74.47 7.77 11.78
CA LEU C 111 75.25 7.49 10.58
C LEU C 111 75.99 8.77 10.17
N GLN C 112 75.27 9.89 10.19
CA GLN C 112 75.84 11.18 9.81
C GLN C 112 76.83 11.72 10.81
N TYR C 113 76.57 11.50 12.09
CA TYR C 113 77.47 11.97 13.12
C TYR C 113 78.80 11.22 12.99
N ALA C 114 78.75 10.01 12.46
CA ALA C 114 79.95 9.21 12.31
C ALA C 114 80.73 9.42 11.01
N ARG C 115 80.16 10.18 10.08
CA ARG C 115 80.85 10.46 8.80
C ARG C 115 82.22 11.09 9.07
N PRO C 116 83.15 10.96 8.11
CA PRO C 116 84.49 11.53 8.25
C PRO C 116 84.44 13.02 7.94
N LYS C 117 85.59 13.58 7.58
CA LYS C 117 85.67 14.99 7.25
C LYS C 117 85.61 15.13 5.73
N PRO C 118 85.55 16.36 5.20
CA PRO C 118 85.51 16.53 3.74
C PRO C 118 86.68 15.86 3.04
N GLY C 119 87.88 16.05 3.58
CA GLY C 119 89.06 15.44 3.00
C GLY C 119 89.10 13.98 3.39
N SER C 120 88.22 13.19 2.78
CA SER C 120 88.08 11.75 3.02
C SER C 120 89.40 11.05 3.36
N PRO C 121 89.69 10.89 4.66
CA PRO C 121 90.94 10.21 5.05
C PRO C 121 91.03 8.81 4.46
N ARG C 122 90.28 7.86 5.02
CA ARG C 122 90.29 6.50 4.52
C ARG C 122 88.92 5.99 4.07
N PRO C 123 88.76 4.67 3.89
CA PRO C 123 87.51 4.04 3.44
C PRO C 123 86.43 4.12 4.53
N PHE C 124 85.25 4.60 4.15
CA PHE C 124 84.12 4.74 5.07
C PHE C 124 82.91 3.94 4.60
N PHE C 125 82.45 2.99 5.39
CA PHE C 125 81.30 2.16 5.00
C PHE C 125 80.19 2.07 6.04
N TRP C 126 78.95 1.95 5.57
CA TRP C 126 77.80 1.82 6.45
C TRP C 126 76.84 0.79 5.87
N MET C 127 76.01 0.21 6.72
CA MET C 127 75.04 -0.79 6.28
C MET C 127 73.84 -0.89 7.21
N PHE C 128 72.65 -0.86 6.62
CA PHE C 128 71.41 -0.97 7.40
C PHE C 128 70.62 -2.14 6.89
N VAL C 129 70.33 -3.08 7.79
CA VAL C 129 69.62 -4.28 7.43
C VAL C 129 68.23 -4.30 8.04
N ASP C 130 67.26 -4.76 7.27
CA ASP C 130 65.88 -4.87 7.72
C ASP C 130 65.40 -6.33 7.74
N ASN C 131 64.97 -6.79 8.90
CA ASN C 131 64.51 -8.17 9.03
C ASN C 131 63.01 -8.29 8.71
N LEU C 132 62.65 -7.90 7.50
CA LEU C 132 61.28 -7.98 7.03
C LEU C 132 60.31 -7.43 8.08
N VAL C 133 60.54 -6.20 8.52
CA VAL C 133 59.70 -5.59 9.54
C VAL C 133 59.15 -4.22 9.10
N LEU C 134 59.67 -3.70 7.98
CA LEU C 134 59.24 -2.40 7.46
C LEU C 134 58.13 -2.53 6.40
N ASN C 135 57.05 -1.78 6.54
CA ASN C 135 55.96 -1.83 5.56
C ASN C 135 56.52 -1.42 4.21
N LYS C 136 55.68 -1.43 3.17
CA LYS C 136 56.18 -1.03 1.86
C LYS C 136 56.28 0.49 1.82
N GLU C 137 55.68 1.13 2.81
CA GLU C 137 55.71 2.57 2.92
C GLU C 137 57.05 2.85 3.56
N ASP C 138 57.24 2.29 4.76
CA ASP C 138 58.47 2.45 5.51
C ASP C 138 59.69 2.11 4.65
N LEU C 139 59.46 1.34 3.59
CA LEU C 139 60.56 0.96 2.71
C LEU C 139 60.90 2.08 1.74
N ASP C 140 59.88 2.81 1.29
CA ASP C 140 60.11 3.91 0.36
C ASP C 140 60.90 4.98 1.12
N VAL C 141 60.55 5.15 2.38
CA VAL C 141 61.24 6.10 3.24
C VAL C 141 62.72 5.66 3.38
N ALA C 142 62.91 4.43 3.85
CA ALA C 142 64.22 3.83 4.04
C ALA C 142 65.13 3.99 2.82
N SER C 143 64.65 3.55 1.66
CA SER C 143 65.42 3.66 0.44
C SER C 143 65.72 5.12 0.11
N ARG C 144 64.65 5.91 0.04
CA ARG C 144 64.74 7.35 -0.27
C ARG C 144 65.63 8.10 0.74
N PHE C 145 65.73 7.56 1.95
CA PHE C 145 66.55 8.16 3.00
C PHE C 145 68.02 7.74 2.91
N LEU C 146 68.26 6.49 2.52
CA LEU C 146 69.62 5.96 2.38
C LEU C 146 70.12 6.02 0.93
N GLU C 147 69.31 6.65 0.07
CA GLU C 147 69.61 6.85 -1.35
C GLU C 147 69.93 5.62 -2.20
N MET C 148 69.03 4.64 -2.19
CA MET C 148 69.22 3.42 -2.98
C MET C 148 68.20 2.34 -2.63
N GLU C 149 67.84 1.51 -3.61
CA GLU C 149 66.88 0.44 -3.36
C GLU C 149 67.61 -0.58 -2.52
N PRO C 150 66.86 -1.39 -1.76
CA PRO C 150 67.55 -2.39 -0.95
C PRO C 150 67.98 -3.57 -1.84
N VAL C 151 68.59 -4.56 -1.22
CA VAL C 151 69.04 -5.75 -1.92
C VAL C 151 68.58 -6.93 -1.07
N THR C 152 67.51 -7.58 -1.53
CA THR C 152 66.93 -8.72 -0.82
C THR C 152 67.76 -10.00 -0.98
N ILE C 153 68.15 -10.59 0.15
CA ILE C 153 68.93 -11.83 0.13
C ILE C 153 68.20 -12.84 1.03
N PRO C 154 67.58 -13.87 0.41
CA PRO C 154 66.81 -14.94 1.06
C PRO C 154 67.63 -16.06 1.71
N ASP C 155 66.95 -17.14 2.06
CA ASP C 155 67.56 -18.32 2.63
C ASP C 155 66.56 -19.47 2.56
N VAL C 156 66.81 -20.40 1.65
CA VAL C 156 65.93 -21.54 1.46
C VAL C 156 66.50 -22.83 2.05
N HIS C 157 65.59 -23.73 2.42
CA HIS C 157 65.96 -25.01 3.02
C HIS C 157 64.82 -26.00 2.80
N GLY C 158 63.60 -25.49 2.71
CA GLY C 158 62.44 -26.34 2.52
C GLY C 158 61.71 -26.53 3.83
N GLY C 159 62.47 -26.55 4.92
CA GLY C 159 61.91 -26.71 6.24
C GLY C 159 62.17 -25.50 7.12
N SER C 160 62.55 -24.39 6.47
CA SER C 160 62.83 -23.14 7.16
C SER C 160 63.15 -22.05 6.14
N VAL C 165 65.64 -11.08 4.23
CA VAL C 165 66.29 -9.93 4.85
C VAL C 165 66.67 -8.89 3.77
N ARG C 166 66.30 -7.62 4.01
CA ARG C 166 66.63 -6.56 3.05
C ARG C 166 67.83 -5.73 3.51
N VAL C 167 68.71 -5.38 2.58
CA VAL C 167 69.90 -4.62 2.96
C VAL C 167 70.25 -3.38 2.14
N TRP C 168 70.69 -2.36 2.85
CA TRP C 168 71.11 -1.07 2.31
C TRP C 168 72.57 -0.89 2.71
N SER C 169 73.40 -0.44 1.78
CA SER C 169 74.80 -0.21 2.10
C SER C 169 75.59 0.20 0.87
N ASN C 170 76.80 0.69 1.10
CA ASN C 170 77.70 1.12 0.02
C ASN C 170 78.92 0.22 -0.13
N ILE C 171 78.87 -0.98 0.44
CA ILE C 171 79.97 -1.92 0.34
C ILE C 171 79.94 -2.50 -1.07
N PRO C 172 80.99 -2.24 -1.87
CA PRO C 172 81.16 -2.69 -3.25
C PRO C 172 80.52 -4.01 -3.70
N ALA C 173 80.14 -4.03 -4.97
CA ALA C 173 79.51 -5.18 -5.60
C ALA C 173 78.38 -5.77 -4.78
N ILE C 174 77.66 -4.93 -4.04
CA ILE C 174 76.55 -5.40 -3.21
C ILE C 174 75.25 -5.46 -4.02
N ARG C 175 75.26 -4.85 -5.21
CA ARG C 175 74.09 -4.84 -6.08
C ARG C 175 74.12 -5.89 -7.17
N SER C 176 75.31 -6.44 -7.45
CA SER C 176 75.46 -7.48 -8.47
C SER C 176 75.20 -8.84 -7.84
N ARG C 177 74.89 -8.82 -6.55
CA ARG C 177 74.62 -10.01 -5.76
C ARG C 177 73.12 -10.06 -5.46
N HIS C 178 72.37 -9.19 -6.13
CA HIS C 178 70.92 -9.11 -5.97
C HIS C 178 70.19 -10.24 -6.71
N TRP C 179 69.18 -10.80 -6.05
CA TRP C 179 68.40 -11.88 -6.63
C TRP C 179 66.99 -11.43 -6.98
N ALA C 180 66.85 -10.87 -8.18
CA ALA C 180 65.56 -10.38 -8.65
C ALA C 180 64.60 -11.54 -8.89
N LEU C 181 64.51 -12.45 -7.91
CA LEU C 181 63.62 -13.60 -8.03
C LEU C 181 62.51 -13.58 -6.99
N VAL C 182 62.87 -13.90 -5.73
CA VAL C 182 61.90 -13.94 -4.64
C VAL C 182 60.86 -12.83 -4.76
N SER C 183 59.59 -13.18 -4.60
CA SER C 183 58.50 -12.21 -4.71
C SER C 183 58.16 -11.55 -3.39
N GLU C 184 57.43 -10.44 -3.48
CA GLU C 184 57.01 -9.67 -2.32
C GLU C 184 55.86 -10.37 -1.60
N GLU C 185 54.85 -10.78 -2.35
CA GLU C 185 53.68 -11.45 -1.78
C GLU C 185 54.10 -12.65 -0.94
N GLU C 186 55.05 -13.42 -1.44
CA GLU C 186 55.57 -14.60 -0.75
C GLU C 186 56.28 -14.14 0.52
N LEU C 187 57.16 -13.15 0.36
CA LEU C 187 57.94 -12.61 1.46
C LEU C 187 57.01 -12.08 2.56
N SER C 188 55.88 -11.51 2.16
CA SER C 188 54.90 -10.99 3.12
C SER C 188 54.29 -12.14 3.90
N LEU C 189 54.08 -13.26 3.20
CA LEU C 189 53.52 -14.45 3.83
C LEU C 189 54.53 -15.04 4.81
N LEU C 190 55.80 -14.88 4.49
CA LEU C 190 56.89 -15.39 5.33
C LEU C 190 56.85 -14.73 6.70
N ALA C 191 56.68 -13.41 6.72
CA ALA C 191 56.64 -12.65 7.97
C ALA C 191 55.33 -12.77 8.73
N GLN C 192 54.20 -12.75 8.01
CA GLN C 192 52.89 -12.86 8.65
C GLN C 192 52.71 -14.17 9.39
N ASN C 193 53.41 -15.21 8.92
CA ASN C 193 53.33 -16.54 9.54
C ASN C 193 54.32 -16.68 10.71
N LYS C 194 55.30 -15.79 10.77
CA LYS C 194 56.29 -15.81 11.84
C LYS C 194 55.80 -15.08 13.08
N GLN C 195 54.77 -14.26 12.91
CA GLN C 195 54.21 -13.52 14.02
C GLN C 195 53.17 -14.39 14.72
N SER C 196 52.53 -15.27 13.94
CA SER C 196 51.52 -16.19 14.46
C SER C 196 52.13 -17.57 14.67
N SER C 197 52.91 -17.71 15.74
CA SER C 197 53.57 -18.97 16.07
C SER C 197 54.35 -18.86 17.38
N THR C 205 71.45 -13.69 10.25
CA THR C 205 72.90 -13.61 10.37
C THR C 205 73.61 -14.20 9.13
N LYS C 206 73.59 -15.52 9.01
CA LYS C 206 74.22 -16.21 7.87
C LYS C 206 73.99 -15.46 6.56
N LEU C 207 72.87 -14.75 6.49
CA LEU C 207 72.49 -13.99 5.31
C LEU C 207 73.52 -12.91 4.97
N VAL C 208 73.63 -11.90 5.85
CA VAL C 208 74.55 -10.79 5.66
C VAL C 208 76.02 -11.10 5.96
N LYS C 209 76.26 -12.15 6.75
CA LYS C 209 77.62 -12.54 7.12
C LYS C 209 78.57 -12.54 5.93
N ASN C 210 78.06 -12.91 4.76
CA ASN C 210 78.84 -12.99 3.54
C ASN C 210 78.91 -11.68 2.75
N CYS C 211 78.34 -10.62 3.31
CA CYS C 211 78.35 -9.34 2.63
C CYS C 211 79.54 -8.51 3.07
N PHE C 212 80.17 -8.96 4.16
CA PHE C 212 81.31 -8.27 4.73
C PHE C 212 82.62 -8.63 4.01
N LEU C 213 82.57 -9.69 3.20
CA LEU C 213 83.76 -10.14 2.48
C LEU C 213 84.49 -9.08 1.70
N PRO C 214 83.77 -8.25 0.94
CA PRO C 214 84.41 -7.20 0.16
C PRO C 214 85.25 -6.27 1.02
N LEU C 215 84.98 -6.26 2.32
CA LEU C 215 85.71 -5.42 3.26
C LEU C 215 87.10 -5.97 3.55
N ARG C 216 87.28 -7.25 3.27
CA ARG C 216 88.54 -7.94 3.48
C ARG C 216 89.63 -7.25 2.63
N GLU C 217 89.21 -6.63 1.53
CA GLU C 217 90.11 -5.95 0.61
C GLU C 217 90.50 -4.55 1.08
N TYR C 218 89.95 -4.11 2.21
CA TYR C 218 90.25 -2.77 2.72
C TYR C 218 90.83 -2.76 4.13
N PHE C 219 90.48 -3.75 4.95
CA PHE C 219 90.96 -3.81 6.33
C PHE C 219 91.75 -5.07 6.67
N LYS C 220 92.41 -5.05 7.83
CA LYS C 220 93.23 -6.15 8.32
C LYS C 220 92.45 -7.43 8.60
N TYR C 221 93.03 -8.56 8.20
CA TYR C 221 92.44 -9.88 8.40
C TYR C 221 93.23 -10.60 9.49
N PHE C 222 92.53 -11.32 10.38
CA PHE C 222 93.20 -12.01 11.49
C PHE C 222 93.07 -13.53 11.53
N SER C 223 94.19 -14.22 11.26
CA SER C 223 94.26 -15.68 11.30
C SER C 223 93.28 -16.41 10.38
N LYS D 13 79.63 44.21 -0.93
CA LYS D 13 78.15 44.37 -0.98
C LYS D 13 77.42 43.03 -0.94
N ARG D 14 76.70 42.80 0.15
CA ARG D 14 75.92 41.59 0.38
C ARG D 14 75.08 41.26 -0.84
N LYS D 15 74.65 40.01 -0.94
CA LYS D 15 73.85 39.59 -2.08
C LYS D 15 72.43 39.24 -1.65
N PRO D 16 71.57 38.91 -2.64
CA PRO D 16 70.16 38.52 -2.46
C PRO D 16 70.04 37.17 -1.75
N ILE D 17 68.97 36.99 -0.99
CA ILE D 17 68.75 35.75 -0.25
C ILE D 17 68.19 34.64 -1.14
N ARG D 18 68.69 33.42 -0.95
CA ARG D 18 68.22 32.26 -1.70
C ARG D 18 67.56 31.36 -0.65
N VAL D 19 66.25 31.20 -0.76
CA VAL D 19 65.50 30.44 0.23
C VAL D 19 64.87 29.15 -0.22
N LEU D 20 64.69 28.22 0.72
CA LEU D 20 64.02 26.93 0.47
C LEU D 20 62.95 26.79 1.52
N SER D 21 61.69 26.89 1.08
CA SER D 21 60.56 26.82 1.99
C SER D 21 59.91 25.44 1.90
N LEU D 22 59.86 24.74 3.02
CA LEU D 22 59.26 23.42 3.06
C LEU D 22 57.92 23.48 3.78
N PHE D 23 56.88 22.98 3.11
CA PHE D 23 55.55 23.01 3.68
C PHE D 23 55.19 24.51 3.70
N ASP D 24 55.54 25.16 2.60
CA ASP D 24 55.35 26.60 2.42
C ASP D 24 53.98 27.19 2.73
N GLY D 25 52.94 26.41 2.58
CA GLY D 25 51.61 26.92 2.85
C GLY D 25 51.24 28.09 1.96
N ILE D 26 50.86 29.21 2.57
CA ILE D 26 50.48 30.37 1.77
C ILE D 26 51.54 31.44 1.64
N ALA D 27 52.81 31.02 1.53
CA ALA D 27 53.96 31.90 1.33
C ALA D 27 54.22 32.97 2.38
N THR D 28 53.91 32.67 3.62
CA THR D 28 54.12 33.61 4.69
C THR D 28 55.61 33.97 4.72
N GLY D 29 56.45 32.99 4.47
CA GLY D 29 57.87 33.26 4.48
C GLY D 29 58.31 34.35 3.51
N LEU D 30 57.93 34.20 2.25
CA LEU D 30 58.27 35.16 1.23
C LEU D 30 57.58 36.50 1.51
N LEU D 31 56.33 36.42 1.97
CA LEU D 31 55.57 37.64 2.31
C LEU D 31 56.41 38.47 3.26
N VAL D 32 56.78 37.88 4.39
CA VAL D 32 57.58 38.63 5.34
C VAL D 32 58.95 38.98 4.81
N LEU D 33 59.56 38.09 4.05
CA LEU D 33 60.89 38.41 3.49
C LEU D 33 60.77 39.73 2.75
N LYS D 34 59.72 39.87 1.94
CA LYS D 34 59.52 41.08 1.17
C LYS D 34 59.23 42.26 2.09
N ASP D 35 58.41 42.02 3.12
CA ASP D 35 58.06 43.07 4.07
C ASP D 35 59.27 43.74 4.68
N LEU D 36 60.28 42.96 5.03
CA LEU D 36 61.52 43.47 5.63
C LEU D 36 62.42 44.14 4.59
N GLY D 37 61.96 44.16 3.35
CA GLY D 37 62.73 44.77 2.28
C GLY D 37 64.01 44.04 1.97
N ILE D 38 63.94 42.71 1.93
CA ILE D 38 65.11 41.87 1.66
C ILE D 38 65.02 41.30 0.26
N GLN D 39 66.02 41.57 -0.58
CA GLN D 39 66.00 41.03 -1.95
C GLN D 39 66.01 39.50 -1.95
N VAL D 40 65.18 38.91 -2.78
CA VAL D 40 65.10 37.47 -2.87
C VAL D 40 65.57 36.94 -4.21
N ASP D 41 66.71 36.25 -4.23
CA ASP D 41 67.20 35.70 -5.49
C ASP D 41 66.25 34.60 -5.96
N ARG D 42 65.86 33.71 -5.04
CA ARG D 42 64.93 32.66 -5.40
C ARG D 42 64.21 32.17 -4.16
N TYR D 43 62.99 31.70 -4.35
CA TYR D 43 62.20 31.19 -3.23
C TYR D 43 61.60 29.88 -3.73
N ILE D 44 62.24 28.77 -3.37
CA ILE D 44 61.74 27.47 -3.80
C ILE D 44 60.90 26.86 -2.68
N ALA D 45 59.63 26.59 -3.01
CA ALA D 45 58.69 26.03 -2.02
C ALA D 45 58.18 24.65 -2.32
N SER D 46 58.10 23.84 -1.27
CA SER D 46 57.59 22.49 -1.43
C SER D 46 56.19 22.48 -0.84
N GLU D 47 55.19 22.42 -1.71
CA GLU D 47 53.82 22.42 -1.24
C GLU D 47 53.02 21.44 -2.05
N VAL D 48 52.09 20.76 -1.38
CA VAL D 48 51.24 19.82 -2.07
C VAL D 48 49.80 20.30 -2.16
N CYS D 49 49.37 21.17 -1.25
CA CYS D 49 47.99 21.68 -1.30
C CYS D 49 47.80 22.68 -2.41
N GLU D 50 46.91 22.36 -3.36
CA GLU D 50 46.61 23.22 -4.49
C GLU D 50 46.10 24.62 -4.11
N ASP D 51 45.22 24.69 -3.11
CA ASP D 51 44.69 25.99 -2.68
C ASP D 51 45.78 26.91 -2.21
N SER D 52 46.63 26.42 -1.31
CA SER D 52 47.73 27.24 -0.81
C SER D 52 48.67 27.58 -1.97
N ILE D 53 48.99 26.56 -2.77
CA ILE D 53 49.85 26.72 -3.93
C ILE D 53 49.33 27.83 -4.80
N THR D 54 48.04 27.85 -5.17
CA THR D 54 47.56 28.97 -5.98
C THR D 54 47.77 30.33 -5.29
N VAL D 55 47.42 30.42 -4.00
CA VAL D 55 47.55 31.68 -3.26
C VAL D 55 48.95 32.23 -3.46
N GLY D 56 49.95 31.43 -3.19
CA GLY D 56 51.31 31.91 -3.37
C GLY D 56 51.53 32.37 -4.79
N MET D 57 51.15 31.53 -5.75
CA MET D 57 51.34 31.88 -7.14
C MET D 57 50.76 33.24 -7.48
N VAL D 58 49.49 33.45 -7.19
CA VAL D 58 48.91 34.75 -7.52
C VAL D 58 49.51 35.88 -6.70
N ARG D 59 49.53 35.72 -5.38
CA ARG D 59 50.05 36.76 -4.51
C ARG D 59 51.49 37.20 -4.78
N HIS D 60 52.35 36.30 -5.23
CA HIS D 60 53.72 36.74 -5.52
C HIS D 60 54.08 36.63 -7.00
N GLN D 61 53.03 36.66 -7.81
CA GLN D 61 53.11 36.62 -9.25
C GLN D 61 54.11 35.70 -9.90
N GLY D 62 54.19 34.47 -9.45
CA GLY D 62 55.11 33.53 -10.07
C GLY D 62 56.46 33.37 -9.43
N LYS D 63 57.04 34.46 -8.92
CA LYS D 63 58.36 34.40 -8.29
C LYS D 63 58.68 33.07 -7.59
N ILE D 64 57.71 32.50 -6.90
CA ILE D 64 57.93 31.24 -6.19
C ILE D 64 58.03 30.05 -7.12
N MET D 65 59.20 29.40 -7.12
CA MET D 65 59.40 28.21 -7.95
C MET D 65 58.80 27.07 -7.13
N TYR D 66 57.65 26.57 -7.56
CA TYR D 66 57.01 25.48 -6.81
C TYR D 66 57.45 24.08 -7.18
N VAL D 67 58.22 23.47 -6.27
CA VAL D 67 58.66 22.09 -6.39
C VAL D 67 57.39 21.31 -6.01
N GLY D 68 57.47 20.00 -5.82
CA GLY D 68 56.27 19.28 -5.45
C GLY D 68 56.25 18.82 -4.00
N ASP D 69 55.88 17.55 -3.82
CA ASP D 69 55.85 16.94 -2.49
C ASP D 69 57.27 16.94 -1.91
N VAL D 70 57.45 17.34 -0.65
CA VAL D 70 58.78 17.37 -0.06
C VAL D 70 59.55 16.10 -0.34
N ARG D 71 59.03 14.93 0.00
CA ARG D 71 59.83 13.73 -0.28
C ARG D 71 59.84 13.26 -1.72
N SER D 72 60.18 14.20 -2.61
CA SER D 72 60.31 13.96 -4.04
C SER D 72 61.46 14.91 -4.41
N VAL D 73 62.01 15.52 -3.36
CA VAL D 73 63.12 16.44 -3.46
C VAL D 73 64.31 15.59 -2.96
N THR D 74 65.42 15.64 -3.69
CA THR D 74 66.58 14.85 -3.31
C THR D 74 67.85 15.67 -3.24
N GLN D 75 68.84 15.10 -2.57
CA GLN D 75 70.15 15.73 -2.44
C GLN D 75 70.53 16.29 -3.82
N LYS D 76 70.36 15.46 -4.85
CA LYS D 76 70.67 15.87 -6.22
C LYS D 76 69.95 17.19 -6.51
N HIS D 77 68.68 17.26 -6.13
CA HIS D 77 67.90 18.47 -6.35
C HIS D 77 68.47 19.66 -5.60
N ILE D 78 68.81 19.47 -4.33
CA ILE D 78 69.32 20.58 -3.52
C ILE D 78 70.49 21.34 -4.11
N GLN D 79 71.68 20.74 -4.19
CA GLN D 79 72.79 21.52 -4.71
C GLN D 79 72.52 21.89 -6.18
N GLU D 80 71.61 21.18 -6.82
CA GLU D 80 71.28 21.50 -8.20
C GLU D 80 70.35 22.73 -8.19
N TRP D 81 69.53 22.84 -7.15
CA TRP D 81 68.59 23.97 -6.95
C TRP D 81 69.41 25.17 -6.51
N GLY D 82 70.71 25.15 -6.77
CA GLY D 82 71.58 26.24 -6.35
C GLY D 82 71.73 26.16 -4.84
N PRO D 83 72.82 26.69 -4.28
CA PRO D 83 73.00 26.63 -2.82
C PRO D 83 71.96 27.50 -2.12
N PHE D 84 71.56 27.11 -0.91
CA PHE D 84 70.53 27.86 -0.16
C PHE D 84 71.10 28.62 1.03
N ASP D 85 70.60 29.83 1.26
CA ASP D 85 71.05 30.64 2.39
C ASP D 85 70.12 30.48 3.58
N LEU D 86 68.83 30.32 3.28
CA LEU D 86 67.79 30.17 4.30
C LEU D 86 66.98 28.91 4.07
N VAL D 87 66.70 28.16 5.12
CA VAL D 87 65.83 26.98 4.99
C VAL D 87 64.80 27.19 6.07
N ILE D 88 63.53 27.20 5.70
CA ILE D 88 62.50 27.39 6.71
C ILE D 88 61.45 26.30 6.53
N GLY D 89 60.72 26.01 7.60
CA GLY D 89 59.69 25.00 7.46
C GLY D 89 58.86 24.77 8.70
N GLY D 90 57.65 24.28 8.46
CA GLY D 90 56.72 23.94 9.52
C GLY D 90 55.90 22.72 9.12
N SER D 91 56.42 21.53 9.39
CA SER D 91 55.73 20.27 9.06
C SER D 91 54.38 20.14 9.75
N PRO D 92 53.39 19.50 9.08
CA PRO D 92 52.05 19.31 9.65
C PRO D 92 52.08 18.91 11.10
N CYS D 93 51.27 19.59 11.90
CA CYS D 93 51.21 19.32 13.33
C CYS D 93 50.17 18.31 13.76
N ASN D 94 49.14 18.08 12.93
CA ASN D 94 48.15 17.12 13.38
C ASN D 94 48.56 15.91 14.18
N ASP D 95 49.41 15.01 13.64
CA ASP D 95 49.87 13.82 14.39
C ASP D 95 50.86 14.09 15.52
N LEU D 96 50.95 15.36 15.95
CA LEU D 96 51.81 15.68 17.07
C LEU D 96 50.99 16.34 18.19
N SER D 97 49.83 16.85 17.80
CA SER D 97 48.91 17.54 18.69
C SER D 97 48.33 16.68 19.80
N ILE D 98 48.68 17.02 21.05
CA ILE D 98 48.19 16.29 22.21
C ILE D 98 46.68 16.23 22.22
N VAL D 99 46.05 17.23 21.62
CA VAL D 99 44.60 17.28 21.56
C VAL D 99 44.03 16.16 20.69
N ASN D 100 44.58 15.97 19.49
CA ASN D 100 44.07 14.93 18.60
C ASN D 100 44.38 13.54 19.12
N PRO D 101 43.39 12.86 19.72
CA PRO D 101 43.62 11.50 20.26
C PRO D 101 44.08 10.50 19.20
N ALA D 102 43.56 10.63 17.98
CA ALA D 102 43.92 9.75 16.89
C ALA D 102 45.36 9.94 16.42
N ARG D 103 46.03 10.95 16.96
CA ARG D 103 47.42 11.25 16.60
C ARG D 103 48.30 10.00 16.52
N LYS D 104 49.10 9.92 15.46
CA LYS D 104 49.99 8.79 15.28
C LYS D 104 51.45 9.14 15.60
N GLY D 105 51.64 10.23 16.34
CA GLY D 105 52.97 10.63 16.73
C GLY D 105 53.93 11.02 15.62
N LEU D 106 55.15 11.35 16.04
CA LEU D 106 56.24 11.79 15.19
C LEU D 106 56.77 10.77 14.17
N TYR D 107 56.52 9.48 14.40
CA TYR D 107 57.02 8.48 13.48
C TYR D 107 56.05 7.91 12.45
N GLU D 108 54.75 8.16 12.63
CA GLU D 108 53.77 7.67 11.66
C GLU D 108 52.96 8.83 11.08
N GLY D 109 51.89 8.50 10.36
CA GLY D 109 51.02 9.51 9.76
C GLY D 109 51.77 10.65 9.11
N THR D 110 51.33 11.89 9.35
CA THR D 110 52.02 13.04 8.77
C THR D 110 53.20 13.38 9.67
N GLY D 111 53.18 12.86 10.90
CA GLY D 111 54.26 13.10 11.83
C GLY D 111 55.58 12.96 11.10
N ARG D 112 55.74 11.83 10.42
CA ARG D 112 56.94 11.51 9.64
C ARG D 112 57.50 12.67 8.84
N LEU D 113 56.62 13.44 8.23
CA LEU D 113 57.01 14.56 7.40
C LEU D 113 58.14 15.37 7.98
N PHE D 114 58.20 15.45 9.30
CA PHE D 114 59.27 16.19 9.96
C PHE D 114 60.65 15.79 9.45
N PHE D 115 60.96 14.50 9.55
CA PHE D 115 62.25 13.99 9.10
C PHE D 115 62.63 14.46 7.71
N GLU D 116 61.62 14.63 6.87
CA GLU D 116 61.85 15.10 5.52
C GLU D 116 62.53 16.47 5.64
N PHE D 117 62.07 17.26 6.60
CA PHE D 117 62.63 18.59 6.81
C PHE D 117 64.04 18.42 7.30
N TYR D 118 64.24 17.44 8.17
CA TYR D 118 65.57 17.17 8.70
C TYR D 118 66.49 16.72 7.59
N ARG D 119 66.05 15.71 6.86
CA ARG D 119 66.82 15.18 5.75
C ARG D 119 67.28 16.33 4.83
N LEU D 120 66.34 17.15 4.35
CA LEU D 120 66.68 18.27 3.48
C LEU D 120 67.57 19.33 4.14
N LEU D 121 67.38 19.56 5.45
CA LEU D 121 68.18 20.55 6.16
C LEU D 121 69.62 20.11 6.04
N HIS D 122 69.81 18.83 6.35
CA HIS D 122 71.12 18.20 6.30
C HIS D 122 71.75 18.32 4.91
N ASP D 123 70.95 18.05 3.87
CA ASP D 123 71.44 18.11 2.51
C ASP D 123 71.73 19.53 2.03
N ALA D 124 71.30 20.54 2.77
CA ALA D 124 71.52 21.91 2.35
C ALA D 124 72.54 22.69 3.18
N ARG D 125 72.63 22.37 4.47
CA ARG D 125 73.58 23.08 5.32
C ARG D 125 75.00 22.90 4.80
N PRO D 126 75.81 23.98 4.83
CA PRO D 126 77.20 23.98 4.38
C PRO D 126 78.04 22.90 5.04
N LYS D 127 78.84 22.20 4.23
CA LYS D 127 79.71 21.12 4.70
C LYS D 127 80.86 21.67 5.53
N GLU D 128 81.32 20.87 6.50
CA GLU D 128 82.42 21.30 7.35
C GLU D 128 83.54 21.85 6.46
N GLY D 129 83.93 23.08 6.74
CA GLY D 129 84.96 23.72 5.95
C GLY D 129 84.41 24.98 5.32
N ASP D 130 83.19 24.88 4.79
CA ASP D 130 82.53 26.01 4.17
C ASP D 130 81.96 26.91 5.27
N ASP D 131 82.44 28.15 5.35
CA ASP D 131 81.97 29.06 6.39
C ASP D 131 80.82 29.95 5.97
N ARG D 132 80.33 29.73 4.75
CA ARG D 132 79.21 30.50 4.21
C ARG D 132 78.06 30.63 5.22
N PRO D 133 77.46 31.83 5.31
CA PRO D 133 76.35 32.03 6.24
C PRO D 133 75.16 31.18 5.81
N PHE D 134 74.58 30.46 6.77
CA PHE D 134 73.43 29.56 6.53
C PHE D 134 72.42 29.66 7.66
N PHE D 135 71.20 30.01 7.34
CA PHE D 135 70.17 30.13 8.38
C PHE D 135 69.00 29.20 8.11
N TRP D 136 68.47 28.62 9.19
CA TRP D 136 67.35 27.69 9.07
C TRP D 136 66.38 27.88 10.23
N LEU D 137 65.12 27.54 9.97
CA LEU D 137 64.08 27.64 10.98
C LEU D 137 63.01 26.57 10.78
N PHE D 138 62.47 26.08 11.89
CA PHE D 138 61.46 25.02 11.85
C PHE D 138 60.46 25.24 13.00
N GLU D 139 59.18 25.20 12.68
CA GLU D 139 58.16 25.44 13.69
C GLU D 139 57.26 24.24 13.94
N ASN D 140 56.46 24.33 15.00
CA ASN D 140 55.51 23.28 15.32
C ASN D 140 54.77 23.53 16.63
N VAL D 141 53.62 22.89 16.78
CA VAL D 141 52.79 23.04 17.97
C VAL D 141 53.50 22.79 19.29
N VAL D 142 53.27 23.69 20.25
CA VAL D 142 53.87 23.58 21.57
C VAL D 142 53.25 22.36 22.26
N ALA D 143 51.96 22.17 22.00
CA ALA D 143 51.18 21.08 22.56
C ALA D 143 51.49 19.72 21.92
N MET D 144 52.69 19.20 22.15
CA MET D 144 53.09 17.90 21.58
C MET D 144 53.68 17.02 22.67
N GLY D 145 53.84 15.73 22.36
CA GLY D 145 54.39 14.79 23.33
C GLY D 145 55.84 15.01 23.70
N VAL D 146 56.14 15.02 24.99
CA VAL D 146 57.50 15.25 25.47
C VAL D 146 58.57 14.43 24.77
N SER D 147 58.20 13.23 24.30
CA SER D 147 59.15 12.37 23.61
C SER D 147 59.46 12.92 22.23
N ASP D 148 58.41 13.40 21.56
CA ASP D 148 58.55 13.97 20.22
C ASP D 148 59.37 15.26 20.28
N LYS D 149 59.03 16.15 21.21
CA LYS D 149 59.77 17.38 21.36
C LYS D 149 61.25 17.00 21.49
N ARG D 150 61.53 15.99 22.31
CA ARG D 150 62.89 15.52 22.52
C ARG D 150 63.48 15.06 21.19
N ASP D 151 62.93 13.98 20.65
CA ASP D 151 63.42 13.44 19.39
C ASP D 151 63.71 14.56 18.38
N ILE D 152 62.74 15.46 18.19
CA ILE D 152 62.94 16.55 17.25
C ILE D 152 64.19 17.33 17.63
N SER D 153 64.26 17.73 18.88
CA SER D 153 65.42 18.47 19.35
C SER D 153 66.69 17.67 19.09
N ARG D 154 66.63 16.36 19.33
CA ARG D 154 67.79 15.50 19.16
C ARG D 154 68.18 15.37 17.69
N PHE D 155 67.18 15.39 16.81
CA PHE D 155 67.45 15.31 15.37
C PHE D 155 68.00 16.62 14.81
N LEU D 156 67.32 17.73 15.09
CA LEU D 156 67.78 19.04 14.62
C LEU D 156 68.95 19.50 15.46
N GLU D 157 69.31 18.70 16.46
CA GLU D 157 70.42 19.00 17.34
C GLU D 157 70.35 20.39 17.97
N SER D 158 69.26 20.66 18.67
CA SER D 158 69.07 21.94 19.35
C SER D 158 67.71 21.98 20.03
N ASN D 159 67.50 22.98 20.88
CA ASN D 159 66.25 23.13 21.61
C ASN D 159 65.41 24.27 21.07
N PRO D 160 64.08 24.13 21.15
CA PRO D 160 63.16 25.14 20.65
C PRO D 160 63.17 26.43 21.45
N VAL D 161 62.30 27.34 21.06
CA VAL D 161 62.14 28.62 21.70
C VAL D 161 60.67 28.95 21.61
N MET D 162 59.91 28.57 22.63
CA MET D 162 58.48 28.84 22.66
C MET D 162 58.25 30.36 22.50
N ILE D 163 57.21 30.72 21.77
CA ILE D 163 56.88 32.12 21.52
C ILE D 163 55.44 32.18 21.06
N ASP D 164 54.63 32.97 21.78
CA ASP D 164 53.20 33.09 21.48
C ASP D 164 52.86 34.43 20.84
N ALA D 165 52.14 34.35 19.72
CA ALA D 165 51.73 35.51 18.97
C ALA D 165 50.79 36.40 19.78
N LYS D 166 50.43 35.96 20.99
CA LYS D 166 49.54 36.74 21.84
C LYS D 166 50.21 38.05 22.19
N GLU D 167 51.54 38.01 22.29
CA GLU D 167 52.33 39.20 22.64
C GLU D 167 52.42 40.22 21.50
N VAL D 168 51.96 39.86 20.31
CA VAL D 168 52.07 40.78 19.19
C VAL D 168 50.89 40.72 18.21
N SER D 169 49.79 40.09 18.63
CA SER D 169 48.63 39.94 17.77
C SER D 169 47.40 39.52 18.56
N ALA D 170 46.24 39.80 18.02
CA ALA D 170 44.99 39.48 18.69
C ALA D 170 44.67 37.99 18.78
N ALA D 171 45.68 37.15 18.85
CA ALA D 171 45.39 35.73 18.96
C ALA D 171 46.39 34.98 19.84
N HIS D 172 45.98 33.80 20.28
CA HIS D 172 46.80 32.95 21.13
C HIS D 172 47.43 31.83 20.33
N ARG D 173 48.65 32.01 19.83
CA ARG D 173 49.31 30.93 19.10
C ARG D 173 50.70 30.62 19.69
N ALA D 174 50.72 29.71 20.66
CA ALA D 174 51.97 29.32 21.30
C ALA D 174 52.58 28.22 20.43
N ARG D 175 53.74 28.51 19.86
CA ARG D 175 54.41 27.56 18.99
C ARG D 175 55.89 27.43 19.31
N TYR D 176 56.45 26.24 19.12
CA TYR D 176 57.87 25.98 19.37
C TYR D 176 58.70 26.38 18.15
N PHE D 177 59.88 26.95 18.36
CA PHE D 177 60.73 27.35 17.25
C PHE D 177 62.19 26.90 17.38
N TRP D 178 62.59 26.00 16.49
CA TRP D 178 63.94 25.49 16.44
C TRP D 178 64.64 26.27 15.33
N GLY D 179 65.91 26.63 15.52
CA GLY D 179 66.60 27.38 14.47
C GLY D 179 67.89 28.04 14.91
N ASN D 180 68.62 28.58 13.94
CA ASN D 180 69.91 29.26 14.16
C ASN D 180 69.81 30.74 13.84
N LEU D 181 68.61 31.24 13.60
CA LEU D 181 68.44 32.64 13.26
C LEU D 181 68.91 33.47 14.44
N PRO D 182 69.66 34.57 14.18
CA PRO D 182 70.18 35.45 15.23
C PRO D 182 69.10 36.11 16.08
N GLY D 183 69.33 36.12 17.39
CA GLY D 183 68.39 36.74 18.31
C GLY D 183 67.00 36.16 18.34
N MET D 184 66.90 34.84 18.34
CA MET D 184 65.58 34.20 18.38
C MET D 184 64.98 34.28 19.78
N ASN D 185 65.83 34.50 20.79
CA ASN D 185 65.38 34.56 22.18
C ASN D 185 64.89 35.93 22.61
N ARG D 186 65.56 36.99 22.14
CA ARG D 186 65.18 38.33 22.54
C ARG D 186 63.68 38.54 22.47
N PRO D 187 63.11 39.17 23.51
CA PRO D 187 61.67 39.45 23.59
C PRO D 187 61.11 40.15 22.37
N LEU D 188 59.83 39.94 22.12
CA LEU D 188 59.20 40.56 20.96
C LEU D 188 58.81 42.00 21.29
N ALA D 189 58.34 42.73 20.29
CA ALA D 189 57.93 44.11 20.49
C ALA D 189 56.75 44.46 19.59
N SER D 190 55.81 45.23 20.12
CA SER D 190 54.65 45.64 19.34
C SER D 190 55.07 46.76 18.38
N THR D 191 54.29 46.97 17.34
CA THR D 191 54.59 48.01 16.37
C THR D 191 53.46 49.01 16.32
N VAL D 192 53.75 50.22 15.87
CA VAL D 192 52.73 51.27 15.78
C VAL D 192 51.52 50.67 15.08
N ASN D 193 51.81 49.75 14.15
CA ASN D 193 50.82 49.04 13.38
C ASN D 193 50.89 47.55 13.72
N ASP D 194 49.96 47.09 14.57
CA ASP D 194 49.93 45.70 14.99
C ASP D 194 48.65 45.49 15.79
N LYS D 195 47.57 45.12 15.13
CA LYS D 195 46.29 44.90 15.80
C LYS D 195 46.45 43.87 16.93
N LEU D 196 46.47 44.34 18.18
CA LEU D 196 46.61 43.47 19.35
C LEU D 196 45.24 43.17 19.93
N GLU D 197 44.31 44.08 19.66
CA GLU D 197 42.97 43.93 20.16
C GLU D 197 42.08 43.31 19.09
N LEU D 198 41.43 42.22 19.46
CA LEU D 198 40.54 41.51 18.56
C LEU D 198 39.49 42.46 17.98
N GLN D 199 39.18 43.53 18.69
CA GLN D 199 38.21 44.50 18.16
C GLN D 199 38.83 45.26 16.98
N GLU D 200 40.11 45.66 17.09
CA GLU D 200 40.76 46.38 16.02
C GLU D 200 41.00 45.52 14.77
N CYS D 201 40.37 44.37 14.68
CA CYS D 201 40.55 43.53 13.53
C CYS D 201 39.22 43.36 12.83
N LEU D 202 38.16 43.49 13.61
CA LEU D 202 36.83 43.32 13.07
C LEU D 202 36.52 44.39 12.04
N GLU D 203 35.59 44.10 11.14
CA GLU D 203 35.22 45.07 10.11
C GLU D 203 34.18 46.03 10.69
N HIS D 204 34.04 47.22 10.11
CA HIS D 204 33.07 48.19 10.63
C HIS D 204 31.68 47.65 10.93
N GLY D 205 31.15 48.05 12.08
CA GLY D 205 29.81 47.65 12.49
C GLY D 205 29.69 46.36 13.27
N ARG D 206 30.81 45.86 13.80
CA ARG D 206 30.80 44.63 14.58
C ARG D 206 31.58 44.85 15.87
N ILE D 207 31.12 44.24 16.96
CA ILE D 207 31.78 44.38 18.26
C ILE D 207 32.40 43.06 18.76
N ALA D 208 33.59 43.18 19.32
CA ALA D 208 34.37 42.04 19.83
C ALA D 208 34.04 41.67 21.28
N LYS D 209 33.94 40.36 21.55
CA LYS D 209 33.65 39.85 22.91
C LYS D 209 34.93 39.79 23.72
N PHE D 210 35.89 39.02 23.24
CA PHE D 210 37.16 38.88 23.95
C PHE D 210 38.18 39.86 23.42
N SER D 211 39.36 39.85 24.03
CA SER D 211 40.42 40.74 23.61
C SER D 211 41.35 40.01 22.63
N LYS D 212 41.29 38.69 22.70
CA LYS D 212 42.12 37.83 21.87
C LYS D 212 41.42 36.49 21.61
N VAL D 213 41.46 36.06 20.33
CA VAL D 213 40.85 34.80 19.89
C VAL D 213 41.78 33.65 20.29
N ARG D 214 41.21 32.48 20.60
CA ARG D 214 42.03 31.32 21.01
C ARG D 214 41.87 30.13 20.07
N PHE D 231 31.52 32.24 19.68
CA PHE D 231 31.01 33.16 18.67
C PHE D 231 31.59 34.56 18.81
N PRO D 232 32.94 34.68 18.75
CA PRO D 232 33.80 35.85 18.85
C PRO D 232 33.24 37.27 18.68
N VAL D 233 32.59 37.53 17.56
CA VAL D 233 32.09 38.88 17.36
C VAL D 233 30.64 39.08 17.71
N PHE D 234 30.33 40.34 18.01
CA PHE D 234 29.00 40.80 18.35
C PHE D 234 28.63 41.73 17.22
N MET D 235 27.68 41.33 16.37
CA MET D 235 27.29 42.19 15.28
C MET D 235 25.85 42.66 15.45
N ASN D 236 25.57 43.88 15.01
CA ASN D 236 24.24 44.49 15.11
C ASN D 236 23.09 43.59 15.62
N GLU D 237 23.10 43.33 16.93
CA GLU D 237 22.06 42.52 17.56
C GLU D 237 22.13 41.04 17.20
N LYS D 238 23.31 40.57 16.82
CA LYS D 238 23.51 39.19 16.40
C LYS D 238 24.85 38.62 16.84
N GLU D 239 24.81 37.37 17.31
CA GLU D 239 26.00 36.66 17.77
C GLU D 239 26.55 35.91 16.56
N ASP D 240 27.78 36.22 16.14
CA ASP D 240 28.35 35.57 14.95
C ASP D 240 29.86 35.29 14.94
N ILE D 241 30.27 34.42 14.01
CA ILE D 241 31.66 33.97 13.86
C ILE D 241 32.57 34.84 13.01
N LEU D 242 33.82 34.98 13.48
CA LEU D 242 34.84 35.79 12.82
C LEU D 242 34.79 35.74 11.30
N TRP D 243 35.19 36.84 10.66
CA TRP D 243 35.18 36.88 9.19
C TRP D 243 36.57 36.64 8.63
N CYS D 244 36.65 35.94 7.51
CA CYS D 244 37.96 35.67 6.92
C CYS D 244 38.81 36.93 6.70
N THR D 245 38.11 38.05 6.47
CA THR D 245 38.74 39.33 6.25
C THR D 245 39.38 39.82 7.52
N GLU D 246 38.69 39.59 8.64
CA GLU D 246 39.17 40.01 9.96
C GLU D 246 40.17 38.98 10.46
N MET D 247 39.96 37.72 10.07
CA MET D 247 40.86 36.67 10.50
C MET D 247 42.23 36.92 9.89
N GLU D 248 42.28 37.23 8.60
CA GLU D 248 43.59 37.51 7.99
C GLU D 248 44.20 38.59 8.86
N ARG D 249 43.37 39.61 9.10
CA ARG D 249 43.72 40.77 9.90
C ARG D 249 44.11 40.39 11.34
N VAL D 250 43.64 39.23 11.78
CA VAL D 250 43.95 38.74 13.11
C VAL D 250 45.37 38.17 13.01
N PHE D 251 45.61 37.46 11.93
CA PHE D 251 46.90 36.82 11.76
C PHE D 251 48.08 37.64 11.29
N GLY D 252 47.86 38.92 10.98
CA GLY D 252 48.98 39.73 10.55
C GLY D 252 49.22 39.77 9.06
N PHE D 253 48.28 39.19 8.30
CA PHE D 253 48.36 39.15 6.85
C PHE D 253 47.61 40.34 6.37
N PRO D 254 47.82 40.71 5.11
CA PRO D 254 47.10 41.87 4.58
C PRO D 254 45.66 41.46 4.26
N VAL D 255 44.74 42.40 4.41
CA VAL D 255 43.37 42.08 4.13
C VAL D 255 43.28 41.61 2.71
N HIS D 256 42.45 40.62 2.51
CA HIS D 256 42.23 40.02 1.21
C HIS D 256 43.39 39.13 0.72
N TYR D 257 44.38 38.91 1.56
CA TYR D 257 45.51 38.06 1.17
C TYR D 257 45.07 36.66 0.75
N THR D 258 43.95 36.17 1.26
CA THR D 258 43.51 34.84 0.86
C THR D 258 42.28 34.81 0.01
N ASP D 259 41.92 35.91 -0.63
CA ASP D 259 40.73 35.92 -1.49
C ASP D 259 41.14 35.58 -2.92
N VAL D 260 41.55 34.33 -3.18
CA VAL D 260 42.01 33.95 -4.50
C VAL D 260 41.31 32.89 -5.36
N SER D 261 41.12 31.68 -4.89
CA SER D 261 40.46 30.71 -5.77
C SER D 261 38.99 31.09 -5.82
N ASN D 262 38.11 30.13 -6.08
CA ASN D 262 36.70 30.39 -5.97
C ASN D 262 36.54 29.55 -4.72
N MET D 263 37.69 29.40 -4.07
CA MET D 263 37.93 28.71 -2.81
C MET D 263 36.83 28.98 -1.79
N SER D 264 36.23 27.93 -1.24
CA SER D 264 35.15 28.11 -0.24
C SER D 264 35.69 28.82 0.99
N ARG D 265 34.81 29.05 1.96
CA ARG D 265 35.23 29.72 3.19
C ARG D 265 36.04 28.77 4.06
N LEU D 266 35.49 27.57 4.24
CA LEU D 266 36.13 26.54 5.04
C LEU D 266 37.56 26.30 4.54
N ALA D 267 37.71 26.26 3.21
CA ALA D 267 39.01 26.08 2.58
C ALA D 267 39.88 27.27 2.98
N ARG D 268 39.40 28.48 2.65
CA ARG D 268 40.09 29.74 2.94
C ARG D 268 40.43 29.80 4.43
N GLN D 269 39.47 29.35 5.24
CA GLN D 269 39.68 29.31 6.67
C GLN D 269 40.86 28.41 6.98
N ARG D 270 40.78 27.18 6.45
CA ARG D 270 41.80 26.16 6.65
C ARG D 270 43.18 26.67 6.32
N LEU D 271 43.29 27.40 5.21
CA LEU D 271 44.58 27.95 4.81
C LEU D 271 45.23 28.71 5.96
N LEU D 272 44.61 29.85 6.30
CA LEU D 272 45.05 30.73 7.37
C LEU D 272 45.22 29.90 8.65
N GLY D 273 44.16 29.17 8.97
CA GLY D 273 44.17 28.35 10.15
C GLY D 273 45.55 27.85 10.51
N ARG D 274 46.16 27.13 9.56
CA ARG D 274 47.48 26.56 9.79
C ARG D 274 48.72 27.39 9.39
N SER D 275 48.64 28.73 9.38
CA SER D 275 49.83 29.50 9.01
C SER D 275 50.61 30.03 10.21
N TRP D 276 51.66 30.79 9.92
CA TRP D 276 52.45 31.42 10.98
C TRP D 276 51.95 32.86 11.15
N SER D 277 52.10 33.40 12.36
CA SER D 277 51.66 34.77 12.58
C SER D 277 52.76 35.65 11.98
N VAL D 278 52.36 36.44 10.99
CA VAL D 278 53.28 37.31 10.30
C VAL D 278 54.16 38.13 11.24
N PRO D 279 53.56 38.72 12.30
CA PRO D 279 54.33 39.53 13.27
C PRO D 279 55.44 38.69 13.90
N VAL D 280 55.03 37.51 14.34
CA VAL D 280 55.92 36.55 14.94
C VAL D 280 57.00 36.20 13.91
N ILE D 281 56.63 36.15 12.64
CA ILE D 281 57.63 35.82 11.64
C ILE D 281 58.46 37.03 11.18
N ARG D 282 57.88 38.24 11.22
CA ARG D 282 58.66 39.41 10.83
C ARG D 282 59.76 39.46 11.86
N HIS D 283 59.36 39.30 13.12
CA HIS D 283 60.29 39.29 14.25
C HIS D 283 61.53 38.44 13.95
N LEU D 284 61.32 37.13 13.86
CA LEU D 284 62.39 36.15 13.59
C LEU D 284 63.26 36.43 12.36
N PHE D 285 62.65 36.89 11.28
CA PHE D 285 63.41 37.18 10.07
C PHE D 285 64.12 38.53 10.16
N ALA D 286 63.47 39.50 10.81
CA ALA D 286 64.00 40.85 10.95
C ALA D 286 65.51 40.96 10.86
N PRO D 287 66.24 40.34 11.83
CA PRO D 287 67.70 40.40 11.81
C PRO D 287 68.33 39.97 10.49
N LEU D 288 67.56 39.28 9.66
CA LEU D 288 68.12 38.84 8.40
C LEU D 288 68.39 39.96 7.41
N LYS D 289 67.89 41.16 7.68
CA LYS D 289 68.14 42.29 6.78
C LYS D 289 69.65 42.54 6.68
N GLU D 290 70.31 42.40 7.84
CA GLU D 290 71.73 42.64 8.00
C GLU D 290 72.69 41.70 7.27
N TYR D 291 72.21 40.82 6.41
CA TYR D 291 73.13 39.91 5.72
C TYR D 291 72.90 39.82 4.22
N PHE D 292 71.75 40.29 3.75
CA PHE D 292 71.48 40.20 2.32
C PHE D 292 71.08 41.53 1.69
N ALA D 293 70.94 41.49 0.37
CA ALA D 293 70.55 42.63 -0.46
C ALA D 293 69.33 43.39 0.02
N CYS D 294 69.53 44.65 0.43
CA CYS D 294 68.44 45.47 0.92
C CYS D 294 67.67 46.08 -0.24
N VAL D 295 66.62 45.39 -0.68
CA VAL D 295 65.78 45.84 -1.78
C VAL D 295 65.45 47.32 -1.60
N PRO E 10 -56.10 1.64 -34.87
CA PRO E 10 -55.12 0.81 -34.14
C PRO E 10 -55.19 1.10 -32.64
N ALA E 11 -54.46 0.33 -31.85
CA ALA E 11 -54.43 0.51 -30.39
C ALA E 11 -53.00 0.39 -29.83
N GLU E 12 -52.89 0.13 -28.53
CA GLU E 12 -51.59 -0.03 -27.87
C GLU E 12 -51.75 -0.98 -26.68
N LYS E 13 -52.15 -2.22 -26.96
CA LYS E 13 -52.36 -3.22 -25.93
C LYS E 13 -51.12 -3.40 -25.05
N ARG E 14 -51.30 -3.41 -23.74
CA ARG E 14 -50.17 -3.63 -22.84
C ARG E 14 -49.51 -4.92 -23.31
N LYS E 15 -48.21 -5.01 -23.15
CA LYS E 15 -47.52 -6.21 -23.59
C LYS E 15 -46.98 -6.96 -22.41
N PRO E 16 -46.41 -8.16 -22.65
CA PRO E 16 -45.82 -9.02 -21.63
C PRO E 16 -44.54 -8.43 -21.06
N ILE E 17 -44.29 -8.74 -19.81
CA ILE E 17 -43.15 -8.22 -19.05
C ILE E 17 -41.82 -8.91 -19.39
N ARG E 18 -40.78 -8.12 -19.55
CA ARG E 18 -39.45 -8.63 -19.88
C ARG E 18 -38.56 -8.34 -18.67
N VAL E 19 -38.24 -9.40 -17.93
CA VAL E 19 -37.49 -9.28 -16.69
C VAL E 19 -36.05 -9.71 -16.71
N LEU E 20 -35.28 -9.12 -15.80
CA LEU E 20 -33.87 -9.44 -15.61
C LEU E 20 -33.68 -9.66 -14.09
N SER E 21 -33.38 -10.91 -13.75
CA SER E 21 -33.20 -11.30 -12.35
C SER E 21 -31.74 -11.52 -12.07
N LEU E 22 -31.19 -10.79 -11.12
CA LEU E 22 -29.78 -10.97 -10.75
C LEU E 22 -29.71 -11.59 -9.38
N PHE E 23 -28.95 -12.68 -9.27
CA PHE E 23 -28.85 -13.43 -8.02
C PHE E 23 -30.24 -14.08 -7.83
N ASP E 24 -30.84 -14.47 -8.93
CA ASP E 24 -32.17 -15.05 -8.94
C ASP E 24 -32.55 -16.08 -7.88
N GLY E 25 -31.54 -16.74 -7.29
CA GLY E 25 -31.81 -17.78 -6.29
C GLY E 25 -32.74 -18.87 -6.77
N ILE E 26 -33.86 -19.07 -6.07
CA ILE E 26 -34.80 -20.09 -6.50
C ILE E 26 -36.01 -19.64 -7.32
N ALA E 27 -35.83 -18.56 -8.08
CA ALA E 27 -36.87 -18.07 -8.99
C ALA E 27 -38.09 -17.47 -8.35
N THR E 28 -37.92 -16.95 -7.14
CA THR E 28 -39.03 -16.34 -6.42
C THR E 28 -39.67 -15.29 -7.31
N GLY E 29 -38.84 -14.49 -7.96
CA GLY E 29 -39.37 -13.46 -8.83
C GLY E 29 -40.36 -13.98 -9.86
N LEU E 30 -39.93 -14.96 -10.65
CA LEU E 30 -40.80 -15.51 -11.66
C LEU E 30 -42.00 -16.19 -11.04
N LEU E 31 -41.76 -16.82 -9.90
CA LEU E 31 -42.82 -17.52 -9.18
C LEU E 31 -43.93 -16.54 -8.93
N VAL E 32 -43.59 -15.43 -8.27
CA VAL E 32 -44.60 -14.42 -7.97
C VAL E 32 -45.16 -13.77 -9.23
N LEU E 33 -44.32 -13.44 -10.20
CA LEU E 33 -44.82 -12.82 -11.42
C LEU E 33 -45.94 -13.67 -12.01
N LYS E 34 -45.76 -14.99 -12.00
CA LYS E 34 -46.75 -15.91 -12.52
C LYS E 34 -47.99 -15.85 -11.65
N ASP E 35 -47.77 -15.85 -10.34
CA ASP E 35 -48.84 -15.83 -9.35
C ASP E 35 -49.83 -14.74 -9.58
N LEU E 36 -49.32 -13.53 -9.85
CA LEU E 36 -50.14 -12.36 -10.08
C LEU E 36 -50.84 -12.37 -11.43
N GLY E 37 -50.59 -13.41 -12.22
CA GLY E 37 -51.19 -13.54 -13.53
C GLY E 37 -50.65 -12.63 -14.61
N ILE E 38 -49.38 -12.27 -14.51
CA ILE E 38 -48.72 -11.40 -15.48
C ILE E 38 -47.94 -12.15 -16.54
N GLN E 39 -48.26 -11.94 -17.81
CA GLN E 39 -47.56 -12.63 -18.89
C GLN E 39 -46.07 -12.25 -18.89
N VAL E 40 -45.18 -13.25 -19.03
CA VAL E 40 -43.76 -12.98 -19.02
C VAL E 40 -43.10 -13.31 -20.35
N ASP E 41 -42.67 -12.28 -21.08
CA ASP E 41 -42.01 -12.46 -22.36
C ASP E 41 -40.70 -13.18 -22.15
N ARG E 42 -39.91 -12.70 -21.21
CA ARG E 42 -38.65 -13.35 -20.96
C ARG E 42 -38.20 -13.12 -19.53
N TYR E 43 -37.58 -14.14 -18.95
CA TYR E 43 -37.10 -14.06 -17.57
C TYR E 43 -35.63 -14.47 -17.63
N ILE E 44 -34.74 -13.51 -17.67
CA ILE E 44 -33.32 -13.82 -17.72
C ILE E 44 -32.69 -13.76 -16.34
N ALA E 45 -32.12 -14.90 -15.90
CA ALA E 45 -31.54 -15.07 -14.56
C ALA E 45 -30.04 -15.10 -14.50
N SER E 46 -29.47 -14.50 -13.48
CA SER E 46 -28.02 -14.56 -13.31
C SER E 46 -27.82 -15.30 -12.01
N GLU E 47 -27.53 -16.60 -12.11
CA GLU E 47 -27.33 -17.43 -10.93
C GLU E 47 -26.08 -18.24 -11.12
N VAL E 48 -25.37 -18.45 -10.01
CA VAL E 48 -24.13 -19.18 -9.95
C VAL E 48 -24.27 -20.54 -9.23
N CYS E 49 -25.20 -20.61 -8.28
CA CYS E 49 -25.46 -21.83 -7.50
C CYS E 49 -26.26 -22.89 -8.26
N GLU E 50 -25.60 -24.02 -8.52
CA GLU E 50 -26.20 -25.12 -9.26
C GLU E 50 -27.51 -25.63 -8.70
N ASP E 51 -27.59 -25.76 -7.38
CA ASP E 51 -28.81 -26.25 -6.71
C ASP E 51 -30.01 -25.39 -7.02
N SER E 52 -29.83 -24.09 -6.80
CA SER E 52 -30.87 -23.11 -7.06
C SER E 52 -31.23 -23.17 -8.54
N ILE E 53 -30.18 -23.06 -9.38
CA ILE E 53 -30.36 -23.07 -10.82
C ILE E 53 -31.19 -24.25 -11.23
N THR E 54 -30.97 -25.40 -10.63
CA THR E 54 -31.79 -26.55 -11.01
C THR E 54 -33.25 -26.32 -10.63
N VAL E 55 -33.49 -25.82 -9.42
CA VAL E 55 -34.83 -25.58 -8.93
C VAL E 55 -35.60 -24.71 -9.92
N GLY E 56 -34.99 -23.60 -10.32
CA GLY E 56 -35.64 -22.74 -11.29
C GLY E 56 -35.96 -23.51 -12.56
N MET E 57 -34.93 -24.14 -13.09
CA MET E 57 -35.05 -24.94 -14.30
C MET E 57 -36.26 -25.85 -14.25
N VAL E 58 -36.31 -26.73 -13.26
CA VAL E 58 -37.42 -27.67 -13.14
C VAL E 58 -38.78 -27.04 -12.88
N ARG E 59 -38.83 -26.19 -11.86
CA ARG E 59 -40.06 -25.54 -11.45
C ARG E 59 -40.69 -24.66 -12.52
N HIS E 60 -39.88 -24.02 -13.37
CA HIS E 60 -40.48 -23.19 -14.43
C HIS E 60 -40.34 -23.79 -15.83
N GLN E 61 -39.96 -25.06 -15.84
CA GLN E 61 -39.82 -25.86 -17.04
C GLN E 61 -39.06 -25.24 -18.18
N GLY E 62 -37.90 -24.67 -17.90
CA GLY E 62 -37.10 -24.08 -18.95
C GLY E 62 -37.25 -22.60 -19.19
N LYS E 63 -38.49 -22.08 -19.12
CA LYS E 63 -38.73 -20.66 -19.35
C LYS E 63 -37.59 -19.72 -18.97
N ILE E 64 -36.95 -19.95 -17.82
CA ILE E 64 -35.87 -19.05 -17.41
C ILE E 64 -34.60 -19.22 -18.22
N MET E 65 -34.14 -18.16 -18.86
CA MET E 65 -32.89 -18.23 -19.65
C MET E 65 -31.78 -17.97 -18.63
N TYR E 66 -31.08 -19.01 -18.22
CA TYR E 66 -30.01 -18.85 -17.24
C TYR E 66 -28.67 -18.42 -17.81
N VAL E 67 -28.39 -17.15 -17.64
CA VAL E 67 -27.12 -16.57 -18.02
C VAL E 67 -26.19 -17.10 -16.90
N GLY E 68 -24.99 -16.54 -16.77
CA GLY E 68 -24.12 -17.10 -15.74
C GLY E 68 -23.87 -16.25 -14.54
N ASP E 69 -22.59 -16.12 -14.21
CA ASP E 69 -22.16 -15.31 -13.08
C ASP E 69 -22.44 -13.86 -13.46
N VAL E 70 -23.05 -13.08 -12.56
CA VAL E 70 -23.35 -11.69 -12.86
C VAL E 70 -22.25 -10.96 -13.59
N ARG E 71 -21.06 -10.90 -13.01
CA ARG E 71 -19.96 -10.18 -13.64
C ARG E 71 -19.39 -10.85 -14.89
N SER E 72 -20.27 -11.32 -15.76
CA SER E 72 -19.88 -11.96 -17.01
C SER E 72 -20.93 -11.45 -17.96
N VAL E 73 -21.77 -10.59 -17.40
CA VAL E 73 -22.85 -9.94 -18.11
C VAL E 73 -22.28 -8.56 -18.50
N THR E 74 -22.47 -8.17 -19.75
CA THR E 74 -21.93 -6.90 -20.22
C THR E 74 -22.96 -6.00 -20.85
N GLN E 75 -22.64 -4.71 -20.92
CA GLN E 75 -23.51 -3.73 -21.53
C GLN E 75 -23.98 -4.32 -22.86
N LYS E 76 -23.02 -4.87 -23.61
CA LYS E 76 -23.33 -5.48 -24.91
C LYS E 76 -24.42 -6.52 -24.71
N HIS E 77 -24.30 -7.29 -23.63
CA HIS E 77 -25.28 -8.33 -23.32
C HIS E 77 -26.67 -7.76 -23.08
N ILE E 78 -26.73 -6.71 -22.27
CA ILE E 78 -28.00 -6.08 -21.92
C ILE E 78 -28.89 -5.66 -23.10
N GLN E 79 -28.45 -4.72 -23.93
CA GLN E 79 -29.35 -4.34 -25.01
C GLN E 79 -29.45 -5.46 -26.03
N GLU E 80 -28.50 -6.39 -25.99
CA GLU E 80 -28.54 -7.53 -26.89
C GLU E 80 -29.60 -8.48 -26.35
N TRP E 81 -29.66 -8.62 -25.02
CA TRP E 81 -30.64 -9.47 -24.32
C TRP E 81 -32.02 -8.84 -24.43
N GLY E 82 -32.21 -8.00 -25.45
CA GLY E 82 -33.48 -7.32 -25.65
C GLY E 82 -33.65 -6.31 -24.53
N PRO E 83 -34.50 -5.27 -24.69
CA PRO E 83 -34.70 -4.26 -23.63
C PRO E 83 -35.46 -4.86 -22.43
N PHE E 84 -35.18 -4.37 -21.22
CA PHE E 84 -35.84 -4.91 -20.03
C PHE E 84 -36.86 -3.95 -19.37
N ASP E 85 -37.97 -4.51 -18.89
CA ASP E 85 -38.98 -3.73 -18.21
C ASP E 85 -38.79 -3.77 -16.72
N LEU E 86 -38.41 -4.93 -16.23
CA LEU E 86 -38.21 -5.13 -14.80
C LEU E 86 -36.81 -5.65 -14.49
N VAL E 87 -36.16 -5.07 -13.50
CA VAL E 87 -34.83 -5.53 -13.10
C VAL E 87 -34.91 -5.73 -11.59
N ILE E 88 -34.73 -6.98 -11.16
CA ILE E 88 -34.85 -7.25 -9.74
C ILE E 88 -33.59 -7.89 -9.28
N GLY E 89 -33.33 -7.81 -7.97
CA GLY E 89 -32.13 -8.43 -7.47
C GLY E 89 -31.90 -8.34 -5.97
N GLY E 90 -31.17 -9.33 -5.46
CA GLY E 90 -30.81 -9.35 -4.06
C GLY E 90 -29.40 -9.91 -3.91
N SER E 91 -28.38 -9.05 -4.00
CA SER E 91 -27.01 -9.52 -3.86
C SER E 91 -26.75 -10.12 -2.46
N PRO E 92 -25.83 -11.09 -2.35
CA PRO E 92 -25.44 -11.79 -1.12
C PRO E 92 -25.30 -10.90 0.10
N CYS E 93 -25.94 -11.29 1.19
CA CYS E 93 -25.92 -10.45 2.39
C CYS E 93 -24.78 -10.73 3.36
N ASN E 94 -24.28 -11.93 3.36
CA ASN E 94 -23.21 -12.23 4.30
C ASN E 94 -22.18 -11.18 4.65
N ASP E 95 -21.46 -10.60 3.71
CA ASP E 95 -20.44 -9.58 4.07
C ASP E 95 -21.02 -8.20 4.40
N LEU E 96 -22.32 -8.17 4.70
CA LEU E 96 -22.96 -6.92 5.07
C LEU E 96 -23.60 -7.07 6.44
N SER E 97 -23.91 -8.32 6.82
CA SER E 97 -24.57 -8.56 8.09
C SER E 97 -23.74 -8.27 9.31
N ILE E 98 -24.23 -7.33 10.11
CA ILE E 98 -23.57 -6.92 11.34
C ILE E 98 -23.28 -8.11 12.25
N VAL E 99 -24.07 -9.17 12.09
CA VAL E 99 -23.89 -10.37 12.89
C VAL E 99 -22.56 -11.07 12.56
N ASN E 100 -22.26 -11.24 11.27
CA ASN E 100 -21.03 -11.92 10.86
C ASN E 100 -19.82 -11.03 11.10
N PRO E 101 -19.08 -11.27 12.21
CA PRO E 101 -17.90 -10.43 12.46
C PRO E 101 -16.84 -10.50 11.37
N ALA E 102 -16.75 -11.63 10.68
CA ALA E 102 -15.78 -11.83 9.61
C ALA E 102 -16.12 -10.98 8.39
N ARG E 103 -17.33 -10.42 8.38
CA ARG E 103 -17.80 -9.61 7.25
C ARG E 103 -16.75 -8.65 6.70
N LYS E 104 -16.64 -8.61 5.39
CA LYS E 104 -15.67 -7.75 4.71
C LYS E 104 -16.33 -6.50 4.13
N GLY E 105 -17.53 -6.18 4.60
CA GLY E 105 -18.22 -4.99 4.12
C GLY E 105 -18.65 -4.97 2.66
N LEU E 106 -19.23 -3.84 2.27
CA LEU E 106 -19.73 -3.62 0.91
C LEU E 106 -18.67 -3.57 -0.20
N TYR E 107 -17.41 -3.30 0.15
CA TYR E 107 -16.39 -3.20 -0.88
C TYR E 107 -15.49 -4.41 -1.13
N GLU E 108 -15.56 -5.40 -0.25
CA GLU E 108 -14.75 -6.60 -0.41
C GLU E 108 -15.68 -7.83 -0.40
N GLY E 109 -15.10 -9.02 -0.26
CA GLY E 109 -15.85 -10.26 -0.22
C GLY E 109 -16.97 -10.31 -1.25
N THR E 110 -18.13 -10.85 -0.85
CA THR E 110 -19.25 -10.89 -1.77
C THR E 110 -19.92 -9.53 -1.76
N GLY E 111 -19.63 -8.74 -0.72
CA GLY E 111 -20.19 -7.40 -0.63
C GLY E 111 -20.16 -6.72 -1.99
N ARG E 112 -18.99 -6.71 -2.63
CA ARG E 112 -18.79 -6.11 -3.94
C ARG E 112 -19.92 -6.43 -4.91
N LEU E 113 -20.40 -7.67 -4.87
CA LEU E 113 -21.43 -8.12 -5.79
C LEU E 113 -22.51 -7.08 -6.04
N PHE E 114 -22.80 -6.29 -5.02
CA PHE E 114 -23.80 -5.23 -5.14
C PHE E 114 -23.56 -4.35 -6.36
N PHE E 115 -22.38 -3.71 -6.43
CA PHE E 115 -22.03 -2.85 -7.56
C PHE E 115 -22.31 -3.50 -8.90
N GLU E 116 -22.26 -4.82 -8.94
CA GLU E 116 -22.57 -5.53 -10.16
C GLU E 116 -24.04 -5.20 -10.53
N PHE E 117 -24.94 -5.26 -9.53
CA PHE E 117 -26.36 -4.98 -9.72
C PHE E 117 -26.46 -3.53 -10.12
N TYR E 118 -25.65 -2.70 -9.50
CA TYR E 118 -25.61 -1.29 -9.82
C TYR E 118 -25.26 -1.12 -11.29
N ARG E 119 -24.09 -1.63 -11.64
CA ARG E 119 -23.60 -1.53 -13.02
C ARG E 119 -24.63 -1.95 -14.06
N LEU E 120 -25.24 -3.14 -13.85
CA LEU E 120 -26.26 -3.64 -14.79
C LEU E 120 -27.53 -2.83 -14.77
N LEU E 121 -27.91 -2.29 -13.62
CA LEU E 121 -29.13 -1.48 -13.50
C LEU E 121 -28.93 -0.30 -14.44
N HIS E 122 -27.77 0.34 -14.29
CA HIS E 122 -27.39 1.47 -15.11
C HIS E 122 -27.40 1.13 -16.60
N ASP E 123 -26.89 -0.05 -16.93
CA ASP E 123 -26.85 -0.49 -18.32
C ASP E 123 -28.22 -0.78 -18.90
N ALA E 124 -29.22 -0.95 -18.04
CA ALA E 124 -30.55 -1.29 -18.51
C ALA E 124 -31.59 -0.21 -18.47
N ARG E 125 -31.51 0.68 -17.48
CA ARG E 125 -32.50 1.75 -17.37
C ARG E 125 -32.52 2.60 -18.63
N PRO E 126 -33.71 2.98 -19.09
CA PRO E 126 -33.91 3.81 -20.29
C PRO E 126 -33.07 5.08 -20.23
N LYS E 127 -32.45 5.41 -21.36
CA LYS E 127 -31.60 6.59 -21.46
C LYS E 127 -32.44 7.86 -21.50
N GLU E 128 -31.88 8.97 -20.99
CA GLU E 128 -32.62 10.23 -20.98
C GLU E 128 -33.26 10.46 -22.33
N GLY E 129 -34.58 10.61 -22.34
CA GLY E 129 -35.28 10.83 -23.59
C GLY E 129 -36.33 9.75 -23.77
N ASP E 130 -35.94 8.51 -23.52
CA ASP E 130 -36.85 7.38 -23.65
C ASP E 130 -37.75 7.36 -22.42
N ASP E 131 -39.05 7.50 -22.63
CA ASP E 131 -39.97 7.52 -21.51
C ASP E 131 -40.62 6.18 -21.20
N ARG E 132 -40.08 5.14 -21.83
CA ARG E 132 -40.54 3.78 -21.64
C ARG E 132 -40.63 3.43 -20.16
N PRO E 133 -41.66 2.66 -19.78
CA PRO E 133 -41.85 2.24 -18.38
C PRO E 133 -40.69 1.30 -17.98
N PHE E 134 -40.10 1.53 -16.82
CA PHE E 134 -39.00 0.70 -16.36
C PHE E 134 -39.02 0.61 -14.85
N PHE E 135 -39.12 -0.61 -14.35
CA PHE E 135 -39.19 -0.86 -12.91
C PHE E 135 -38.02 -1.68 -12.43
N TRP E 136 -37.55 -1.37 -11.22
CA TRP E 136 -36.42 -2.10 -10.64
C TRP E 136 -36.55 -2.22 -9.13
N LEU E 137 -35.99 -3.30 -8.60
CA LEU E 137 -36.04 -3.57 -7.17
C LEU E 137 -34.75 -4.25 -6.70
N PHE E 138 -34.32 -3.93 -5.49
CA PHE E 138 -33.10 -4.49 -4.93
C PHE E 138 -33.28 -4.68 -3.44
N GLU E 139 -32.94 -5.86 -2.94
CA GLU E 139 -33.09 -6.17 -1.52
C GLU E 139 -31.79 -6.44 -0.80
N ASN E 140 -31.88 -6.55 0.52
CA ASN E 140 -30.73 -6.85 1.36
C ASN E 140 -31.06 -6.70 2.83
N VAL E 141 -30.22 -7.30 3.67
CA VAL E 141 -30.41 -7.28 5.14
C VAL E 141 -30.52 -5.92 5.77
N VAL E 142 -31.47 -5.79 6.68
CA VAL E 142 -31.69 -4.56 7.40
C VAL E 142 -30.49 -4.33 8.29
N ALA E 143 -30.02 -5.42 8.91
CA ALA E 143 -28.88 -5.38 9.82
C ALA E 143 -27.54 -5.26 9.10
N MET E 144 -27.23 -4.08 8.60
CA MET E 144 -25.96 -3.84 7.90
C MET E 144 -25.39 -2.53 8.42
N GLY E 145 -24.11 -2.29 8.11
CA GLY E 145 -23.44 -1.08 8.56
C GLY E 145 -24.00 0.21 7.97
N VAL E 146 -24.28 1.18 8.84
CA VAL E 146 -24.84 2.45 8.38
C VAL E 146 -24.09 3.10 7.23
N SER E 147 -22.81 2.80 7.07
CA SER E 147 -22.05 3.39 5.97
C SER E 147 -22.41 2.69 4.67
N ASP E 148 -22.63 1.38 4.76
CA ASP E 148 -22.99 0.61 3.58
C ASP E 148 -24.41 0.99 3.16
N LYS E 149 -25.33 1.06 4.12
CA LYS E 149 -26.71 1.46 3.83
C LYS E 149 -26.63 2.75 3.03
N ARG E 150 -25.81 3.67 3.53
CA ARG E 150 -25.59 4.96 2.89
C ARG E 150 -25.10 4.77 1.47
N ASP E 151 -23.88 4.25 1.36
CA ASP E 151 -23.27 4.04 0.04
C ASP E 151 -24.19 3.40 -0.97
N ILE E 152 -24.93 2.37 -0.54
CA ILE E 152 -25.84 1.73 -1.47
C ILE E 152 -26.90 2.74 -1.86
N SER E 153 -27.51 3.39 -0.87
CA SER E 153 -28.49 4.41 -1.17
C SER E 153 -27.90 5.46 -2.11
N ARG E 154 -26.63 5.82 -1.87
CA ARG E 154 -25.98 6.83 -2.72
C ARG E 154 -25.77 6.30 -4.13
N PHE E 155 -25.50 5.00 -4.25
CA PHE E 155 -25.27 4.42 -5.56
C PHE E 155 -26.56 4.26 -6.38
N LEU E 156 -27.55 3.63 -5.76
CA LEU E 156 -28.85 3.44 -6.42
C LEU E 156 -29.62 4.76 -6.45
N GLU E 157 -29.06 5.80 -5.84
CA GLU E 157 -29.69 7.13 -5.80
C GLU E 157 -31.09 7.03 -5.24
N SER E 158 -31.22 6.47 -4.04
CA SER E 158 -32.53 6.31 -3.44
C SER E 158 -32.41 5.72 -2.03
N ASN E 159 -33.47 5.81 -1.25
CA ASN E 159 -33.42 5.25 0.09
C ASN E 159 -34.35 4.06 0.15
N PRO E 160 -34.00 3.10 0.99
CA PRO E 160 -34.75 1.86 1.19
C PRO E 160 -36.14 2.00 1.79
N VAL E 161 -36.78 0.85 1.98
CA VAL E 161 -38.13 0.78 2.49
C VAL E 161 -38.12 -0.50 3.30
N MET E 162 -37.76 -0.41 4.57
CA MET E 162 -37.72 -1.62 5.37
C MET E 162 -39.14 -2.22 5.47
N ILE E 163 -39.21 -3.54 5.41
CA ILE E 163 -40.48 -4.22 5.50
C ILE E 163 -40.25 -5.65 5.98
N ASP E 164 -41.00 -6.03 7.00
CA ASP E 164 -40.86 -7.33 7.64
C ASP E 164 -41.96 -8.32 7.33
N ALA E 165 -41.55 -9.47 6.81
CA ALA E 165 -42.46 -10.55 6.45
C ALA E 165 -43.32 -10.99 7.63
N LYS E 166 -42.97 -10.47 8.82
CA LYS E 166 -43.67 -10.79 10.07
C LYS E 166 -45.12 -10.46 9.93
N GLU E 167 -45.41 -9.36 9.24
CA GLU E 167 -46.77 -8.90 9.08
C GLU E 167 -47.61 -9.67 8.07
N VAL E 168 -47.00 -10.62 7.38
CA VAL E 168 -47.75 -11.35 6.38
C VAL E 168 -47.35 -12.83 6.26
N SER E 169 -46.55 -13.29 7.21
CA SER E 169 -46.06 -14.67 7.24
C SER E 169 -45.55 -15.06 8.61
N ALA E 170 -45.59 -16.36 8.91
CA ALA E 170 -45.16 -16.86 10.22
C ALA E 170 -43.64 -16.77 10.49
N ALA E 171 -42.99 -15.71 10.01
CA ALA E 171 -41.57 -15.58 10.22
C ALA E 171 -41.17 -14.12 10.34
N HIS E 172 -39.98 -13.89 10.91
CA HIS E 172 -39.48 -12.55 11.10
C HIS E 172 -38.34 -12.19 10.15
N ARG E 173 -38.64 -11.66 8.98
CA ARG E 173 -37.57 -11.25 8.04
C ARG E 173 -37.66 -9.77 7.70
N ALA E 174 -36.93 -8.96 8.46
CA ALA E 174 -36.92 -7.53 8.20
C ALA E 174 -35.82 -7.26 7.17
N ARG E 175 -36.23 -6.82 5.99
CA ARG E 175 -35.28 -6.53 4.92
C ARG E 175 -35.49 -5.13 4.35
N TYR E 176 -34.40 -4.54 3.86
CA TYR E 176 -34.44 -3.22 3.24
C TYR E 176 -34.76 -3.39 1.77
N PHE E 177 -35.54 -2.46 1.20
CA PHE E 177 -35.85 -2.59 -0.21
C PHE E 177 -35.76 -1.27 -0.96
N TRP E 178 -34.82 -1.18 -1.89
CA TRP E 178 -34.61 0.00 -2.73
C TRP E 178 -35.40 -0.24 -4.01
N GLY E 179 -35.98 0.79 -4.60
CA GLY E 179 -36.71 0.56 -5.84
C GLY E 179 -37.65 1.67 -6.27
N ASN E 180 -38.20 1.53 -7.48
CA ASN E 180 -39.13 2.50 -8.05
C ASN E 180 -40.49 1.88 -8.28
N LEU E 181 -40.69 0.68 -7.75
CA LEU E 181 -41.96 -0.02 -7.95
C LEU E 181 -43.04 0.80 -7.30
N PRO E 182 -44.14 1.04 -8.02
CA PRO E 182 -45.25 1.82 -7.49
C PRO E 182 -45.82 1.31 -6.17
N GLY E 183 -46.10 2.24 -5.26
CA GLY E 183 -46.66 1.92 -3.96
C GLY E 183 -45.84 1.00 -3.08
N MET E 184 -44.54 1.21 -3.01
CA MET E 184 -43.67 0.37 -2.18
C MET E 184 -43.84 0.67 -0.71
N ASN E 185 -44.39 1.85 -0.40
CA ASN E 185 -44.58 2.30 0.98
C ASN E 185 -45.87 1.84 1.58
N ARG E 186 -46.92 1.80 0.77
CA ARG E 186 -48.21 1.39 1.30
C ARG E 186 -48.19 0.12 2.11
N PRO E 187 -48.92 0.11 3.23
CA PRO E 187 -49.13 -0.95 4.22
C PRO E 187 -49.36 -2.32 3.60
N LEU E 188 -48.82 -3.37 4.21
CA LEU E 188 -49.03 -4.71 3.67
C LEU E 188 -50.41 -5.18 4.10
N ALA E 189 -50.85 -6.31 3.59
CA ALA E 189 -52.16 -6.82 3.96
C ALA E 189 -52.19 -8.34 3.94
N SER E 190 -52.89 -8.93 4.90
CA SER E 190 -52.99 -10.37 4.98
C SER E 190 -54.01 -10.88 3.95
N THR E 191 -53.88 -12.14 3.57
CA THR E 191 -54.75 -12.78 2.58
C THR E 191 -55.57 -13.88 3.21
N VAL E 192 -56.72 -14.20 2.62
CA VAL E 192 -57.57 -15.27 3.11
C VAL E 192 -56.64 -16.46 3.30
N ASN E 193 -55.68 -16.56 2.39
CA ASN E 193 -54.68 -17.62 2.39
C ASN E 193 -53.33 -16.97 2.66
N ASP E 194 -52.85 -17.12 3.88
CA ASP E 194 -51.58 -16.54 4.26
C ASP E 194 -51.19 -17.08 5.64
N LYS E 195 -50.50 -18.22 5.68
CA LYS E 195 -50.09 -18.82 6.95
C LYS E 195 -49.32 -17.80 7.81
N LEU E 196 -49.97 -17.18 8.79
CA LEU E 196 -49.32 -16.18 9.66
C LEU E 196 -48.83 -16.85 10.95
N GLU E 197 -49.53 -17.91 11.31
CA GLU E 197 -49.23 -18.66 12.52
C GLU E 197 -48.32 -19.86 12.21
N LEU E 198 -47.17 -19.89 12.90
CA LEU E 198 -46.20 -20.97 12.73
C LEU E 198 -46.89 -22.32 12.81
N GLN E 199 -47.91 -22.43 13.64
CA GLN E 199 -48.63 -23.68 13.77
C GLN E 199 -49.29 -24.05 12.45
N GLU E 200 -49.88 -23.08 11.76
CA GLU E 200 -50.57 -23.36 10.49
C GLU E 200 -49.64 -23.70 9.32
N CYS E 201 -48.35 -23.88 9.63
CA CYS E 201 -47.36 -24.24 8.63
C CYS E 201 -46.89 -25.67 8.83
N LEU E 202 -46.92 -26.10 10.08
CA LEU E 202 -46.49 -27.43 10.42
C LEU E 202 -47.37 -28.46 9.75
N GLU E 203 -46.83 -29.68 9.62
CA GLU E 203 -47.56 -30.76 9.00
C GLU E 203 -48.28 -31.54 10.08
N HIS E 204 -49.35 -32.23 9.70
CA HIS E 204 -50.18 -33.01 10.62
C HIS E 204 -49.48 -33.76 11.76
N GLY E 205 -49.97 -33.62 12.98
CA GLY E 205 -49.37 -34.31 14.10
C GLY E 205 -48.19 -33.62 14.80
N ARG E 206 -47.99 -32.33 14.54
CA ARG E 206 -46.89 -31.64 15.18
C ARG E 206 -47.44 -30.35 15.80
N ILE E 207 -46.85 -29.94 16.93
CA ILE E 207 -47.30 -28.73 17.64
C ILE E 207 -46.24 -27.65 17.68
N ALA E 208 -46.68 -26.42 17.45
CA ALA E 208 -45.82 -25.25 17.40
C ALA E 208 -45.60 -24.64 18.77
N LYS E 209 -44.37 -24.25 19.07
CA LYS E 209 -44.09 -23.61 20.35
C LYS E 209 -44.29 -22.09 20.24
N PHE E 210 -43.69 -21.47 19.22
CA PHE E 210 -43.81 -20.03 19.04
C PHE E 210 -44.88 -19.74 17.99
N SER E 211 -45.20 -18.46 17.79
CA SER E 211 -46.21 -18.12 16.80
C SER E 211 -45.52 -17.73 15.50
N LYS E 212 -44.24 -17.40 15.61
CA LYS E 212 -43.45 -16.99 14.47
C LYS E 212 -41.99 -17.34 14.69
N VAL E 213 -41.37 -17.92 13.66
CA VAL E 213 -39.97 -18.31 13.72
C VAL E 213 -39.09 -17.08 13.51
N ARG E 214 -37.87 -17.11 14.05
CA ARG E 214 -36.96 -15.99 13.94
C ARG E 214 -35.66 -16.36 13.22
N PHE E 231 -35.80 -25.02 19.37
CA PHE E 231 -36.43 -26.23 18.83
C PHE E 231 -37.91 -26.06 18.48
N PRO E 232 -38.22 -25.12 17.59
CA PRO E 232 -39.54 -24.75 17.09
C PRO E 232 -40.75 -25.64 17.35
N VAL E 233 -40.62 -26.96 17.30
CA VAL E 233 -41.81 -27.77 17.54
C VAL E 233 -41.72 -29.00 18.43
N PHE E 234 -42.88 -29.60 18.65
CA PHE E 234 -43.02 -30.80 19.47
C PHE E 234 -43.79 -31.78 18.62
N MET E 235 -43.34 -33.02 18.59
CA MET E 235 -44.06 -34.01 17.82
C MET E 235 -44.15 -35.31 18.59
N ASN E 236 -45.36 -35.66 18.99
CA ASN E 236 -45.59 -36.88 19.74
C ASN E 236 -44.58 -37.03 20.87
N GLU E 237 -44.72 -36.17 21.87
CA GLU E 237 -43.86 -36.19 23.05
C GLU E 237 -42.37 -36.21 22.74
N LYS E 238 -41.95 -35.35 21.81
CA LYS E 238 -40.56 -35.24 21.39
C LYS E 238 -40.29 -33.82 20.86
N GLU E 239 -39.11 -33.28 21.18
CA GLU E 239 -38.75 -31.94 20.76
C GLU E 239 -37.77 -32.00 19.58
N ASP E 240 -38.26 -31.70 18.36
CA ASP E 240 -37.43 -31.72 17.15
C ASP E 240 -37.43 -30.40 16.34
N ILE E 241 -36.64 -30.36 15.27
CA ILE E 241 -36.57 -29.16 14.44
C ILE E 241 -37.66 -29.12 13.37
N LEU E 242 -37.51 -28.18 12.45
CA LEU E 242 -38.48 -27.95 11.38
C LEU E 242 -38.26 -28.80 10.13
N TRP E 243 -39.35 -29.32 9.58
CA TRP E 243 -39.25 -30.09 8.35
C TRP E 243 -39.12 -29.01 7.27
N CYS E 244 -38.30 -29.25 6.25
CA CYS E 244 -38.14 -28.27 5.17
C CYS E 244 -39.44 -28.10 4.38
N THR E 245 -40.33 -29.08 4.51
CA THR E 245 -41.62 -29.04 3.86
C THR E 245 -42.34 -27.90 4.54
N GLU E 246 -42.26 -27.89 5.86
CA GLU E 246 -42.91 -26.88 6.70
C GLU E 246 -42.20 -25.53 6.59
N MET E 247 -40.88 -25.54 6.39
CA MET E 247 -40.18 -24.28 6.27
C MET E 247 -40.61 -23.63 4.97
N GLU E 248 -40.83 -24.43 3.93
CA GLU E 248 -41.30 -23.88 2.65
C GLU E 248 -42.56 -23.04 2.90
N ARG E 249 -43.49 -23.61 3.67
CA ARG E 249 -44.75 -22.97 4.02
C ARG E 249 -44.53 -21.70 4.87
N VAL E 250 -43.63 -21.76 5.84
CA VAL E 250 -43.39 -20.58 6.65
C VAL E 250 -43.12 -19.44 5.67
N PHE E 251 -42.16 -19.67 4.76
CA PHE E 251 -41.78 -18.66 3.78
C PHE E 251 -42.72 -18.35 2.63
N GLY E 252 -43.86 -19.01 2.56
CA GLY E 252 -44.81 -18.71 1.50
C GLY E 252 -44.69 -19.38 0.13
N PHE E 253 -43.72 -20.30 -0.01
CA PHE E 253 -43.55 -21.03 -1.27
C PHE E 253 -44.54 -22.17 -1.24
N PRO E 254 -44.83 -22.75 -2.40
CA PRO E 254 -45.78 -23.84 -2.35
C PRO E 254 -45.05 -25.03 -1.75
N VAL E 255 -45.81 -26.02 -1.30
CA VAL E 255 -45.20 -27.19 -0.68
C VAL E 255 -44.47 -28.00 -1.71
N HIS E 256 -43.23 -28.35 -1.37
CA HIS E 256 -42.37 -29.14 -2.22
C HIS E 256 -41.69 -28.31 -3.30
N TYR E 257 -41.79 -26.99 -3.23
CA TYR E 257 -41.15 -26.15 -4.25
C TYR E 257 -39.69 -26.58 -4.34
N THR E 258 -39.08 -26.86 -3.20
CA THR E 258 -37.69 -27.24 -3.11
C THR E 258 -37.30 -28.73 -2.98
N ASP E 259 -38.24 -29.63 -3.32
CA ASP E 259 -38.01 -31.08 -3.29
C ASP E 259 -37.70 -31.41 -4.75
N VAL E 260 -36.49 -31.12 -5.15
CA VAL E 260 -36.13 -31.35 -6.53
C VAL E 260 -34.98 -32.32 -6.69
N SER E 261 -33.76 -31.80 -6.77
CA SER E 261 -32.58 -32.63 -6.94
C SER E 261 -32.29 -33.43 -5.67
N ASN E 262 -31.43 -34.44 -5.77
CA ASN E 262 -31.09 -35.25 -4.60
C ASN E 262 -30.21 -34.44 -3.68
N MET E 263 -30.66 -33.20 -3.48
CA MET E 263 -30.03 -32.19 -2.66
C MET E 263 -30.32 -32.50 -1.18
N SER E 264 -29.27 -32.37 -0.34
CA SER E 264 -29.38 -32.65 1.12
C SER E 264 -30.29 -31.69 1.86
N ARG E 265 -30.75 -32.08 3.04
CA ARG E 265 -31.62 -31.21 3.83
C ARG E 265 -30.92 -29.87 4.08
N LEU E 266 -29.65 -29.94 4.48
CA LEU E 266 -28.92 -28.72 4.73
C LEU E 266 -29.04 -27.82 3.50
N ALA E 267 -28.83 -28.40 2.32
CA ALA E 267 -28.94 -27.63 1.10
C ALA E 267 -30.35 -27.10 0.87
N ARG E 268 -31.37 -27.98 0.91
CA ARG E 268 -32.72 -27.52 0.68
C ARG E 268 -32.98 -26.38 1.63
N GLN E 269 -32.40 -26.50 2.83
CA GLN E 269 -32.55 -25.49 3.87
C GLN E 269 -31.79 -24.19 3.49
N ARG E 270 -30.55 -24.31 3.04
CA ARG E 270 -29.77 -23.15 2.63
C ARG E 270 -30.55 -22.38 1.58
N LEU E 271 -31.03 -23.08 0.56
CA LEU E 271 -31.81 -22.46 -0.50
C LEU E 271 -32.94 -21.57 0.04
N LEU E 272 -33.88 -22.20 0.76
CA LEU E 272 -35.01 -21.51 1.37
C LEU E 272 -34.43 -20.45 2.30
N GLY E 273 -33.41 -20.87 3.04
CA GLY E 273 -32.74 -19.97 3.95
C GLY E 273 -32.72 -18.57 3.37
N ARG E 274 -31.95 -18.39 2.31
CA ARG E 274 -31.81 -17.08 1.70
C ARG E 274 -32.87 -16.49 0.75
N SER E 275 -33.97 -17.18 0.45
CA SER E 275 -34.95 -16.60 -0.49
C SER E 275 -35.66 -15.35 0.01
N TRP E 276 -36.64 -14.86 -0.75
CA TRP E 276 -37.43 -13.70 -0.35
C TRP E 276 -38.80 -14.26 0.10
N SER E 277 -39.35 -13.74 1.20
CA SER E 277 -40.66 -14.24 1.64
C SER E 277 -41.62 -13.94 0.52
N VAL E 278 -42.26 -14.97 -0.01
CA VAL E 278 -43.17 -14.77 -1.13
C VAL E 278 -44.15 -13.64 -0.93
N PRO E 279 -44.92 -13.67 0.18
CA PRO E 279 -45.93 -12.61 0.47
C PRO E 279 -45.31 -11.23 0.38
N VAL E 280 -44.14 -11.05 0.97
CA VAL E 280 -43.48 -9.75 0.92
C VAL E 280 -43.27 -9.35 -0.52
N ILE E 281 -42.79 -10.24 -1.37
CA ILE E 281 -42.62 -9.88 -2.77
C ILE E 281 -43.96 -9.69 -3.51
N ARG E 282 -44.93 -10.58 -3.28
CA ARG E 282 -46.21 -10.46 -3.95
C ARG E 282 -46.79 -9.09 -3.68
N HIS E 283 -46.34 -8.46 -2.59
CA HIS E 283 -46.80 -7.14 -2.20
C HIS E 283 -46.11 -6.21 -3.19
N LEU E 284 -44.80 -6.11 -3.03
CA LEU E 284 -43.98 -5.26 -3.87
C LEU E 284 -44.19 -5.39 -5.37
N PHE E 285 -45.03 -6.32 -5.82
CA PHE E 285 -45.22 -6.50 -7.26
C PHE E 285 -46.65 -6.19 -7.74
N ALA E 286 -47.64 -6.84 -7.13
CA ALA E 286 -49.06 -6.71 -7.49
C ALA E 286 -49.49 -5.46 -8.26
N PRO E 287 -48.98 -4.27 -7.89
CA PRO E 287 -49.40 -3.10 -8.66
C PRO E 287 -48.86 -3.11 -10.09
N LEU E 288 -47.95 -4.04 -10.38
CA LEU E 288 -47.35 -4.17 -11.72
C LEU E 288 -48.35 -4.82 -12.63
N LYS E 289 -49.36 -5.46 -12.03
CA LYS E 289 -50.42 -6.11 -12.79
C LYS E 289 -51.06 -5.14 -13.80
N GLU E 290 -51.40 -3.96 -13.30
CA GLU E 290 -52.05 -2.92 -14.10
C GLU E 290 -51.22 -2.31 -15.22
N TYR E 291 -49.97 -2.76 -15.37
CA TYR E 291 -49.09 -2.22 -16.40
C TYR E 291 -48.71 -3.19 -17.51
N PHE E 292 -48.90 -4.48 -17.30
CA PHE E 292 -48.53 -5.44 -18.33
C PHE E 292 -49.58 -6.48 -18.66
N ALA E 293 -49.33 -7.23 -19.74
CA ALA E 293 -50.22 -8.28 -20.20
C ALA E 293 -50.73 -9.00 -19.00
N CYS E 294 -52.02 -9.35 -19.00
CA CYS E 294 -52.59 -10.05 -17.87
C CYS E 294 -53.02 -11.43 -18.28
N VAL E 295 -52.10 -12.38 -18.20
CA VAL E 295 -52.36 -13.76 -18.57
C VAL E 295 -53.68 -14.26 -17.98
N MET F 22 -15.77 6.05 -31.43
CA MET F 22 -14.96 6.79 -32.44
C MET F 22 -15.34 8.26 -32.49
N PHE F 23 -14.43 9.11 -32.03
CA PHE F 23 -14.66 10.56 -32.01
C PHE F 23 -14.10 11.26 -33.25
N GLU F 24 -15.01 11.86 -34.01
CA GLU F 24 -14.65 12.59 -35.21
C GLU F 24 -13.86 13.84 -34.89
N THR F 25 -12.69 13.98 -35.52
CA THR F 25 -11.82 15.14 -35.31
C THR F 25 -12.48 16.46 -35.71
N VAL F 26 -12.26 17.49 -34.90
CA VAL F 26 -12.84 18.81 -35.12
C VAL F 26 -11.83 19.86 -35.60
N PRO F 27 -12.25 20.77 -36.49
CA PRO F 27 -11.37 21.82 -37.02
C PRO F 27 -10.94 22.78 -35.91
N VAL F 28 -9.69 23.21 -35.95
CA VAL F 28 -9.11 24.10 -34.94
C VAL F 28 -9.85 25.44 -34.72
N TRP F 29 -10.55 25.92 -35.74
CA TRP F 29 -11.27 27.18 -35.60
C TRP F 29 -12.60 26.98 -34.90
N ARG F 30 -12.83 25.76 -34.40
CA ARG F 30 -14.08 25.41 -33.72
C ARG F 30 -13.91 24.83 -32.32
N ARG F 31 -12.68 24.74 -31.84
CA ARG F 31 -12.41 24.17 -30.52
C ARG F 31 -12.37 25.19 -29.40
N GLN F 32 -13.17 24.97 -28.36
CA GLN F 32 -13.22 25.87 -27.19
C GLN F 32 -12.41 25.28 -26.03
N PRO F 33 -12.25 26.05 -24.94
CA PRO F 33 -11.49 25.56 -23.78
C PRO F 33 -12.16 24.31 -23.22
N VAL F 34 -11.34 23.36 -22.77
CA VAL F 34 -11.85 22.12 -22.22
C VAL F 34 -12.33 22.25 -20.77
N ARG F 35 -13.45 21.60 -20.46
CA ARG F 35 -14.03 21.58 -19.11
C ARG F 35 -13.62 20.24 -18.51
N VAL F 36 -12.79 20.28 -17.47
CA VAL F 36 -12.31 19.05 -16.86
C VAL F 36 -12.80 18.79 -15.44
N LEU F 37 -13.25 17.57 -15.19
CA LEU F 37 -13.70 17.17 -13.86
C LEU F 37 -12.68 16.14 -13.37
N SER F 38 -11.93 16.51 -12.34
CA SER F 38 -10.92 15.61 -11.77
C SER F 38 -11.35 15.12 -10.40
N LEU F 39 -11.26 13.82 -10.18
CA LEU F 39 -11.67 13.24 -8.92
C LEU F 39 -10.53 12.50 -8.22
N PHE F 40 -10.41 12.74 -6.92
CA PHE F 40 -9.39 12.11 -6.09
C PHE F 40 -7.99 12.72 -6.25
N GLU F 41 -7.80 13.51 -7.31
CA GLU F 41 -6.52 14.18 -7.62
C GLU F 41 -6.81 15.13 -8.78
N ASP F 42 -6.20 16.32 -8.80
CA ASP F 42 -6.44 17.19 -9.93
C ASP F 42 -5.23 17.36 -10.83
N ILE F 43 -5.50 17.67 -12.09
CA ILE F 43 -4.47 17.86 -13.09
C ILE F 43 -4.39 19.34 -13.48
N LYS F 44 -5.00 20.20 -12.65
CA LYS F 44 -5.01 21.63 -12.92
C LYS F 44 -3.63 22.13 -13.33
N LYS F 45 -2.61 21.48 -12.79
CA LYS F 45 -1.23 21.86 -13.07
C LYS F 45 -0.67 21.21 -14.34
N GLU F 46 -0.55 19.88 -14.32
CA GLU F 46 -0.02 19.14 -15.46
C GLU F 46 -0.87 19.28 -16.70
N LEU F 47 -2.13 19.66 -16.53
CA LEU F 47 -3.02 19.81 -17.68
C LEU F 47 -2.80 21.17 -18.32
N THR F 48 -2.28 22.11 -17.55
CA THR F 48 -2.03 23.44 -18.07
C THR F 48 -0.70 23.40 -18.82
N SER F 49 0.22 22.59 -18.32
CA SER F 49 1.54 22.42 -18.91
C SER F 49 1.45 21.97 -20.35
N LEU F 50 0.25 21.56 -20.78
CA LEU F 50 0.05 21.12 -22.15
C LEU F 50 -0.71 22.17 -22.96
N GLY F 51 -1.09 23.25 -22.27
CA GLY F 51 -1.80 24.33 -22.93
C GLY F 51 -3.29 24.07 -23.07
N PHE F 52 -3.86 23.37 -22.09
CA PHE F 52 -5.29 23.05 -22.10
C PHE F 52 -6.04 24.00 -21.17
N LEU F 53 -5.30 24.65 -20.28
CA LEU F 53 -5.91 25.59 -19.34
C LEU F 53 -5.33 27.00 -19.49
N GLU F 54 -5.90 27.95 -18.74
CA GLU F 54 -5.47 29.35 -18.79
C GLU F 54 -5.89 30.09 -17.51
N GLY F 60 -12.36 28.46 -12.77
CA GLY F 60 -11.61 27.80 -13.83
C GLY F 60 -12.42 26.73 -14.55
N GLN F 61 -11.92 26.30 -15.72
CA GLN F 61 -12.61 25.28 -16.51
C GLN F 61 -12.50 23.90 -15.88
N LEU F 62 -11.56 23.74 -14.94
CA LEU F 62 -11.41 22.46 -14.26
C LEU F 62 -11.95 22.51 -12.84
N LYS F 63 -12.81 21.54 -12.53
CA LYS F 63 -13.45 21.38 -11.23
C LYS F 63 -12.80 20.20 -10.50
N HIS F 64 -12.28 20.45 -9.30
CA HIS F 64 -11.65 19.37 -8.53
C HIS F 64 -12.47 19.04 -7.30
N VAL F 65 -12.52 17.74 -6.98
CA VAL F 65 -13.26 17.25 -5.83
C VAL F 65 -12.47 16.08 -5.23
N VAL F 66 -12.36 16.07 -3.91
CA VAL F 66 -11.62 15.04 -3.20
C VAL F 66 -12.51 13.87 -2.81
N ASP F 67 -13.32 14.09 -1.77
CA ASP F 67 -14.24 13.08 -1.27
C ASP F 67 -15.61 13.23 -1.92
N VAL F 68 -16.03 12.22 -2.68
CA VAL F 68 -17.33 12.29 -3.36
C VAL F 68 -18.44 11.54 -2.65
N THR F 69 -18.16 11.05 -1.44
CA THR F 69 -19.15 10.29 -0.69
C THR F 69 -20.56 10.81 -0.84
N ASP F 70 -20.78 12.08 -0.51
CA ASP F 70 -22.11 12.66 -0.58
C ASP F 70 -22.49 13.33 -1.90
N THR F 71 -21.59 13.38 -2.87
CA THR F 71 -21.90 14.03 -4.15
C THR F 71 -23.03 13.34 -4.88
N VAL F 72 -24.10 14.09 -5.13
CA VAL F 72 -25.25 13.55 -5.83
C VAL F 72 -25.19 13.91 -7.30
N ARG F 73 -26.11 13.36 -8.09
CA ARG F 73 -26.16 13.60 -9.52
C ARG F 73 -26.33 15.07 -9.89
N LYS F 74 -27.23 15.77 -9.20
CA LYS F 74 -27.48 17.20 -9.46
C LYS F 74 -26.19 17.99 -9.38
N ASP F 75 -25.37 17.68 -8.39
CA ASP F 75 -24.08 18.36 -8.19
C ASP F 75 -23.28 18.31 -9.50
N VAL F 76 -22.91 17.08 -9.89
CA VAL F 76 -22.12 16.83 -11.09
C VAL F 76 -22.69 17.50 -12.33
N GLU F 77 -23.97 17.84 -12.31
CA GLU F 77 -24.58 18.49 -13.45
C GLU F 77 -24.43 20.01 -13.37
N GLU F 78 -24.82 20.58 -12.22
CA GLU F 78 -24.74 22.02 -12.08
C GLU F 78 -23.29 22.48 -12.06
N TRP F 79 -22.35 21.54 -11.98
CA TRP F 79 -20.95 21.92 -12.01
C TRP F 79 -20.57 22.13 -13.46
N GLY F 80 -21.58 22.46 -14.26
CA GLY F 80 -21.39 22.72 -15.68
C GLY F 80 -20.92 21.52 -16.46
N PRO F 81 -21.33 21.39 -17.72
CA PRO F 81 -20.93 20.26 -18.57
C PRO F 81 -19.44 19.99 -18.54
N PHE F 82 -19.06 18.74 -18.78
CA PHE F 82 -17.66 18.35 -18.80
C PHE F 82 -17.36 17.64 -20.10
N ASP F 83 -16.12 17.75 -20.56
CA ASP F 83 -15.69 17.10 -21.81
C ASP F 83 -14.68 16.02 -21.46
N LEU F 84 -14.08 16.15 -20.26
CA LEU F 84 -13.08 15.22 -19.77
C LEU F 84 -13.24 14.90 -18.29
N VAL F 85 -13.48 13.64 -18.00
CA VAL F 85 -13.64 13.22 -16.62
C VAL F 85 -12.40 12.41 -16.25
N TYR F 86 -11.69 12.88 -15.23
CA TYR F 86 -10.47 12.21 -14.78
C TYR F 86 -10.54 11.82 -13.31
N GLY F 87 -9.95 10.68 -13.02
CA GLY F 87 -9.91 10.19 -11.66
C GLY F 87 -8.75 9.24 -11.56
N ALA F 88 -8.13 9.17 -10.38
CA ALA F 88 -6.99 8.28 -10.17
C ALA F 88 -6.81 7.87 -8.71
N THR F 89 -6.29 6.67 -8.51
CA THR F 89 -6.07 6.15 -7.17
C THR F 89 -4.99 6.94 -6.44
N PRO F 90 -5.04 6.93 -5.10
CA PRO F 90 -4.08 7.64 -4.25
C PRO F 90 -2.68 7.07 -4.42
N PRO F 91 -1.66 7.93 -4.36
CA PRO F 91 -0.26 7.51 -4.50
C PRO F 91 0.13 6.41 -3.49
N LEU F 92 1.10 5.57 -3.86
CA LEU F 92 1.56 4.48 -3.01
C LEU F 92 2.06 4.89 -1.64
N GLY F 93 1.26 4.63 -0.61
CA GLY F 93 1.64 4.97 0.74
C GLY F 93 0.47 4.97 1.69
N HIS F 94 -0.74 4.95 1.12
CA HIS F 94 -1.98 4.96 1.89
C HIS F 94 -2.26 6.36 2.40
N THR F 95 -1.93 7.36 1.58
CA THR F 95 -2.13 8.77 1.90
C THR F 95 -3.49 9.01 2.55
N CYS F 96 -4.46 8.18 2.18
CA CYS F 96 -5.82 8.27 2.72
C CYS F 96 -6.31 6.87 3.09
N ASP F 97 -7.37 6.81 3.88
CA ASP F 97 -7.94 5.53 4.28
C ASP F 97 -9.30 5.30 3.61
N ARG F 98 -9.35 4.35 2.70
CA ARG F 98 -10.58 4.00 1.96
C ARG F 98 -10.24 2.91 0.95
N PRO F 99 -10.72 1.67 1.17
CA PRO F 99 -10.48 0.52 0.30
C PRO F 99 -10.38 0.87 -1.18
N PRO F 100 -9.28 0.47 -1.84
CA PRO F 100 -8.98 0.70 -3.24
C PRO F 100 -10.19 0.83 -4.17
N SER F 101 -10.94 -0.27 -4.31
CA SER F 101 -12.12 -0.32 -5.14
C SER F 101 -12.88 1.00 -5.14
N TRP F 102 -13.19 1.47 -3.93
CA TRP F 102 -13.92 2.71 -3.72
C TRP F 102 -13.65 3.73 -4.82
N TYR F 103 -12.39 4.04 -5.07
CA TYR F 103 -12.04 5.02 -6.08
C TYR F 103 -12.63 4.64 -7.43
N LEU F 104 -12.49 3.38 -7.81
CA LEU F 104 -13.02 2.90 -9.09
C LEU F 104 -14.54 3.04 -9.13
N PHE F 105 -15.21 2.40 -8.17
CA PHE F 105 -16.65 2.47 -8.11
C PHE F 105 -17.12 3.93 -8.11
N GLN F 106 -16.69 4.71 -7.13
CA GLN F 106 -17.08 6.11 -7.06
C GLN F 106 -16.85 6.78 -8.40
N PHE F 107 -15.71 6.50 -9.01
CA PHE F 107 -15.39 7.09 -10.31
C PHE F 107 -16.45 6.74 -11.34
N HIS F 108 -16.80 5.46 -11.38
CA HIS F 108 -17.81 4.96 -12.31
C HIS F 108 -19.14 5.68 -12.10
N ARG F 109 -19.41 6.00 -10.84
CA ARG F 109 -20.62 6.68 -10.44
C ARG F 109 -20.72 8.06 -11.07
N LEU F 110 -19.82 8.95 -10.63
CA LEU F 110 -19.78 10.32 -11.10
C LEU F 110 -19.54 10.39 -12.60
N LEU F 111 -18.71 9.48 -13.13
CA LEU F 111 -18.41 9.44 -14.56
C LEU F 111 -19.71 9.40 -15.33
N GLN F 112 -20.69 8.67 -14.81
CA GLN F 112 -21.99 8.54 -15.44
C GLN F 112 -22.84 9.80 -15.29
N TYR F 113 -22.78 10.41 -14.12
CA TYR F 113 -23.52 11.64 -13.86
C TYR F 113 -23.05 12.70 -14.85
N ALA F 114 -21.78 12.59 -15.25
CA ALA F 114 -21.14 13.56 -16.14
C ALA F 114 -21.34 13.35 -17.63
N ARG F 115 -21.84 12.18 -18.04
CA ARG F 115 -22.04 11.92 -19.46
C ARG F 115 -22.97 12.94 -20.09
N PRO F 116 -22.90 13.09 -21.41
CA PRO F 116 -23.75 14.05 -22.12
C PRO F 116 -25.15 13.46 -22.33
N LYS F 117 -25.87 14.00 -23.31
CA LYS F 117 -27.22 13.54 -23.62
C LYS F 117 -27.11 12.51 -24.73
N PRO F 118 -28.24 11.89 -25.14
CA PRO F 118 -28.20 10.89 -26.21
C PRO F 118 -27.66 11.48 -27.52
N GLY F 119 -28.14 12.67 -27.86
CA GLY F 119 -27.67 13.33 -29.07
C GLY F 119 -26.31 13.93 -28.75
N SER F 120 -25.30 13.07 -28.67
CA SER F 120 -23.93 13.48 -28.35
C SER F 120 -23.52 14.82 -28.93
N PRO F 121 -23.60 15.89 -28.12
CA PRO F 121 -23.23 17.24 -28.56
C PRO F 121 -21.81 17.26 -29.15
N ARG F 122 -20.81 17.26 -28.27
CA ARG F 122 -19.43 17.27 -28.71
C ARG F 122 -18.64 16.09 -28.20
N PRO F 123 -17.31 16.13 -28.31
CA PRO F 123 -16.47 15.03 -27.84
C PRO F 123 -16.46 14.89 -26.31
N PHE F 124 -16.66 13.67 -25.83
CA PHE F 124 -16.66 13.39 -24.40
C PHE F 124 -15.58 12.36 -24.06
N PHE F 125 -14.67 12.70 -23.15
CA PHE F 125 -13.58 11.79 -22.77
C PHE F 125 -13.41 11.61 -21.26
N TRP F 126 -13.04 10.39 -20.85
CA TRP F 126 -12.83 10.11 -19.44
C TRP F 126 -11.55 9.28 -19.29
N MET F 127 -10.96 9.31 -18.09
CA MET F 127 -9.72 8.60 -17.84
C MET F 127 -9.51 8.28 -16.36
N PHE F 128 -9.25 7.00 -16.08
CA PHE F 128 -9.01 6.53 -14.71
C PHE F 128 -7.64 5.93 -14.63
N VAL F 129 -6.83 6.46 -13.71
CA VAL F 129 -5.46 5.98 -13.55
C VAL F 129 -5.25 5.32 -12.20
N ASP F 130 -4.50 4.21 -12.22
CA ASP F 130 -4.20 3.48 -10.99
C ASP F 130 -2.69 3.45 -10.71
N ASN F 131 -2.32 3.93 -9.54
CA ASN F 131 -0.92 3.97 -9.12
C ASN F 131 -0.48 2.67 -8.47
N LEU F 132 -0.62 1.58 -9.19
CA LEU F 132 -0.22 0.26 -8.69
C LEU F 132 -0.74 0.06 -7.26
N VAL F 133 -2.05 0.22 -7.07
CA VAL F 133 -2.62 0.06 -5.73
C VAL F 133 -3.79 -0.93 -5.69
N LEU F 134 -4.25 -1.37 -6.85
CA LEU F 134 -5.36 -2.31 -6.91
C LEU F 134 -4.86 -3.75 -7.12
N ASN F 135 -5.38 -4.68 -6.33
CA ASN F 135 -5.01 -6.08 -6.43
C ASN F 135 -5.32 -6.60 -7.83
N LYS F 136 -5.03 -7.87 -8.08
CA LYS F 136 -5.31 -8.43 -9.40
C LYS F 136 -6.81 -8.69 -9.51
N GLU F 137 -7.47 -8.70 -8.35
CA GLU F 137 -8.92 -8.89 -8.29
C GLU F 137 -9.53 -7.55 -8.65
N ASP F 138 -9.22 -6.54 -7.84
CA ASP F 138 -9.74 -5.20 -8.05
C ASP F 138 -9.48 -4.75 -9.48
N LEU F 139 -8.53 -5.39 -10.15
CA LEU F 139 -8.18 -5.05 -11.53
C LEU F 139 -9.22 -5.60 -12.49
N ASP F 140 -9.67 -6.82 -12.21
CA ASP F 140 -10.69 -7.46 -13.04
C ASP F 140 -11.96 -6.61 -12.94
N VAL F 141 -12.25 -6.15 -11.73
CA VAL F 141 -13.43 -5.30 -11.55
C VAL F 141 -13.24 -4.05 -12.36
N ALA F 142 -12.15 -3.34 -12.08
CA ALA F 142 -11.82 -2.10 -12.77
C ALA F 142 -11.98 -2.16 -14.28
N SER F 143 -11.37 -3.16 -14.92
CA SER F 143 -11.48 -3.28 -16.36
C SER F 143 -12.87 -3.68 -16.81
N ARG F 144 -13.45 -4.66 -16.12
CA ARG F 144 -14.78 -5.14 -16.42
C ARG F 144 -15.81 -4.02 -16.23
N PHE F 145 -15.53 -3.09 -15.31
CA PHE F 145 -16.44 -1.96 -15.06
C PHE F 145 -16.25 -0.80 -16.03
N LEU F 146 -15.01 -0.56 -16.46
CA LEU F 146 -14.70 0.51 -17.41
C LEU F 146 -14.66 -0.01 -18.85
N GLU F 147 -15.00 -1.28 -19.00
CA GLU F 147 -15.05 -1.96 -20.30
C GLU F 147 -13.80 -1.94 -21.18
N MET F 148 -12.67 -2.38 -20.63
CA MET F 148 -11.42 -2.46 -21.35
C MET F 148 -10.24 -2.75 -20.44
N GLU F 149 -9.24 -3.44 -20.98
CA GLU F 149 -8.06 -3.77 -20.22
C GLU F 149 -7.29 -2.49 -20.05
N PRO F 150 -6.46 -2.41 -19.00
CA PRO F 150 -5.71 -1.17 -18.82
C PRO F 150 -4.54 -1.10 -19.80
N VAL F 151 -3.76 -0.04 -19.69
CA VAL F 151 -2.60 0.14 -20.53
C VAL F 151 -1.50 0.60 -19.60
N THR F 152 -0.61 -0.33 -19.24
CA THR F 152 0.49 -0.03 -18.33
C THR F 152 1.62 0.76 -18.99
N ILE F 153 1.94 1.90 -18.39
CA ILE F 153 3.03 2.75 -18.87
C ILE F 153 4.04 2.97 -17.73
N PRO F 154 5.23 2.37 -17.86
CA PRO F 154 6.32 2.45 -16.87
C PRO F 154 7.15 3.73 -16.90
N ASP F 155 8.28 3.68 -16.20
CA ASP F 155 9.21 4.79 -16.11
C ASP F 155 10.54 4.24 -15.60
N VAL F 156 11.52 4.10 -16.49
CA VAL F 156 12.83 3.56 -16.12
C VAL F 156 13.90 4.64 -16.03
N HIS F 157 14.88 4.40 -15.15
CA HIS F 157 15.97 5.34 -14.93
C HIS F 157 17.19 4.58 -14.39
N GLY F 158 16.93 3.49 -13.69
CA GLY F 158 18.01 2.69 -13.13
C GLY F 158 18.15 2.99 -11.64
N GLY F 159 17.86 4.23 -11.27
CA GLY F 159 17.95 4.64 -9.88
C GLY F 159 16.60 5.10 -9.38
N SER F 160 15.55 4.75 -10.12
CA SER F 160 14.18 5.12 -9.78
C SER F 160 13.20 4.41 -10.71
N VAL F 165 2.36 2.50 -13.66
CA VAL F 165 1.02 3.09 -13.52
C VAL F 165 0.06 2.53 -14.60
N ARG F 166 -1.13 2.11 -14.18
CA ARG F 166 -2.13 1.54 -15.10
C ARG F 166 -3.15 2.60 -15.51
N VAL F 167 -3.55 2.58 -16.78
CA VAL F 167 -4.48 3.57 -17.30
C VAL F 167 -5.68 3.04 -18.09
N TRP F 168 -6.85 3.58 -17.79
CA TRP F 168 -8.09 3.22 -18.46
C TRP F 168 -8.63 4.51 -19.08
N SER F 169 -9.12 4.45 -20.31
CA SER F 169 -9.70 5.63 -20.96
C SER F 169 -10.06 5.41 -22.42
N ASN F 170 -10.79 6.37 -22.99
CA ASN F 170 -11.22 6.30 -24.39
C ASN F 170 -10.54 7.34 -25.29
N ILE F 171 -9.45 7.91 -24.79
CA ILE F 171 -8.67 8.91 -25.53
C ILE F 171 -7.91 8.17 -26.64
N PRO F 172 -8.23 8.48 -27.91
CA PRO F 172 -7.65 7.92 -29.14
C PRO F 172 -6.22 7.38 -29.09
N ALA F 173 -6.00 6.31 -29.85
CA ALA F 173 -4.69 5.65 -29.94
C ALA F 173 -4.00 5.46 -28.60
N ILE F 174 -4.77 5.18 -27.56
CA ILE F 174 -4.20 4.97 -26.23
C ILE F 174 -3.79 3.51 -26.04
N ARG F 175 -4.23 2.65 -26.96
CA ARG F 175 -3.91 1.23 -26.91
C ARG F 175 -2.72 0.84 -27.80
N SER F 176 -2.38 1.69 -28.76
CA SER F 176 -1.25 1.42 -29.66
C SER F 176 0.04 1.93 -29.01
N ARG F 177 -0.12 2.49 -27.81
CA ARG F 177 0.99 3.05 -27.03
C ARG F 177 1.29 2.10 -25.87
N HIS F 178 0.69 0.92 -25.92
CA HIS F 178 0.84 -0.11 -24.90
C HIS F 178 2.18 -0.84 -25.02
N TRP F 179 2.82 -1.07 -23.86
CA TRP F 179 4.12 -1.75 -23.81
C TRP F 179 3.99 -3.14 -23.21
N ALA F 180 3.61 -4.11 -24.05
CA ALA F 180 3.46 -5.49 -23.61
C ALA F 180 4.81 -6.08 -23.22
N LEU F 181 5.55 -5.34 -22.40
CA LEU F 181 6.87 -5.78 -21.96
C LEU F 181 6.93 -6.00 -20.45
N VAL F 182 7.00 -4.93 -19.68
CA VAL F 182 7.08 -5.02 -18.22
C VAL F 182 6.19 -6.12 -17.65
N SER F 183 6.76 -6.91 -16.74
CA SER F 183 6.02 -8.01 -16.13
C SER F 183 5.25 -7.61 -14.89
N GLU F 184 4.34 -8.48 -14.50
CA GLU F 184 3.49 -8.28 -13.34
C GLU F 184 4.28 -8.54 -12.05
N GLU F 185 4.99 -9.67 -12.02
CA GLU F 185 5.77 -10.04 -10.84
C GLU F 185 6.75 -8.94 -10.45
N GLU F 186 7.40 -8.35 -11.42
CA GLU F 186 8.34 -7.27 -11.16
C GLU F 186 7.57 -6.05 -10.67
N LEU F 187 6.47 -5.77 -11.35
CA LEU F 187 5.60 -4.64 -11.04
C LEU F 187 5.13 -4.72 -9.59
N SER F 188 4.85 -5.94 -9.12
CA SER F 188 4.40 -6.17 -7.74
C SER F 188 5.55 -5.93 -6.77
N LEU F 189 6.75 -6.24 -7.23
CA LEU F 189 7.96 -6.07 -6.44
C LEU F 189 8.21 -4.57 -6.29
N LEU F 190 7.86 -3.81 -7.32
CA LEU F 190 8.05 -2.36 -7.33
C LEU F 190 7.20 -1.71 -6.23
N ALA F 191 5.95 -2.13 -6.12
CA ALA F 191 5.04 -1.57 -5.13
C ALA F 191 5.30 -2.06 -3.70
N GLN F 192 5.59 -3.36 -3.56
CA GLN F 192 5.85 -3.96 -2.25
C GLN F 192 7.06 -3.32 -1.57
N ASN F 193 8.00 -2.83 -2.37
CA ASN F 193 9.22 -2.19 -1.85
C ASN F 193 9.01 -0.72 -1.56
N LYS F 194 7.95 -0.14 -2.11
CA LYS F 194 7.63 1.27 -1.90
C LYS F 194 6.84 1.48 -0.61
N GLN F 195 6.26 0.39 -0.10
CA GLN F 195 5.49 0.43 1.13
C GLN F 195 6.44 0.33 2.31
N SER F 196 7.52 -0.42 2.11
CA SER F 196 8.54 -0.62 3.13
C SER F 196 9.75 0.28 2.90
N SER F 197 9.58 1.56 3.23
CA SER F 197 10.64 2.56 3.07
C SER F 197 10.19 3.92 3.61
N THR F 205 2.96 11.26 -12.64
CA THR F 205 2.59 12.40 -13.47
C THR F 205 3.19 12.33 -14.88
N LYS F 206 4.50 12.55 -14.97
CA LYS F 206 5.21 12.51 -16.24
C LYS F 206 4.69 11.38 -17.13
N LEU F 207 4.26 10.31 -16.47
CA LEU F 207 3.73 9.14 -17.13
C LEU F 207 2.53 9.47 -18.03
N VAL F 208 1.43 9.84 -17.41
CA VAL F 208 0.20 10.15 -18.13
C VAL F 208 0.20 11.52 -18.81
N LYS F 209 1.05 12.42 -18.35
CA LYS F 209 1.15 13.77 -18.91
C LYS F 209 1.09 13.77 -20.44
N ASN F 210 1.71 12.76 -21.04
CA ASN F 210 1.78 12.65 -22.49
C ASN F 210 0.61 11.89 -23.13
N CYS F 211 -0.38 11.54 -22.31
CA CYS F 211 -1.55 10.82 -22.81
C CYS F 211 -2.62 11.81 -23.26
N PHE F 212 -2.49 13.04 -22.79
CA PHE F 212 -3.45 14.07 -23.11
C PHE F 212 -3.21 14.71 -24.47
N LEU F 213 -2.07 14.40 -25.07
CA LEU F 213 -1.72 14.95 -26.37
C LEU F 213 -2.80 14.80 -27.43
N PRO F 214 -3.39 13.60 -27.55
CA PRO F 214 -4.44 13.35 -28.55
C PRO F 214 -5.62 14.30 -28.40
N LEU F 215 -5.75 14.91 -27.22
CA LEU F 215 -6.84 15.85 -26.95
C LEU F 215 -6.58 17.22 -27.58
N ARG F 216 -5.33 17.47 -27.95
CA ARG F 216 -4.94 18.72 -28.57
C ARG F 216 -5.69 18.88 -29.90
N GLU F 217 -6.05 17.74 -30.50
CA GLU F 217 -6.75 17.71 -31.78
C GLU F 217 -8.26 17.96 -31.65
N TYR F 218 -8.75 18.14 -30.43
CA TYR F 218 -10.18 18.36 -30.20
C TYR F 218 -10.50 19.67 -29.47
N PHE F 219 -9.60 20.11 -28.60
CA PHE F 219 -9.81 21.33 -27.84
C PHE F 219 -8.77 22.43 -28.07
N LYS F 220 -9.10 23.62 -27.60
CA LYS F 220 -8.26 24.80 -27.73
C LYS F 220 -6.90 24.66 -27.04
N TYR F 221 -5.85 24.98 -27.79
CA TYR F 221 -4.47 24.95 -27.30
C TYR F 221 -4.09 26.37 -26.92
N PHE F 222 -3.56 26.56 -25.71
CA PHE F 222 -3.19 27.89 -25.26
C PHE F 222 -1.68 28.16 -25.28
N SER F 223 -1.30 29.19 -26.05
CA SER F 223 0.09 29.63 -26.20
C SER F 223 1.14 28.51 -26.10
N MET G 22 -59.82 -75.59 30.19
CA MET G 22 -59.80 -76.73 31.16
C MET G 22 -60.44 -77.97 30.56
N PHE G 23 -59.80 -79.12 30.79
CA PHE G 23 -60.31 -80.41 30.29
C PHE G 23 -60.95 -81.22 31.41
N GLU G 24 -62.27 -81.26 31.38
CA GLU G 24 -63.09 -81.99 32.36
C GLU G 24 -62.76 -83.49 32.34
N THR G 25 -62.24 -84.01 33.46
CA THR G 25 -61.89 -85.42 33.57
C THR G 25 -63.03 -86.30 33.07
N VAL G 26 -62.72 -87.55 32.72
CA VAL G 26 -63.72 -88.47 32.20
C VAL G 26 -63.64 -89.86 32.86
N PRO G 27 -64.79 -90.52 33.09
CA PRO G 27 -64.84 -91.86 33.70
C PRO G 27 -63.97 -92.87 32.92
N VAL G 28 -63.75 -94.06 33.50
CA VAL G 28 -62.91 -95.07 32.83
C VAL G 28 -63.59 -95.81 31.68
N TRP G 29 -64.86 -96.19 31.85
CA TRP G 29 -65.60 -96.91 30.82
C TRP G 29 -65.79 -96.03 29.58
N ARG G 30 -65.12 -94.88 29.58
CA ARG G 30 -65.20 -93.93 28.48
C ARG G 30 -63.80 -93.47 28.04
N ARG G 31 -62.76 -94.18 28.48
CA ARG G 31 -61.37 -93.83 28.14
C ARG G 31 -60.78 -94.79 27.11
N GLN G 32 -61.02 -94.55 25.82
CA GLN G 32 -60.49 -95.41 24.76
C GLN G 32 -58.97 -95.24 24.61
N PRO G 33 -58.31 -96.10 23.83
CA PRO G 33 -56.86 -95.98 23.63
C PRO G 33 -56.55 -94.62 23.00
N VAL G 34 -55.44 -94.02 23.41
CA VAL G 34 -55.06 -92.72 22.88
C VAL G 34 -54.36 -92.80 21.52
N ARG G 35 -54.68 -91.87 20.63
CA ARG G 35 -54.06 -91.81 19.32
C ARG G 35 -53.01 -90.70 19.40
N VAL G 36 -51.75 -91.06 19.28
CA VAL G 36 -50.67 -90.07 19.39
C VAL G 36 -49.91 -89.80 18.09
N LEU G 37 -49.66 -88.52 17.84
CA LEU G 37 -48.91 -88.09 16.67
C LEU G 37 -47.59 -87.50 17.17
N SER G 38 -46.51 -88.23 16.93
CA SER G 38 -45.17 -87.81 17.35
C SER G 38 -44.36 -87.26 16.16
N LEU G 39 -43.77 -86.07 16.35
CA LEU G 39 -42.99 -85.44 15.31
C LEU G 39 -41.54 -85.22 15.75
N PHE G 40 -40.61 -85.60 14.87
CA PHE G 40 -39.16 -85.45 15.07
C PHE G 40 -38.53 -86.45 16.03
N GLU G 41 -39.38 -87.20 16.75
CA GLU G 41 -38.96 -88.23 17.72
C GLU G 41 -40.25 -88.95 18.14
N ASP G 42 -40.19 -90.26 18.32
CA ASP G 42 -41.38 -90.99 18.74
C ASP G 42 -41.30 -91.43 20.19
N ILE G 43 -42.47 -91.56 20.81
CA ILE G 43 -42.55 -91.98 22.21
C ILE G 43 -43.22 -93.35 22.27
N LYS G 44 -43.29 -94.01 21.11
CA LYS G 44 -43.89 -95.33 21.00
C LYS G 44 -43.41 -96.26 22.12
N LYS G 45 -42.19 -96.04 22.59
CA LYS G 45 -41.59 -96.85 23.64
C LYS G 45 -41.93 -96.34 25.05
N GLU G 46 -41.44 -95.16 25.38
CA GLU G 46 -41.66 -94.56 26.70
C GLU G 46 -43.13 -94.28 27.00
N LEU G 47 -43.96 -94.24 25.96
CA LEU G 47 -45.39 -93.98 26.13
C LEU G 47 -46.12 -95.29 26.46
N THR G 48 -45.52 -96.40 26.06
CA THR G 48 -46.12 -97.70 26.32
C THR G 48 -45.76 -98.06 27.76
N SER G 49 -44.57 -97.64 28.20
CA SER G 49 -44.08 -97.90 29.54
C SER G 49 -45.02 -97.33 30.61
N LEU G 50 -45.96 -96.49 30.18
CA LEU G 50 -46.94 -95.88 31.07
C LEU G 50 -48.28 -96.58 30.94
N GLY G 51 -48.37 -97.51 30.00
CA GLY G 51 -49.60 -98.25 29.78
C GLY G 51 -50.59 -97.49 28.92
N PHE G 52 -50.07 -96.71 27.98
CA PHE G 52 -50.93 -95.93 27.08
C PHE G 52 -51.02 -96.61 25.71
N LEU G 53 -50.10 -97.54 25.46
CA LEU G 53 -50.06 -98.28 24.20
C LEU G 53 -50.25 -99.79 24.41
N GLU G 54 -50.35 -100.53 23.32
CA GLU G 54 -50.56 -101.97 23.36
C GLU G 54 -50.08 -102.63 22.07
N GLY G 60 -50.48 -99.19 14.65
CA GLY G 60 -50.59 -98.76 16.04
C GLY G 60 -51.34 -97.45 16.19
N GLN G 61 -51.72 -97.12 17.43
CA GLN G 61 -52.44 -95.89 17.72
C GLN G 61 -51.53 -94.66 17.60
N LEU G 62 -50.22 -94.90 17.61
CA LEU G 62 -49.23 -93.82 17.51
C LEU G 62 -48.59 -93.78 16.12
N LYS G 63 -48.64 -92.61 15.49
CA LYS G 63 -48.07 -92.41 14.17
C LYS G 63 -46.82 -91.53 14.29
N HIS G 64 -45.70 -92.01 13.78
CA HIS G 64 -44.44 -91.27 13.86
C HIS G 64 -44.04 -90.75 12.48
N VAL G 65 -43.50 -89.54 12.47
CA VAL G 65 -43.04 -88.88 11.25
C VAL G 65 -41.74 -88.12 11.59
N VAL G 66 -40.73 -88.24 10.72
CA VAL G 66 -39.44 -87.58 10.94
C VAL G 66 -39.40 -86.22 10.24
N ASP G 67 -39.27 -86.23 8.91
CA ASP G 67 -39.24 -85.01 8.12
C ASP G 67 -40.65 -84.63 7.67
N VAL G 68 -41.11 -83.48 8.14
CA VAL G 68 -42.44 -82.97 7.83
C VAL G 68 -42.48 -82.05 6.60
N THR G 69 -41.29 -81.77 6.06
CA THR G 69 -41.12 -80.92 4.89
C THR G 69 -42.34 -80.78 3.98
N ASP G 70 -42.70 -81.87 3.31
CA ASP G 70 -43.82 -81.85 2.39
C ASP G 70 -45.15 -82.36 2.95
N THR G 71 -45.23 -82.53 4.27
CA THR G 71 -46.46 -83.01 4.92
C THR G 71 -47.57 -81.97 4.76
N VAL G 72 -48.62 -82.32 4.01
CA VAL G 72 -49.74 -81.39 3.78
C VAL G 72 -50.82 -81.59 4.85
N ARG G 73 -51.82 -80.72 4.85
CA ARG G 73 -52.90 -80.80 5.83
C ARG G 73 -53.75 -82.06 5.71
N LYS G 74 -54.09 -82.45 4.48
CA LYS G 74 -54.90 -83.65 4.28
C LYS G 74 -54.21 -84.88 4.86
N ASP G 75 -52.89 -84.90 4.80
CA ASP G 75 -52.11 -86.01 5.34
C ASP G 75 -52.36 -86.18 6.84
N VAL G 76 -52.10 -85.13 7.63
CA VAL G 76 -52.30 -85.20 9.07
C VAL G 76 -53.76 -85.47 9.46
N GLU G 77 -54.67 -85.38 8.49
CA GLU G 77 -56.08 -85.65 8.73
C GLU G 77 -56.38 -87.12 8.45
N GLU G 78 -55.94 -87.61 7.28
CA GLU G 78 -56.16 -89.00 6.89
C GLU G 78 -55.43 -89.94 7.85
N TRP G 79 -54.49 -89.38 8.62
CA TRP G 79 -53.73 -90.16 9.57
C TRP G 79 -54.56 -90.40 10.81
N GLY G 80 -55.88 -90.36 10.63
CA GLY G 80 -56.81 -90.57 11.73
C GLY G 80 -56.69 -89.51 12.81
N PRO G 81 -57.81 -89.19 13.49
CA PRO G 81 -57.79 -88.18 14.55
C PRO G 81 -56.71 -88.45 15.59
N PHE G 82 -56.26 -87.40 16.26
CA PHE G 82 -55.25 -87.55 17.31
C PHE G 82 -55.72 -86.85 18.56
N ASP G 83 -55.31 -87.37 19.71
CA ASP G 83 -55.68 -86.79 20.99
C ASP G 83 -54.44 -86.20 21.65
N LEU G 84 -53.27 -86.63 21.18
CA LEU G 84 -51.99 -86.14 21.69
C LEU G 84 -51.01 -85.86 20.57
N VAL G 85 -50.60 -84.60 20.45
CA VAL G 85 -49.64 -84.20 19.43
C VAL G 85 -48.30 -83.92 20.14
N TYR G 86 -47.30 -84.73 19.83
CA TYR G 86 -45.99 -84.58 20.44
C TYR G 86 -44.90 -84.29 19.43
N GLY G 87 -43.93 -83.46 19.84
CA GLY G 87 -42.81 -83.11 18.99
C GLY G 87 -41.70 -82.59 19.87
N ALA G 88 -40.45 -82.82 19.47
CA ALA G 88 -39.33 -82.35 20.27
C ALA G 88 -38.05 -82.17 19.45
N THR G 89 -37.25 -81.21 19.87
CA THR G 89 -35.99 -80.90 19.19
C THR G 89 -35.03 -82.07 19.26
N PRO G 90 -34.14 -82.21 18.25
CA PRO G 90 -33.19 -83.31 18.26
C PRO G 90 -32.16 -83.17 19.39
N PRO G 91 -31.72 -84.31 19.95
CA PRO G 91 -30.74 -84.32 21.04
C PRO G 91 -29.47 -83.52 20.77
N LEU G 92 -28.84 -83.06 21.85
CA LEU G 92 -27.62 -82.25 21.80
C LEU G 92 -26.45 -82.89 21.06
N GLY G 93 -26.20 -82.44 19.83
CA GLY G 93 -25.10 -83.01 19.07
C GLY G 93 -25.20 -82.67 17.60
N HIS G 94 -26.38 -82.23 17.19
CA HIS G 94 -26.67 -81.86 15.81
C HIS G 94 -26.90 -83.12 14.98
N THR G 95 -27.55 -84.10 15.59
CA THR G 95 -27.85 -85.38 14.95
C THR G 95 -28.36 -85.19 13.52
N CYS G 96 -29.01 -84.05 13.27
CA CYS G 96 -29.53 -83.71 11.96
C CYS G 96 -29.21 -82.25 11.64
N ASP G 97 -29.31 -81.91 10.36
CA ASP G 97 -29.03 -80.55 9.91
C ASP G 97 -30.34 -79.83 9.54
N ARG G 98 -30.72 -78.85 10.34
CA ARG G 98 -31.94 -78.06 10.12
C ARG G 98 -32.09 -77.08 11.28
N PRO G 99 -31.89 -75.77 11.01
CA PRO G 99 -32.00 -74.71 12.02
C PRO G 99 -33.08 -74.98 13.08
N PRO G 100 -32.70 -74.88 14.36
CA PRO G 100 -33.54 -75.10 15.54
C PRO G 100 -35.02 -74.76 15.35
N SER G 101 -35.27 -73.47 15.17
CA SER G 101 -36.63 -72.97 14.98
C SER G 101 -37.50 -73.92 14.15
N TRP G 102 -36.93 -74.42 13.05
CA TRP G 102 -37.61 -75.35 12.12
C TRP G 102 -38.58 -76.29 12.83
N TYR G 103 -38.08 -76.96 13.85
CA TYR G 103 -38.89 -77.90 14.58
C TYR G 103 -40.09 -77.22 15.23
N LEU G 104 -39.85 -76.07 15.86
CA LEU G 104 -40.94 -75.33 16.50
C LEU G 104 -42.00 -74.90 15.48
N PHE G 105 -41.55 -74.17 14.46
CA PHE G 105 -42.44 -73.69 13.40
C PHE G 105 -43.22 -74.87 12.83
N GLN G 106 -42.48 -75.85 12.30
CA GLN G 106 -43.09 -77.05 11.73
C GLN G 106 -44.08 -77.72 12.68
N PHE G 107 -43.69 -77.81 13.95
CA PHE G 107 -44.55 -78.39 14.97
C PHE G 107 -45.87 -77.64 15.01
N HIS G 108 -45.77 -76.31 15.14
CA HIS G 108 -46.93 -75.44 15.20
C HIS G 108 -47.82 -75.68 13.99
N ARG G 109 -47.19 -75.93 12.85
CA ARG G 109 -47.92 -76.16 11.61
C ARG G 109 -48.82 -77.39 11.67
N LEU G 110 -48.21 -78.58 11.79
CA LEU G 110 -49.00 -79.80 11.85
C LEU G 110 -49.89 -79.80 13.10
N LEU G 111 -49.38 -79.24 14.20
CA LEU G 111 -50.15 -79.20 15.43
C LEU G 111 -51.55 -78.67 15.13
N GLN G 112 -51.62 -77.64 14.29
CA GLN G 112 -52.91 -77.04 13.93
C GLN G 112 -53.70 -77.91 12.97
N TYR G 113 -53.02 -78.62 12.09
CA TYR G 113 -53.68 -79.48 11.13
C TYR G 113 -54.36 -80.62 11.88
N ALA G 114 -53.81 -80.96 13.05
CA ALA G 114 -54.33 -82.04 13.89
C ALA G 114 -55.41 -81.64 14.90
N ARG G 115 -55.65 -80.34 15.04
CA ARG G 115 -56.68 -79.84 15.96
C ARG G 115 -58.04 -80.44 15.62
N PRO G 116 -58.96 -80.49 16.60
CA PRO G 116 -60.31 -81.04 16.42
C PRO G 116 -61.15 -80.03 15.66
N LYS G 117 -62.47 -80.20 15.75
CA LYS G 117 -63.39 -79.27 15.10
C LYS G 117 -63.87 -78.29 16.18
N PRO G 118 -64.69 -77.29 15.80
CA PRO G 118 -65.17 -76.33 16.81
C PRO G 118 -65.88 -76.99 18.00
N GLY G 119 -66.79 -77.90 17.70
CA GLY G 119 -67.51 -78.62 18.74
C GLY G 119 -66.59 -79.66 19.34
N SER G 120 -65.66 -79.20 20.16
CA SER G 120 -64.67 -80.05 20.82
C SER G 120 -65.19 -81.43 21.21
N PRO G 121 -64.93 -82.45 20.37
CA PRO G 121 -65.37 -83.82 20.63
C PRO G 121 -64.89 -84.30 22.01
N ARG G 122 -63.63 -84.72 22.07
CA ARG G 122 -63.06 -85.19 23.32
C ARG G 122 -61.82 -84.39 23.72
N PRO G 123 -61.03 -84.88 24.69
CA PRO G 123 -59.83 -84.19 25.16
C PRO G 123 -58.72 -84.16 24.10
N PHE G 124 -58.15 -82.98 23.86
CA PHE G 124 -57.07 -82.82 22.89
C PHE G 124 -55.84 -82.20 23.56
N PHE G 125 -54.70 -82.91 23.51
CA PHE G 125 -53.48 -82.40 24.12
C PHE G 125 -52.29 -82.41 23.17
N TRP G 126 -51.37 -81.48 23.39
CA TRP G 126 -50.17 -81.37 22.57
C TRP G 126 -48.98 -81.11 23.50
N MET G 127 -47.78 -81.41 23.03
CA MET G 127 -46.57 -81.21 23.83
C MET G 127 -45.33 -81.01 22.97
N PHE G 128 -44.58 -79.95 23.25
CA PHE G 128 -43.36 -79.65 22.51
C PHE G 128 -42.20 -79.57 23.50
N VAL G 129 -41.20 -80.43 23.33
CA VAL G 129 -40.06 -80.44 24.23
C VAL G 129 -38.77 -80.02 23.54
N ASP G 130 -37.96 -79.24 24.25
CA ASP G 130 -36.69 -78.76 23.74
C ASP G 130 -35.51 -79.31 24.54
N ASN G 131 -34.59 -79.95 23.84
CA ASN G 131 -33.40 -80.55 24.43
C ASN G 131 -32.27 -79.49 24.54
N LEU G 132 -32.58 -78.37 25.20
CA LEU G 132 -31.61 -77.29 25.36
C LEU G 132 -30.83 -77.03 24.08
N VAL G 133 -31.55 -76.74 23.00
CA VAL G 133 -30.91 -76.49 21.71
C VAL G 133 -31.37 -75.16 21.08
N LEU G 134 -32.37 -74.52 21.68
CA LEU G 134 -32.87 -73.25 21.17
C LEU G 134 -32.29 -72.06 21.93
N ASN G 135 -31.81 -71.06 21.20
CA ASN G 135 -31.24 -69.85 21.79
C ASN G 135 -32.27 -69.17 22.69
N LYS G 136 -31.91 -68.08 23.34
CA LYS G 136 -32.85 -67.39 24.20
C LYS G 136 -33.80 -66.60 23.29
N GLU G 137 -33.39 -66.50 22.03
CA GLU G 137 -34.16 -65.81 21.00
C GLU G 137 -35.22 -66.81 20.59
N ASP G 138 -34.76 -67.95 20.07
CA ASP G 138 -35.62 -69.05 19.62
C ASP G 138 -36.64 -69.43 20.71
N LEU G 139 -36.30 -69.10 21.95
CA LEU G 139 -37.17 -69.38 23.10
C LEU G 139 -38.35 -68.43 23.16
N ASP G 140 -38.09 -67.15 22.90
CA ASP G 140 -39.15 -66.15 22.91
C ASP G 140 -40.15 -66.53 21.82
N VAL G 141 -39.62 -66.92 20.66
CA VAL G 141 -40.47 -67.33 19.55
C VAL G 141 -41.33 -68.48 20.01
N ALA G 142 -40.65 -69.56 20.42
CA ALA G 142 -41.31 -70.78 20.89
C ALA G 142 -42.46 -70.49 21.87
N SER G 143 -42.13 -69.81 22.97
CA SER G 143 -43.12 -69.48 23.97
C SER G 143 -44.25 -68.67 23.35
N ARG G 144 -43.88 -67.58 22.69
CA ARG G 144 -44.83 -66.68 22.04
C ARG G 144 -45.68 -67.41 20.98
N PHE G 145 -45.12 -68.46 20.40
CA PHE G 145 -45.82 -69.23 19.37
C PHE G 145 -46.76 -70.27 19.97
N LEU G 146 -46.33 -70.86 21.08
CA LEU G 146 -47.10 -71.89 21.77
C LEU G 146 -47.96 -71.29 22.88
N GLU G 147 -47.86 -69.96 23.03
CA GLU G 147 -48.64 -69.22 24.02
C GLU G 147 -48.47 -69.63 25.50
N MET G 148 -47.23 -69.65 25.96
CA MET G 148 -46.90 -70.01 27.35
C MET G 148 -45.40 -70.14 27.56
N GLU G 149 -44.96 -69.83 28.77
CA GLU G 149 -43.55 -69.97 29.12
C GLU G 149 -43.26 -71.46 29.24
N PRO G 150 -42.01 -71.87 29.03
CA PRO G 150 -41.67 -73.29 29.14
C PRO G 150 -41.67 -73.71 30.61
N VAL G 151 -41.44 -74.99 30.83
CA VAL G 151 -41.38 -75.53 32.18
C VAL G 151 -40.13 -76.39 32.18
N THR G 152 -39.05 -75.85 32.72
CA THR G 152 -37.76 -76.54 32.78
C THR G 152 -37.71 -77.62 33.86
N ILE G 153 -37.41 -78.85 33.45
CA ILE G 153 -37.28 -79.99 34.36
C ILE G 153 -35.90 -80.61 34.20
N PRO G 154 -35.03 -80.44 35.22
CA PRO G 154 -33.66 -80.95 35.25
C PRO G 154 -33.51 -82.46 35.53
N ASP G 155 -32.28 -82.85 35.85
CA ASP G 155 -31.94 -84.24 36.15
C ASP G 155 -30.55 -84.22 36.80
N VAL G 156 -30.51 -84.36 38.13
CA VAL G 156 -29.25 -84.34 38.88
C VAL G 156 -28.78 -85.73 39.32
N HIS G 157 -27.46 -85.90 39.41
CA HIS G 157 -26.85 -87.15 39.83
C HIS G 157 -25.47 -86.90 40.42
N GLY G 158 -24.82 -85.84 39.96
CA GLY G 158 -23.49 -85.51 40.43
C GLY G 158 -22.45 -85.95 39.42
N GLY G 159 -22.74 -87.04 38.72
CA GLY G 159 -21.83 -87.56 37.72
C GLY G 159 -22.48 -87.56 36.35
N SER G 160 -23.59 -86.82 36.23
CA SER G 160 -24.33 -86.70 34.98
C SER G 160 -25.42 -85.64 35.13
N VAL G 165 -34.02 -79.95 30.21
CA VAL G 165 -34.92 -79.97 29.07
C VAL G 165 -36.14 -79.05 29.31
N ARG G 166 -36.50 -78.27 28.30
CA ARG G 166 -37.64 -77.34 28.40
C ARG G 166 -38.90 -77.96 27.80
N VAL G 167 -40.04 -77.70 28.43
CA VAL G 167 -41.30 -78.28 27.94
C VAL G 167 -42.48 -77.31 27.85
N TRP G 168 -43.21 -77.43 26.75
CA TRP G 168 -44.40 -76.63 26.47
C TRP G 168 -45.54 -77.62 26.28
N SER G 169 -46.70 -77.32 26.84
CA SER G 169 -47.85 -78.22 26.73
C SER G 169 -49.06 -77.75 27.53
N ASN G 170 -50.20 -78.36 27.24
CA ASN G 170 -51.47 -78.04 27.91
C ASN G 170 -51.94 -79.14 28.85
N ILE G 171 -51.06 -80.11 29.10
CA ILE G 171 -51.38 -81.22 29.98
C ILE G 171 -51.46 -80.72 31.43
N PRO G 172 -52.65 -80.81 32.05
CA PRO G 172 -52.96 -80.37 33.42
C PRO G 172 -51.81 -80.38 34.44
N ALA G 173 -51.90 -79.43 35.37
CA ALA G 173 -50.91 -79.28 36.44
C ALA G 173 -49.47 -79.44 35.97
N ILE G 174 -49.18 -78.96 34.76
CA ILE G 174 -47.83 -79.03 34.19
C ILE G 174 -46.99 -77.85 34.65
N ARG G 175 -47.67 -76.82 35.18
CA ARG G 175 -47.01 -75.62 35.64
C ARG G 175 -46.73 -75.60 37.15
N SER G 176 -47.44 -76.43 37.91
CA SER G 176 -47.23 -76.48 39.36
C SER G 176 -46.09 -77.45 39.68
N ARG G 177 -45.51 -78.03 38.63
CA ARG G 177 -44.39 -78.96 38.80
C ARG G 177 -43.12 -78.29 38.30
N HIS G 178 -43.19 -76.97 38.14
CA HIS G 178 -42.07 -76.16 37.66
C HIS G 178 -41.08 -75.91 38.80
N TRP G 179 -39.80 -75.99 38.49
CA TRP G 179 -38.75 -75.77 39.49
C TRP G 179 -37.99 -74.48 39.23
N ALA G 180 -38.52 -73.38 39.76
CA ALA G 180 -37.90 -72.07 39.60
C ALA G 180 -36.58 -71.99 40.35
N LEU G 181 -35.73 -72.99 40.14
CA LEU G 181 -34.43 -73.03 40.80
C LEU G 181 -33.26 -73.00 39.81
N VAL G 182 -33.04 -74.10 39.10
CA VAL G 182 -31.95 -74.18 38.11
C VAL G 182 -31.80 -72.88 37.33
N SER G 183 -30.57 -72.38 37.23
CA SER G 183 -30.32 -71.13 36.52
C SER G 183 -30.04 -71.35 35.03
N GLU G 184 -30.10 -70.26 34.28
CA GLU G 184 -29.87 -70.31 32.85
C GLU G 184 -28.38 -70.39 32.52
N GLU G 185 -27.59 -69.56 33.19
CA GLU G 185 -26.14 -69.53 33.00
C GLU G 185 -25.52 -70.92 33.16
N GLU G 186 -25.98 -71.63 34.18
CA GLU G 186 -25.49 -72.98 34.45
C GLU G 186 -25.99 -73.93 33.35
N LEU G 187 -27.27 -73.80 33.00
CA LEU G 187 -27.89 -74.63 31.98
C LEU G 187 -27.21 -74.45 30.62
N SER G 188 -26.71 -73.23 30.35
CA SER G 188 -26.01 -72.96 29.09
C SER G 188 -24.65 -73.64 29.15
N LEU G 189 -24.09 -73.72 30.35
CA LEU G 189 -22.80 -74.35 30.57
C LEU G 189 -22.97 -75.86 30.35
N LEU G 190 -24.14 -76.37 30.70
CA LEU G 190 -24.44 -77.79 30.55
C LEU G 190 -24.42 -78.19 29.07
N ALA G 191 -25.03 -77.37 28.22
CA ALA G 191 -25.10 -77.64 26.79
C ALA G 191 -23.79 -77.38 26.05
N GLN G 192 -23.11 -76.28 26.39
CA GLN G 192 -21.85 -75.91 25.76
C GLN G 192 -20.77 -76.97 25.97
N ASN G 193 -20.85 -77.68 27.09
CA ASN G 193 -19.87 -78.73 27.41
C ASN G 193 -20.24 -80.07 26.78
N LYS G 194 -21.49 -80.21 26.34
CA LYS G 194 -21.95 -81.45 25.70
C LYS G 194 -21.65 -81.45 24.21
N GLN G 195 -21.33 -80.27 23.67
CA GLN G 195 -20.99 -80.11 22.26
C GLN G 195 -19.51 -80.44 22.11
N SER G 196 -18.74 -80.09 23.14
CA SER G 196 -17.30 -80.30 23.18
C SER G 196 -16.94 -81.57 23.94
N SER G 197 -17.17 -82.74 23.33
CA SER G 197 -16.86 -84.02 23.94
C SER G 197 -17.23 -85.19 23.02
N THR G 205 -35.50 -88.46 28.18
CA THR G 205 -36.68 -89.29 28.31
C THR G 205 -37.22 -89.33 29.74
N LYS G 206 -36.47 -89.95 30.64
CA LYS G 206 -36.84 -90.05 32.06
C LYS G 206 -37.47 -88.76 32.57
N LEU G 207 -37.01 -87.63 32.04
CA LEU G 207 -37.51 -86.33 32.45
C LEU G 207 -39.00 -86.15 32.14
N VAL G 208 -39.35 -86.20 30.86
CA VAL G 208 -40.74 -86.03 30.42
C VAL G 208 -41.65 -87.24 30.64
N LYS G 209 -41.06 -88.42 30.72
CA LYS G 209 -41.83 -89.65 30.92
C LYS G 209 -42.90 -89.53 32.00
N ASN G 210 -42.61 -88.75 33.05
CA ASN G 210 -43.55 -88.58 34.15
C ASN G 210 -44.53 -87.42 33.98
N CYS G 211 -44.51 -86.79 32.80
CA CYS G 211 -45.41 -85.68 32.52
C CYS G 211 -46.70 -86.19 31.87
N PHE G 212 -46.66 -87.44 31.42
CA PHE G 212 -47.82 -88.05 30.78
C PHE G 212 -48.78 -88.66 31.79
N LEU G 213 -48.37 -88.69 33.06
CA LEU G 213 -49.21 -89.26 34.11
C LEU G 213 -50.62 -88.67 34.16
N PRO G 214 -50.73 -87.33 34.17
CA PRO G 214 -52.09 -86.77 34.22
C PRO G 214 -53.01 -87.21 33.07
N LEU G 215 -52.41 -87.82 32.04
CA LEU G 215 -53.15 -88.33 30.88
C LEU G 215 -53.88 -89.62 31.24
N ARG G 216 -53.41 -90.28 32.29
CA ARG G 216 -54.00 -91.54 32.76
C ARG G 216 -55.45 -91.30 33.17
N GLU G 217 -55.74 -90.07 33.57
CA GLU G 217 -57.07 -89.66 34.01
C GLU G 217 -58.04 -89.42 32.85
N TYR G 218 -57.55 -89.51 31.61
CA TYR G 218 -58.40 -89.27 30.46
C TYR G 218 -58.45 -90.42 29.44
N PHE G 219 -57.39 -91.20 29.35
CA PHE G 219 -57.34 -92.32 28.40
C PHE G 219 -57.15 -93.69 29.06
N LYS G 220 -57.38 -94.73 28.27
CA LYS G 220 -57.28 -96.12 28.71
C LYS G 220 -55.86 -96.53 29.16
N TYR G 221 -55.81 -97.31 30.23
CA TYR G 221 -54.54 -97.81 30.79
C TYR G 221 -54.43 -99.30 30.50
N PHE G 222 -53.25 -99.75 30.08
CA PHE G 222 -53.04 -101.16 29.76
C PHE G 222 -51.88 -101.81 30.52
N SER G 223 -52.22 -102.78 31.37
CA SER G 223 -51.26 -103.53 32.18
C SER G 223 -50.10 -102.72 32.74
N LYS H 13 -76.82 -54.30 2.01
CA LYS H 13 -75.63 -53.47 1.71
C LYS H 13 -74.34 -54.05 2.31
N ARG H 14 -73.23 -53.51 1.85
CA ARG H 14 -71.89 -53.92 2.26
C ARG H 14 -71.36 -52.93 3.31
N LYS H 15 -70.37 -53.37 4.08
CA LYS H 15 -69.79 -52.53 5.12
C LYS H 15 -68.35 -52.11 4.80
N PRO H 16 -67.74 -51.23 5.62
CA PRO H 16 -66.37 -50.76 5.42
C PRO H 16 -65.39 -51.89 5.69
N ILE H 17 -64.23 -51.85 5.04
CA ILE H 17 -63.22 -52.89 5.23
C ILE H 17 -62.34 -52.63 6.46
N ARG H 18 -62.07 -53.69 7.20
CA ARG H 18 -61.26 -53.61 8.40
C ARG H 18 -59.98 -54.37 8.07
N VAL H 19 -58.87 -53.64 7.97
CA VAL H 19 -57.61 -54.27 7.59
C VAL H 19 -56.51 -54.36 8.63
N LEU H 20 -55.63 -55.34 8.43
CA LEU H 20 -54.49 -55.56 9.29
C LEU H 20 -53.25 -55.66 8.41
N SER H 21 -52.42 -54.61 8.45
CA SER H 21 -51.19 -54.58 7.66
C SER H 21 -49.99 -54.87 8.55
N LEU H 22 -49.25 -55.90 8.15
CA LEU H 22 -48.07 -56.34 8.87
C LEU H 22 -46.87 -55.99 8.00
N PHE H 23 -45.89 -55.32 8.62
CA PHE H 23 -44.70 -54.86 7.90
C PHE H 23 -45.25 -53.84 6.91
N ASP H 24 -46.17 -53.01 7.42
CA ASP H 24 -46.87 -51.95 6.70
C ASP H 24 -46.00 -50.98 5.86
N GLY H 25 -44.77 -50.77 6.27
CA GLY H 25 -43.90 -49.87 5.53
C GLY H 25 -44.46 -48.44 5.46
N ILE H 26 -44.68 -47.93 4.25
CA ILE H 26 -45.18 -46.58 4.08
C ILE H 26 -46.62 -46.58 3.63
N ALA H 27 -47.39 -47.50 4.22
CA ALA H 27 -48.82 -47.64 3.98
C ALA H 27 -49.32 -47.69 2.56
N THR H 28 -48.63 -48.47 1.73
CA THR H 28 -49.04 -48.60 0.35
C THR H 28 -50.42 -49.19 0.38
N GLY H 29 -50.62 -50.09 1.33
CA GLY H 29 -51.91 -50.76 1.46
C GLY H 29 -53.05 -49.76 1.56
N LEU H 30 -53.00 -48.95 2.61
CA LEU H 30 -54.04 -47.94 2.82
C LEU H 30 -54.15 -47.00 1.61
N LEU H 31 -52.99 -46.54 1.10
CA LEU H 31 -52.97 -45.64 -0.04
C LEU H 31 -53.81 -46.24 -1.17
N VAL H 32 -53.49 -47.48 -1.53
CA VAL H 32 -54.19 -48.19 -2.59
C VAL H 32 -55.67 -48.32 -2.26
N LEU H 33 -55.94 -48.75 -1.03
CA LEU H 33 -57.32 -48.91 -0.57
C LEU H 33 -58.13 -47.65 -0.84
N LYS H 34 -57.57 -46.51 -0.46
CA LYS H 34 -58.25 -45.23 -0.66
C LYS H 34 -58.43 -44.98 -2.14
N ASP H 35 -57.37 -45.21 -2.92
CA ASP H 35 -57.37 -45.01 -4.37
C ASP H 35 -58.58 -45.67 -5.05
N LEU H 36 -58.84 -46.91 -4.69
CA LEU H 36 -59.94 -47.68 -5.25
C LEU H 36 -61.30 -47.20 -4.76
N GLY H 37 -61.29 -46.25 -3.85
CA GLY H 37 -62.54 -45.72 -3.32
C GLY H 37 -63.28 -46.67 -2.40
N ILE H 38 -62.55 -47.42 -1.58
CA ILE H 38 -63.17 -48.36 -0.66
C ILE H 38 -63.09 -47.82 0.76
N GLN H 39 -64.22 -47.74 1.44
CA GLN H 39 -64.25 -47.24 2.81
C GLN H 39 -63.47 -48.13 3.76
N VAL H 40 -62.63 -47.51 4.60
CA VAL H 40 -61.81 -48.24 5.55
C VAL H 40 -62.23 -48.03 7.00
N ASP H 41 -62.86 -49.03 7.60
CA ASP H 41 -63.28 -48.90 9.00
C ASP H 41 -62.04 -48.69 9.86
N ARG H 42 -61.02 -49.53 9.67
CA ARG H 42 -59.80 -49.37 10.44
C ARG H 42 -58.63 -50.03 9.72
N TYR H 43 -57.45 -49.45 9.92
CA TYR H 43 -56.24 -49.96 9.30
C TYR H 43 -55.24 -50.03 10.45
N ILE H 44 -54.99 -51.25 10.91
CA ILE H 44 -54.04 -51.44 12.01
C ILE H 44 -52.75 -51.95 11.41
N ALA H 45 -51.69 -51.17 11.60
CA ALA H 45 -50.41 -51.53 11.01
C ALA H 45 -49.32 -51.88 12.01
N SER H 46 -48.54 -52.89 11.66
CA SER H 46 -47.45 -53.30 12.52
C SER H 46 -46.17 -52.88 11.84
N GLU H 47 -45.52 -51.87 12.39
CA GLU H 47 -44.27 -51.42 11.80
C GLU H 47 -43.31 -50.96 12.87
N VAL H 48 -42.03 -51.15 12.64
CA VAL H 48 -41.07 -50.72 13.64
C VAL H 48 -40.18 -49.60 13.15
N CYS H 49 -40.10 -49.37 11.83
CA CYS H 49 -39.24 -48.29 11.34
C CYS H 49 -39.89 -46.92 11.51
N GLU H 50 -39.27 -46.10 12.34
CA GLU H 50 -39.75 -44.75 12.62
C GLU H 50 -40.10 -43.96 11.38
N ASP H 51 -39.15 -43.92 10.43
CA ASP H 51 -39.34 -43.18 9.21
C ASP H 51 -40.57 -43.57 8.44
N SER H 52 -40.74 -44.86 8.17
CA SER H 52 -41.93 -45.29 7.44
C SER H 52 -43.13 -45.00 8.32
N ILE H 53 -42.97 -45.21 9.63
CA ILE H 53 -44.04 -44.94 10.59
C ILE H 53 -44.54 -43.51 10.41
N THR H 54 -43.59 -42.56 10.43
CA THR H 54 -43.89 -41.13 10.25
C THR H 54 -44.66 -40.88 8.95
N VAL H 55 -44.11 -41.35 7.84
CA VAL H 55 -44.76 -41.17 6.56
C VAL H 55 -46.25 -41.54 6.62
N GLY H 56 -46.55 -42.76 7.07
CA GLY H 56 -47.93 -43.21 7.16
C GLY H 56 -48.76 -42.28 8.02
N MET H 57 -48.23 -41.97 9.19
CA MET H 57 -48.87 -41.07 10.15
C MET H 57 -49.30 -39.75 9.46
N VAL H 58 -48.34 -39.12 8.80
CA VAL H 58 -48.63 -37.87 8.15
C VAL H 58 -49.48 -38.01 6.89
N ARG H 59 -49.09 -38.86 5.96
CA ARG H 59 -49.89 -38.96 4.74
C ARG H 59 -51.32 -39.39 4.92
N HIS H 60 -51.61 -40.14 5.98
CA HIS H 60 -52.98 -40.60 6.17
C HIS H 60 -53.66 -39.94 7.39
N GLN H 61 -53.01 -38.88 7.87
CA GLN H 61 -53.52 -38.09 8.99
C GLN H 61 -54.00 -38.85 10.21
N GLY H 62 -53.21 -39.80 10.69
CA GLY H 62 -53.57 -40.53 11.88
C GLY H 62 -54.42 -41.78 11.71
N LYS H 63 -55.32 -41.77 10.73
CA LYS H 63 -56.20 -42.90 10.47
C LYS H 63 -55.59 -44.28 10.79
N ILE H 64 -54.31 -44.44 10.51
CA ILE H 64 -53.63 -45.71 10.78
C ILE H 64 -53.33 -45.92 12.26
N MET H 65 -53.88 -47.00 12.82
CA MET H 65 -53.65 -47.33 14.21
C MET H 65 -52.33 -48.08 14.22
N TYR H 66 -51.28 -47.43 14.71
CA TYR H 66 -49.95 -48.04 14.72
C TYR H 66 -49.65 -48.92 15.93
N VAL H 67 -49.72 -50.24 15.74
CA VAL H 67 -49.37 -51.15 16.83
C VAL H 67 -47.83 -51.14 16.78
N GLY H 68 -47.15 -52.07 17.44
CA GLY H 68 -45.70 -52.03 17.37
C GLY H 68 -45.06 -53.12 16.50
N ASP H 69 -44.04 -53.74 17.06
CA ASP H 69 -43.31 -54.83 16.41
C ASP H 69 -44.27 -56.01 16.25
N VAL H 70 -44.28 -56.64 15.07
CA VAL H 70 -45.19 -57.75 14.83
C VAL H 70 -45.26 -58.76 15.97
N ARG H 71 -44.11 -59.26 16.41
CA ARG H 71 -44.10 -60.25 17.49
C ARG H 71 -44.33 -59.69 18.90
N SER H 72 -45.32 -58.79 19.01
CA SER H 72 -45.72 -58.18 20.27
C SER H 72 -47.24 -58.14 20.14
N VAL H 73 -47.70 -58.68 19.02
CA VAL H 73 -49.11 -58.78 18.72
C VAL H 73 -49.49 -60.22 19.07
N THR H 74 -50.58 -60.40 19.81
CA THR H 74 -51.00 -61.72 20.22
C THR H 74 -52.44 -62.04 19.84
N GLN H 75 -52.77 -63.33 19.89
CA GLN H 75 -54.11 -63.81 19.58
C GLN H 75 -55.09 -62.92 20.35
N LYS H 76 -54.75 -62.63 21.61
CA LYS H 76 -55.57 -61.78 22.46
C LYS H 76 -55.79 -60.44 21.76
N HIS H 77 -54.73 -59.88 21.20
CA HIS H 77 -54.82 -58.60 20.50
C HIS H 77 -55.69 -58.69 19.25
N ILE H 78 -55.57 -59.80 18.51
CA ILE H 78 -56.33 -60.01 17.27
C ILE H 78 -57.85 -59.83 17.40
N GLN H 79 -58.54 -60.76 18.07
CA GLN H 79 -59.98 -60.64 18.18
C GLN H 79 -60.36 -59.42 19.02
N GLU H 80 -59.40 -58.93 19.81
CA GLU H 80 -59.65 -57.75 20.62
C GLU H 80 -59.60 -56.55 19.67
N TRP H 81 -58.66 -56.60 18.72
CA TRP H 81 -58.48 -55.56 17.70
C TRP H 81 -59.66 -55.60 16.74
N GLY H 82 -60.75 -56.24 17.16
CA GLY H 82 -61.93 -56.38 16.32
C GLY H 82 -61.63 -57.40 15.24
N PRO H 83 -62.66 -57.98 14.61
CA PRO H 83 -62.41 -58.97 13.55
C PRO H 83 -61.87 -58.29 12.27
N PHE H 84 -61.01 -58.97 11.53
CA PHE H 84 -60.43 -58.38 10.32
C PHE H 84 -60.96 -58.98 9.02
N ASP H 85 -61.10 -58.14 8.00
CA ASP H 85 -61.57 -58.60 6.70
C ASP H 85 -60.43 -58.82 5.72
N LEU H 86 -59.36 -58.05 5.89
CA LEU H 86 -58.21 -58.19 5.03
C LEU H 86 -56.93 -58.23 5.85
N VAL H 87 -56.05 -59.16 5.49
CA VAL H 87 -54.78 -59.26 6.17
C VAL H 87 -53.76 -59.19 5.04
N ILE H 88 -52.90 -58.17 5.10
CA ILE H 88 -51.87 -57.96 4.09
C ILE H 88 -50.49 -57.93 4.74
N GLY H 89 -49.46 -58.28 3.99
CA GLY H 89 -48.13 -58.27 4.57
C GLY H 89 -47.01 -58.64 3.64
N GLY H 90 -45.83 -58.10 3.92
CA GLY H 90 -44.64 -58.39 3.13
C GLY H 90 -43.43 -58.38 4.05
N SER H 91 -43.15 -59.52 4.66
CA SER H 91 -42.02 -59.64 5.58
C SER H 91 -40.68 -59.32 4.89
N PRO H 92 -39.70 -58.80 5.64
CA PRO H 92 -38.36 -58.47 5.10
C PRO H 92 -37.81 -59.56 4.18
N CYS H 93 -37.34 -59.16 3.00
CA CYS H 93 -36.80 -60.14 2.03
C CYS H 93 -35.29 -60.44 2.22
N ASN H 94 -34.55 -59.49 2.74
CA ASN H 94 -33.11 -59.62 3.00
C ASN H 94 -32.54 -61.03 3.13
N ASP H 95 -32.86 -61.74 4.22
CA ASP H 95 -32.30 -63.08 4.38
C ASP H 95 -32.96 -64.19 3.55
N LEU H 96 -33.64 -63.80 2.47
CA LEU H 96 -34.30 -64.75 1.59
C LEU H 96 -33.70 -64.56 0.19
N SER H 97 -33.18 -63.36 -0.06
CA SER H 97 -32.60 -63.03 -1.37
C SER H 97 -31.36 -63.82 -1.71
N ILE H 98 -31.44 -64.56 -2.81
CA ILE H 98 -30.33 -65.37 -3.28
C ILE H 98 -29.09 -64.51 -3.53
N VAL H 99 -29.30 -63.23 -3.76
CA VAL H 99 -28.20 -62.31 -4.01
C VAL H 99 -27.36 -62.08 -2.76
N ASN H 100 -28.03 -61.85 -1.63
CA ASN H 100 -27.35 -61.61 -0.35
C ASN H 100 -26.69 -62.90 0.16
N PRO H 101 -25.38 -63.03 -0.04
CA PRO H 101 -24.61 -64.20 0.40
C PRO H 101 -24.74 -64.51 1.89
N ALA H 102 -24.66 -63.46 2.70
CA ALA H 102 -24.77 -63.64 4.15
C ALA H 102 -26.18 -64.01 4.62
N ARG H 103 -27.12 -64.11 3.69
CA ARG H 103 -28.50 -64.43 4.04
C ARG H 103 -28.57 -65.63 4.98
N LYS H 104 -29.44 -65.51 5.99
CA LYS H 104 -29.61 -66.58 6.96
C LYS H 104 -30.90 -67.37 6.77
N GLY H 105 -31.41 -67.34 5.54
CA GLY H 105 -32.61 -68.09 5.20
C GLY H 105 -33.88 -67.79 5.97
N LEU H 106 -34.92 -68.56 5.64
CA LEU H 106 -36.26 -68.45 6.21
C LEU H 106 -36.39 -68.72 7.70
N TYR H 107 -35.42 -69.39 8.30
CA TYR H 107 -35.52 -69.72 9.71
C TYR H 107 -34.68 -68.89 10.66
N GLU H 108 -33.76 -68.12 10.09
CA GLU H 108 -32.88 -67.26 10.86
C GLU H 108 -33.07 -65.78 10.53
N GLY H 109 -32.19 -64.96 11.10
CA GLY H 109 -32.23 -63.52 10.88
C GLY H 109 -33.62 -62.94 10.80
N THR H 110 -33.86 -62.10 9.81
CA THR H 110 -35.17 -61.49 9.64
C THR H 110 -36.09 -62.49 8.95
N GLY H 111 -35.49 -63.51 8.34
CA GLY H 111 -36.27 -64.53 7.65
C GLY H 111 -37.45 -65.00 8.50
N ARG H 112 -37.15 -65.28 9.76
CA ARG H 112 -38.14 -65.73 10.75
C ARG H 112 -39.43 -64.92 10.69
N LEU H 113 -39.26 -63.60 10.63
CA LEU H 113 -40.41 -62.70 10.62
C LEU H 113 -41.58 -63.23 9.81
N PHE H 114 -41.30 -64.03 8.79
CA PHE H 114 -42.38 -64.59 7.99
C PHE H 114 -43.42 -65.31 8.85
N PHE H 115 -42.97 -66.29 9.63
CA PHE H 115 -43.85 -67.07 10.49
C PHE H 115 -44.73 -66.17 11.36
N GLU H 116 -44.23 -64.97 11.67
CA GLU H 116 -44.98 -64.01 12.46
C GLU H 116 -46.25 -63.72 11.68
N PHE H 117 -46.09 -63.46 10.37
CA PHE H 117 -47.22 -63.19 9.50
C PHE H 117 -48.14 -64.41 9.48
N TYR H 118 -47.52 -65.59 9.38
CA TYR H 118 -48.26 -66.85 9.36
C TYR H 118 -49.07 -66.98 10.65
N ARG H 119 -48.38 -66.89 11.78
CA ARG H 119 -48.99 -66.96 13.09
C ARG H 119 -50.25 -66.11 13.16
N LEU H 120 -50.08 -64.80 12.95
CA LEU H 120 -51.21 -63.89 13.03
C LEU H 120 -52.26 -64.12 11.95
N LEU H 121 -51.86 -64.64 10.80
CA LEU H 121 -52.82 -64.89 9.72
C LEU H 121 -53.78 -65.95 10.25
N HIS H 122 -53.20 -66.97 10.89
CA HIS H 122 -53.95 -68.06 11.49
C HIS H 122 -54.88 -67.51 12.60
N ASP H 123 -54.35 -66.60 13.42
CA ASP H 123 -55.10 -66.00 14.51
C ASP H 123 -56.24 -65.10 14.04
N ALA H 124 -56.24 -64.76 12.77
CA ALA H 124 -57.26 -63.85 12.23
C ALA H 124 -58.31 -64.51 11.34
N ARG H 125 -57.89 -65.50 10.56
CA ARG H 125 -58.79 -66.21 9.65
C ARG H 125 -60.00 -66.77 10.39
N PRO H 126 -61.20 -66.61 9.80
CA PRO H 126 -62.45 -67.11 10.38
C PRO H 126 -62.34 -68.61 10.69
N LYS H 127 -62.78 -68.99 11.89
CA LYS H 127 -62.69 -70.39 12.26
C LYS H 127 -63.76 -71.21 11.56
N GLU H 128 -63.48 -72.49 11.35
CA GLU H 128 -64.40 -73.40 10.68
C GLU H 128 -65.83 -73.19 11.17
N GLY H 129 -66.72 -72.87 10.24
CA GLY H 129 -68.11 -72.63 10.60
C GLY H 129 -68.51 -71.23 10.21
N ASP H 130 -67.64 -70.26 10.46
CA ASP H 130 -67.91 -68.88 10.10
C ASP H 130 -67.62 -68.68 8.61
N ASP H 131 -68.66 -68.32 7.86
CA ASP H 131 -68.58 -68.11 6.41
C ASP H 131 -68.14 -66.71 6.03
N ARG H 132 -67.98 -65.84 7.02
CA ARG H 132 -67.58 -64.46 6.80
C ARG H 132 -66.46 -64.30 5.77
N PRO H 133 -66.60 -63.32 4.85
CA PRO H 133 -65.58 -63.05 3.83
C PRO H 133 -64.27 -62.65 4.48
N PHE H 134 -63.17 -63.30 4.07
CA PHE H 134 -61.85 -63.01 4.63
C PHE H 134 -60.79 -63.06 3.54
N PHE H 135 -60.10 -61.94 3.34
CA PHE H 135 -59.07 -61.82 2.32
C PHE H 135 -57.69 -61.59 2.92
N TRP H 136 -56.68 -62.25 2.36
CA TRP H 136 -55.32 -62.10 2.85
C TRP H 136 -54.33 -62.08 1.68
N LEU H 137 -53.18 -61.45 1.90
CA LEU H 137 -52.14 -61.35 0.88
C LEU H 137 -50.76 -61.23 1.50
N PHE H 138 -49.79 -61.91 0.89
CA PHE H 138 -48.42 -61.89 1.37
C PHE H 138 -47.45 -61.92 0.21
N GLU H 139 -46.49 -60.99 0.22
CA GLU H 139 -45.51 -60.90 -0.85
C GLU H 139 -44.06 -61.13 -0.40
N ASN H 140 -43.19 -61.31 -1.38
CA ASN H 140 -41.78 -61.49 -1.14
C ASN H 140 -41.01 -61.70 -2.43
N VAL H 141 -39.69 -61.48 -2.36
CA VAL H 141 -38.82 -61.60 -3.51
C VAL H 141 -38.89 -62.92 -4.26
N VAL H 142 -38.92 -62.84 -5.59
CA VAL H 142 -38.97 -64.05 -6.43
C VAL H 142 -37.64 -64.79 -6.27
N ALA H 143 -36.57 -63.99 -6.18
CA ALA H 143 -35.21 -64.49 -6.04
C ALA H 143 -34.91 -65.06 -4.66
N MET H 144 -35.54 -66.18 -4.33
CA MET H 144 -35.33 -66.83 -3.04
C MET H 144 -35.04 -68.34 -3.21
N GLY H 145 -34.54 -68.96 -2.14
CA GLY H 145 -34.24 -70.38 -2.17
C GLY H 145 -35.47 -71.25 -2.37
N VAL H 146 -35.36 -72.23 -3.28
CA VAL H 146 -36.46 -73.13 -3.59
C VAL H 146 -37.03 -73.84 -2.37
N SER H 147 -36.20 -74.03 -1.35
CA SER H 147 -36.63 -74.65 -0.11
C SER H 147 -37.58 -73.72 0.64
N ASP H 148 -37.18 -72.44 0.72
CA ASP H 148 -37.96 -71.40 1.39
C ASP H 148 -39.28 -71.17 0.66
N LYS H 149 -39.22 -71.06 -0.66
CA LYS H 149 -40.43 -70.89 -1.46
C LYS H 149 -41.40 -72.00 -1.07
N ARG H 150 -40.88 -73.22 -1.02
CA ARG H 150 -41.68 -74.39 -0.66
C ARG H 150 -42.24 -74.22 0.76
N ASP H 151 -41.36 -74.19 1.75
CA ASP H 151 -41.77 -74.03 3.15
C ASP H 151 -42.88 -72.99 3.27
N ILE H 152 -42.64 -71.80 2.73
CA ILE H 152 -43.62 -70.73 2.79
C ILE H 152 -44.94 -71.24 2.21
N SER H 153 -44.90 -71.77 0.98
CA SER H 153 -46.11 -72.29 0.35
C SER H 153 -46.78 -73.32 1.28
N ARG H 154 -45.96 -74.19 1.88
CA ARG H 154 -46.45 -75.24 2.78
C ARG H 154 -47.10 -74.64 4.03
N PHE H 155 -46.57 -73.51 4.48
CA PHE H 155 -47.09 -72.82 5.67
C PHE H 155 -48.40 -72.11 5.40
N LEU H 156 -48.39 -71.27 4.38
CA LEU H 156 -49.59 -70.53 4.02
C LEU H 156 -50.57 -71.44 3.29
N GLU H 157 -50.15 -72.68 3.07
CA GLU H 157 -50.98 -73.67 2.38
C GLU H 157 -51.47 -73.21 1.02
N SER H 158 -50.54 -72.82 0.15
CA SER H 158 -50.89 -72.38 -1.20
C SER H 158 -49.64 -71.99 -1.95
N ASN H 159 -49.79 -71.79 -3.26
CA ASN H 159 -48.65 -71.41 -4.08
C ASN H 159 -48.75 -69.96 -4.51
N PRO H 160 -47.59 -69.30 -4.66
CA PRO H 160 -47.59 -67.90 -5.07
C PRO H 160 -48.02 -67.66 -6.51
N VAL H 161 -47.94 -66.40 -6.91
CA VAL H 161 -48.31 -65.98 -8.25
C VAL H 161 -47.36 -64.85 -8.66
N MET H 162 -46.26 -65.23 -9.31
CA MET H 162 -45.26 -64.28 -9.76
C MET H 162 -45.94 -63.19 -10.57
N ILE H 163 -45.49 -61.95 -10.34
CA ILE H 163 -46.04 -60.80 -11.05
C ILE H 163 -44.98 -59.67 -11.02
N ASP H 164 -44.62 -59.20 -12.21
CA ASP H 164 -43.61 -58.16 -12.36
C ASP H 164 -44.19 -56.80 -12.72
N ALA H 165 -43.87 -55.81 -11.90
CA ALA H 165 -44.36 -54.44 -12.10
C ALA H 165 -43.93 -53.89 -13.45
N LYS H 166 -43.03 -54.62 -14.12
CA LYS H 166 -42.52 -54.20 -15.41
C LYS H 166 -43.64 -54.03 -16.41
N GLU H 167 -44.71 -54.80 -16.25
CA GLU H 167 -45.83 -54.74 -17.18
C GLU H 167 -46.78 -53.56 -16.95
N VAL H 168 -46.57 -52.83 -15.85
CA VAL H 168 -47.44 -51.69 -15.58
C VAL H 168 -46.69 -50.51 -14.92
N SER H 169 -45.37 -50.54 -14.97
CA SER H 169 -44.54 -49.51 -14.36
C SER H 169 -43.15 -49.44 -14.99
N ALA H 170 -42.51 -48.28 -14.92
CA ALA H 170 -41.18 -48.15 -15.50
C ALA H 170 -40.09 -48.84 -14.68
N ALA H 171 -40.40 -49.98 -14.08
CA ALA H 171 -39.38 -50.71 -13.32
C ALA H 171 -39.54 -52.22 -13.38
N HIS H 172 -38.46 -52.92 -13.07
CA HIS H 172 -38.45 -54.38 -13.07
C HIS H 172 -38.56 -54.88 -11.65
N ARG H 173 -39.78 -55.19 -11.19
CA ARG H 173 -39.97 -55.71 -9.84
C ARG H 173 -40.75 -57.03 -9.90
N ALA H 174 -40.01 -58.13 -10.00
CA ALA H 174 -40.61 -59.45 -10.05
C ALA H 174 -40.74 -59.94 -8.62
N ARG H 175 -41.98 -60.12 -8.16
CA ARG H 175 -42.22 -60.58 -6.79
C ARG H 175 -43.28 -61.67 -6.76
N TYR H 176 -43.17 -62.54 -5.75
CA TYR H 176 -44.12 -63.64 -5.56
C TYR H 176 -45.29 -63.17 -4.71
N PHE H 177 -46.48 -63.64 -5.07
CA PHE H 177 -47.69 -63.27 -4.34
C PHE H 177 -48.59 -64.45 -3.89
N TRP H 178 -48.61 -64.71 -2.59
CA TRP H 178 -49.46 -65.75 -2.02
C TRP H 178 -50.72 -65.05 -1.55
N GLY H 179 -51.87 -65.70 -1.69
CA GLY H 179 -53.09 -65.08 -1.23
C GLY H 179 -54.36 -65.67 -1.78
N ASN H 180 -55.50 -65.21 -1.27
CA ASN H 180 -56.79 -65.71 -1.73
C ASN H 180 -57.65 -64.60 -2.35
N LEU H 181 -57.04 -63.45 -2.62
CA LEU H 181 -57.77 -62.34 -3.23
C LEU H 181 -58.27 -62.83 -4.58
N PRO H 182 -59.52 -62.50 -4.95
CA PRO H 182 -60.11 -62.92 -6.22
C PRO H 182 -59.40 -62.41 -7.47
N GLY H 183 -59.22 -63.29 -8.46
CA GLY H 183 -58.57 -62.91 -9.69
C GLY H 183 -57.12 -62.46 -9.59
N MET H 184 -56.33 -63.15 -8.77
CA MET H 184 -54.92 -62.81 -8.61
C MET H 184 -54.09 -63.23 -9.83
N ASN H 185 -54.61 -64.17 -10.61
CA ASN H 185 -53.86 -64.64 -11.78
C ASN H 185 -54.16 -63.87 -13.05
N ARG H 186 -55.39 -63.37 -13.20
CA ARG H 186 -55.74 -62.62 -14.40
C ARG H 186 -54.67 -61.60 -14.75
N PRO H 187 -54.32 -61.52 -16.05
CA PRO H 187 -53.31 -60.60 -16.55
C PRO H 187 -53.53 -59.15 -16.12
N LEU H 188 -52.43 -58.42 -15.99
CA LEU H 188 -52.48 -57.02 -15.57
C LEU H 188 -52.89 -56.17 -16.78
N ALA H 189 -53.16 -54.89 -16.53
CA ALA H 189 -53.57 -53.98 -17.59
C ALA H 189 -53.02 -52.58 -17.34
N SER H 190 -52.55 -51.93 -18.40
CA SER H 190 -52.03 -50.57 -18.27
C SER H 190 -53.20 -49.59 -18.18
N THR H 191 -52.95 -48.42 -17.61
CA THR H 191 -54.01 -47.43 -17.47
C THR H 191 -53.66 -46.16 -18.23
N VAL H 192 -54.68 -45.37 -18.58
CA VAL H 192 -54.48 -44.13 -19.30
C VAL H 192 -53.35 -43.37 -18.59
N ASN H 193 -53.34 -43.51 -17.27
CA ASN H 193 -52.31 -42.90 -16.43
C ASN H 193 -51.53 -44.01 -15.74
N ASP H 194 -50.32 -44.25 -16.25
CA ASP H 194 -49.44 -45.28 -15.73
C ASP H 194 -48.08 -45.09 -16.41
N LYS H 195 -47.18 -44.32 -15.80
CA LYS H 195 -45.85 -44.09 -16.40
C LYS H 195 -45.13 -45.42 -16.58
N LEU H 196 -45.10 -45.93 -17.82
CA LEU H 196 -44.44 -47.21 -18.11
C LEU H 196 -43.03 -46.95 -18.59
N GLU H 197 -42.83 -45.78 -19.19
CA GLU H 197 -41.52 -45.39 -19.71
C GLU H 197 -40.73 -44.58 -18.66
N LEU H 198 -39.51 -45.04 -18.37
CA LEU H 198 -38.67 -44.35 -17.39
C LEU H 198 -38.62 -42.87 -17.69
N GLN H 199 -38.62 -42.55 -18.98
CA GLN H 199 -38.59 -41.15 -19.41
C GLN H 199 -39.76 -40.34 -18.80
N GLU H 200 -40.96 -40.90 -18.91
CA GLU H 200 -42.18 -40.28 -18.40
C GLU H 200 -42.23 -40.18 -16.87
N CYS H 201 -41.12 -40.47 -16.21
CA CYS H 201 -41.09 -40.38 -14.76
C CYS H 201 -40.13 -39.30 -14.34
N LEU H 202 -39.17 -39.01 -15.22
CA LEU H 202 -38.18 -37.98 -14.92
C LEU H 202 -38.81 -36.59 -14.87
N GLU H 203 -38.16 -35.67 -14.17
CA GLU H 203 -38.68 -34.31 -14.07
C GLU H 203 -38.16 -33.54 -15.29
N HIS H 204 -38.78 -32.40 -15.60
CA HIS H 204 -38.36 -31.62 -16.76
C HIS H 204 -36.86 -31.28 -16.89
N GLY H 205 -36.38 -31.41 -18.12
CA GLY H 205 -34.99 -31.10 -18.43
C GLY H 205 -34.02 -32.24 -18.18
N ARG H 206 -34.55 -33.46 -18.08
CA ARG H 206 -33.71 -34.63 -17.82
C ARG H 206 -34.03 -35.69 -18.86
N ILE H 207 -33.01 -36.40 -19.34
CA ILE H 207 -33.21 -37.44 -20.35
C ILE H 207 -32.90 -38.84 -19.80
N ALA H 208 -33.79 -39.80 -20.09
CA ALA H 208 -33.62 -41.20 -19.62
C ALA H 208 -32.87 -42.09 -20.61
N LYS H 209 -31.99 -42.91 -20.09
CA LYS H 209 -31.20 -43.78 -20.92
C LYS H 209 -31.88 -45.10 -21.24
N PHE H 210 -32.43 -45.74 -20.20
CA PHE H 210 -33.12 -47.02 -20.37
C PHE H 210 -34.62 -46.79 -20.44
N SER H 211 -35.39 -47.84 -20.72
CA SER H 211 -36.84 -47.69 -20.79
C SER H 211 -37.44 -48.06 -19.44
N LYS H 212 -36.68 -48.84 -18.68
CA LYS H 212 -37.12 -49.26 -17.37
C LYS H 212 -35.92 -49.47 -16.47
N VAL H 213 -36.05 -49.07 -15.21
CA VAL H 213 -34.97 -49.23 -14.24
C VAL H 213 -34.99 -50.65 -13.73
N ARG H 214 -33.84 -51.14 -13.27
CA ARG H 214 -33.75 -52.50 -12.77
C ARG H 214 -33.31 -52.52 -11.32
N PHE H 231 -26.44 -44.46 -12.66
CA PHE H 231 -26.49 -43.30 -13.56
C PHE H 231 -27.45 -43.52 -14.73
N PRO H 232 -28.77 -43.67 -14.45
CA PRO H 232 -29.77 -43.88 -15.51
C PRO H 232 -30.23 -42.63 -16.28
N VAL H 233 -29.74 -41.45 -15.92
CA VAL H 233 -30.18 -40.25 -16.63
C VAL H 233 -29.07 -39.29 -16.99
N PHE H 234 -29.35 -38.48 -18.02
CA PHE H 234 -28.41 -37.47 -18.50
C PHE H 234 -29.15 -36.16 -18.36
N MET H 235 -28.44 -35.09 -18.03
CA MET H 235 -29.10 -33.82 -17.84
C MET H 235 -28.19 -32.61 -18.05
N ASN H 236 -28.56 -31.77 -19.01
CA ASN H 236 -27.79 -30.58 -19.32
C ASN H 236 -26.30 -30.88 -19.33
N GLU H 237 -25.90 -31.78 -20.23
CA GLU H 237 -24.50 -32.16 -20.38
C GLU H 237 -23.85 -32.77 -19.15
N LYS H 238 -24.42 -33.89 -18.66
CA LYS H 238 -23.88 -34.58 -17.47
C LYS H 238 -24.71 -35.82 -17.15
N GLU H 239 -24.09 -36.78 -16.47
CA GLU H 239 -24.79 -38.02 -16.13
C GLU H 239 -25.22 -37.92 -14.67
N ASP H 240 -26.35 -38.53 -14.34
CA ASP H 240 -26.85 -38.46 -12.97
C ASP H 240 -27.77 -39.60 -12.54
N ILE H 241 -27.89 -39.72 -11.21
CA ILE H 241 -28.70 -40.72 -10.54
C ILE H 241 -30.15 -40.30 -10.61
N LEU H 242 -31.04 -41.26 -10.38
CA LEU H 242 -32.48 -40.99 -10.39
C LEU H 242 -32.83 -40.06 -9.24
N TRP H 243 -33.89 -39.28 -9.41
CA TRP H 243 -34.33 -38.34 -8.38
C TRP H 243 -35.50 -38.96 -7.61
N CYS H 244 -35.53 -38.74 -6.29
CA CYS H 244 -36.57 -39.30 -5.43
C CYS H 244 -37.94 -39.07 -6.02
N THR H 245 -38.21 -37.84 -6.38
CA THR H 245 -39.47 -37.48 -6.99
C THR H 245 -39.70 -38.40 -8.19
N GLU H 246 -38.65 -38.67 -8.96
CA GLU H 246 -38.81 -39.57 -10.10
C GLU H 246 -39.07 -41.01 -9.62
N MET H 247 -38.36 -41.43 -8.58
CA MET H 247 -38.52 -42.78 -8.05
C MET H 247 -39.97 -43.03 -7.64
N GLU H 248 -40.55 -42.07 -6.92
CA GLU H 248 -41.92 -42.20 -6.48
C GLU H 248 -42.76 -42.51 -7.69
N ARG H 249 -42.52 -41.76 -8.76
CA ARG H 249 -43.23 -41.96 -10.00
C ARG H 249 -43.00 -43.35 -10.56
N VAL H 250 -41.79 -43.87 -10.32
CA VAL H 250 -41.42 -45.20 -10.80
C VAL H 250 -42.43 -46.18 -10.19
N PHE H 251 -42.34 -46.33 -8.87
CA PHE H 251 -43.23 -47.23 -8.14
C PHE H 251 -44.72 -46.89 -8.27
N GLY H 252 -44.99 -45.62 -8.56
CA GLY H 252 -46.37 -45.17 -8.70
C GLY H 252 -46.95 -44.58 -7.44
N PHE H 253 -46.15 -43.80 -6.73
CA PHE H 253 -46.58 -43.17 -5.50
C PHE H 253 -46.78 -41.68 -5.80
N PRO H 254 -47.91 -41.09 -5.38
CA PRO H 254 -48.14 -39.67 -5.65
C PRO H 254 -46.83 -38.95 -5.37
N VAL H 255 -46.44 -38.04 -6.25
CA VAL H 255 -45.18 -37.32 -6.11
C VAL H 255 -45.04 -36.56 -4.78
N HIS H 256 -43.84 -36.60 -4.22
CA HIS H 256 -43.55 -35.92 -2.95
C HIS H 256 -44.13 -36.64 -1.74
N TYR H 257 -44.74 -37.78 -2.02
CA TYR H 257 -45.37 -38.62 -1.00
C TYR H 257 -44.38 -38.96 0.08
N THR H 258 -43.13 -39.14 -0.29
CA THR H 258 -42.13 -39.47 0.68
C THR H 258 -41.44 -38.23 1.17
N ASP H 259 -42.01 -37.06 0.89
CA ASP H 259 -41.40 -35.84 1.39
C ASP H 259 -42.06 -35.49 2.73
N VAL H 260 -41.58 -36.13 3.78
CA VAL H 260 -42.10 -35.88 5.11
C VAL H 260 -40.94 -35.55 6.04
N SER H 261 -40.80 -36.26 7.16
CA SER H 261 -39.71 -35.94 8.10
C SER H 261 -38.43 -35.67 7.34
N ASN H 262 -37.43 -35.12 8.04
CA ASN H 262 -36.13 -34.79 7.45
C ASN H 262 -35.23 -35.92 7.00
N MET H 263 -35.74 -37.15 6.96
CA MET H 263 -34.93 -38.29 6.55
C MET H 263 -34.10 -37.95 5.30
N SER H 264 -32.91 -38.55 5.22
CA SER H 264 -32.01 -38.33 4.09
C SER H 264 -32.56 -38.85 2.75
N ARG H 265 -31.85 -38.50 1.68
CA ARG H 265 -32.22 -38.93 0.33
C ARG H 265 -31.97 -40.43 0.32
N LEU H 266 -30.94 -40.81 1.07
CA LEU H 266 -30.54 -42.20 1.18
C LEU H 266 -31.67 -42.97 1.85
N ALA H 267 -32.18 -42.39 2.93
CA ALA H 267 -33.24 -42.98 3.73
C ALA H 267 -34.60 -42.93 3.05
N ARG H 268 -34.81 -41.92 2.22
CA ARG H 268 -36.09 -41.83 1.52
C ARG H 268 -36.08 -42.81 0.35
N GLN H 269 -34.89 -43.34 0.08
CA GLN H 269 -34.72 -44.28 -1.01
C GLN H 269 -34.98 -45.64 -0.40
N ARG H 270 -34.27 -45.88 0.69
CA ARG H 270 -34.38 -47.12 1.45
C ARG H 270 -35.84 -47.49 1.58
N LEU H 271 -36.68 -46.49 1.83
CA LEU H 271 -38.09 -46.73 1.99
C LEU H 271 -38.76 -47.09 0.68
N LEU H 272 -38.45 -46.30 -0.35
CA LEU H 272 -39.03 -46.50 -1.66
C LEU H 272 -38.53 -47.73 -2.37
N GLY H 273 -37.49 -48.34 -1.82
CA GLY H 273 -36.92 -49.55 -2.41
C GLY H 273 -37.74 -50.78 -2.05
N ARG H 274 -38.18 -50.80 -0.79
CA ARG H 274 -38.99 -51.88 -0.22
C ARG H 274 -40.39 -51.78 -0.80
N SER H 275 -40.94 -50.58 -0.65
CA SER H 275 -42.28 -50.22 -1.12
C SER H 275 -42.87 -51.07 -2.22
N TRP H 276 -44.17 -51.31 -2.12
CA TRP H 276 -44.87 -52.11 -3.13
C TRP H 276 -45.11 -51.30 -4.38
N SER H 277 -45.55 -51.97 -5.44
CA SER H 277 -45.85 -51.30 -6.69
C SER H 277 -47.33 -50.99 -6.66
N VAL H 278 -47.62 -49.73 -6.39
CA VAL H 278 -48.99 -49.28 -6.33
C VAL H 278 -49.92 -49.87 -7.45
N PRO H 279 -49.47 -49.84 -8.71
CA PRO H 279 -50.33 -50.37 -9.77
C PRO H 279 -50.63 -51.85 -9.54
N VAL H 280 -49.63 -52.54 -8.99
CA VAL H 280 -49.76 -53.95 -8.69
C VAL H 280 -50.82 -54.10 -7.64
N ILE H 281 -50.60 -53.44 -6.51
CA ILE H 281 -51.53 -53.55 -5.42
C ILE H 281 -52.92 -53.10 -5.85
N ARG H 282 -53.05 -52.06 -6.66
CA ARG H 282 -54.40 -51.63 -7.10
C ARG H 282 -55.06 -52.74 -7.92
N HIS H 283 -54.23 -53.49 -8.63
CA HIS H 283 -54.67 -54.62 -9.46
C HIS H 283 -55.17 -55.77 -8.59
N LEU H 284 -54.53 -55.95 -7.44
CA LEU H 284 -54.95 -57.03 -6.54
C LEU H 284 -56.17 -56.62 -5.70
N PHE H 285 -56.06 -55.53 -4.97
CA PHE H 285 -57.19 -55.08 -4.14
C PHE H 285 -58.31 -54.60 -5.07
N ALA H 286 -58.03 -54.57 -6.37
CA ALA H 286 -58.98 -54.12 -7.38
C ALA H 286 -60.39 -54.70 -7.26
N PRO H 287 -60.51 -56.03 -7.12
CA PRO H 287 -61.82 -56.68 -7.00
C PRO H 287 -62.52 -56.48 -5.64
N LEU H 288 -61.74 -56.23 -4.59
CA LEU H 288 -62.31 -56.02 -3.26
C LEU H 288 -63.42 -54.98 -3.29
N LYS H 289 -63.41 -54.15 -4.33
CA LYS H 289 -64.42 -53.12 -4.47
C LYS H 289 -65.85 -53.69 -4.49
N GLU H 290 -65.98 -54.95 -4.88
CA GLU H 290 -67.30 -55.59 -4.94
C GLU H 290 -67.62 -56.40 -3.69
N TYR H 291 -66.88 -56.16 -2.61
CA TYR H 291 -67.10 -56.87 -1.35
C TYR H 291 -67.16 -55.93 -0.16
N PHE H 292 -66.95 -54.64 -0.39
CA PHE H 292 -66.97 -53.67 0.70
C PHE H 292 -67.57 -52.32 0.30
N ALA H 293 -67.82 -51.48 1.31
CA ALA H 293 -68.40 -50.17 1.08
C ALA H 293 -67.53 -49.24 0.26
N CYS H 294 -68.12 -48.68 -0.80
CA CYS H 294 -67.43 -47.76 -1.69
C CYS H 294 -67.79 -46.32 -1.34
N VAL H 295 -66.95 -45.67 -0.53
CA VAL H 295 -67.18 -44.28 -0.13
C VAL H 295 -67.54 -43.44 -1.36
N SAH I . 21.18 48.11 -9.39
CA SAH I . 21.50 47.31 -8.13
CB SAH I . 20.99 45.91 -8.04
CG SAH I . 19.50 45.75 -8.26
SD SAH I . 19.17 44.04 -7.92
C SAH I . 23.05 47.39 -7.87
O SAH I . 23.79 48.06 -8.62
OXT SAH I . 23.47 46.75 -6.84
C5' SAH I . 17.52 44.04 -7.28
C4' SAH I . 17.52 44.24 -5.71
O4' SAH I . 16.19 44.04 -5.30
C3' SAH I . 18.23 43.23 -4.88
O3' SAH I . 19.47 43.79 -4.43
C2' SAH I . 17.15 42.82 -3.77
O2' SAH I . 17.71 42.62 -2.48
C1' SAH I . 16.09 43.94 -3.82
N9 SAH I . 14.83 43.67 -3.51
C8 SAH I . 13.93 42.66 -3.79
N7 SAH I . 12.75 42.81 -3.29
C5 SAH I . 12.80 44.04 -2.59
C6 SAH I . 11.82 44.80 -1.85
N6 SAH I . 10.55 44.45 -1.67
N1 SAH I . 12.26 45.97 -1.30
C2 SAH I . 13.54 46.44 -1.44
N3 SAH I . 14.50 45.75 -2.16
C4 SAH I . 14.07 44.56 -2.71
N SAH J . 54.40 27.71 7.14
CA SAH J . 53.02 27.60 6.49
CB SAH J . 52.08 26.65 7.14
CG SAH J . 52.56 25.22 7.33
SD SAH J . 51.09 24.20 7.20
C SAH J . 52.37 29.04 6.44
O SAH J . 53.01 29.97 6.91
OXT SAH J . 51.20 29.16 5.90
C5' SAH J . 51.81 22.79 6.48
C4' SAH J . 51.61 22.74 4.90
O4' SAH J . 52.04 21.39 4.85
C3' SAH J . 50.19 22.68 4.39
O3' SAH J . 49.75 23.89 3.72
C2' SAH J . 50.21 21.32 3.55
O2' SAH J . 49.59 21.45 2.28
C1' SAH J . 51.71 20.96 3.52
N9 SAH J . 51.99 19.66 3.41
C8 SAH J . 51.55 18.50 4.00
N7 SAH J . 52.11 17.40 3.55
C5 SAH J . 53.03 17.85 2.57
C6 SAH J . 53.96 17.14 1.71
N6 SAH J . 54.09 15.81 1.72
N1 SAH J . 54.72 17.93 0.89
C2 SAH J . 54.62 19.29 0.85
N3 SAH J . 53.74 20.01 1.64
C4 SAH J . 52.98 19.23 2.48
N SAH K . -33.68 -13.66 -4.46
CA SAH K . -33.17 -15.03 -4.16
CB SAH K . -32.09 -15.05 -3.13
CG SAH K . -30.87 -14.21 -3.34
SD SAH K . -29.59 -14.92 -2.29
C SAH K . -34.40 -15.96 -3.71
O SAH K . -35.55 -15.49 -3.66
OXT SAH K . -34.13 -17.20 -3.43
C5' SAH K . -28.13 -14.45 -3.16
C4' SAH K . -27.98 -15.50 -4.35
O4' SAH K . -26.95 -14.95 -5.14
C3' SAH K . -27.61 -16.93 -4.03
O3' SAH K . -28.69 -17.78 -4.42
C2' SAH K . -26.27 -17.17 -4.84
O2' SAH K . -26.28 -18.44 -5.48
C1' SAH K . -26.20 -16.00 -5.84
N9 SAH K . -25.00 -15.51 -6.12
C8 SAH K . -23.91 -15.14 -5.39
N7 SAH K . -22.93 -14.68 -6.11
C5 SAH K . -23.38 -14.76 -7.43
C6 SAH K . -22.74 -14.40 -8.68
N6 SAH K . -21.50 -13.88 -8.79
N1 SAH K . -23.52 -14.64 -9.81
C2 SAH K . -24.80 -15.16 -9.77
N3 SAH K . -25.42 -15.50 -8.57
C4 SAH K . -24.64 -15.28 -7.45
N SAH L . -44.91 -53.52 2.02
CA SAH L . -43.93 -52.43 2.48
CB SAH L . -42.50 -52.78 2.33
CG SAH L . -41.97 -53.99 3.02
SD SAH L . -40.69 -53.27 4.05
C SAH L . -44.26 -51.10 1.68
O SAH L . -45.17 -51.13 0.83
OXT SAH L . -43.52 -50.04 1.98
C5' SAH L . -40.67 -54.33 5.41
C4' SAH L . -40.66 -53.44 6.70
O4' SAH L . -40.61 -54.31 7.83
C3' SAH L . -39.55 -52.41 6.80
O3' SAH L . -40.10 -51.09 6.77
C2' SAH L . -38.86 -52.84 8.13
O2' SAH L . -38.23 -51.77 8.84
C1' SAH L . -40.00 -53.50 8.90
N9 SAH L . -39.63 -54.18 10.00
C8 SAH L . -38.42 -54.44 10.65
N7 SAH L . -38.51 -55.13 11.76
C5 SAH L . -39.91 -55.35 11.90
C6 SAH L . -40.67 -56.02 12.93
N6 SAH L . -40.12 -56.57 14.01
N1 SAH L . -42.04 -56.04 12.74
C2 SAH L . -42.66 -55.49 11.66
N3 SAH L . -41.97 -54.83 10.66
C4 SAH L . -40.60 -54.80 10.84
#